data_1SZK
#
_entry.id   1SZK
#
_cell.length_a   108.260
_cell.length_b   108.260
_cell.length_c   300.830
_cell.angle_alpha   90.00
_cell.angle_beta   90.00
_cell.angle_gamma   120.00
#
_symmetry.space_group_name_H-M   'P 32 2 1'
#
loop_
_entity.id
_entity.type
_entity.pdbx_description
1 polymer '4-aminobutyrate aminotransferase'
2 non-polymer 'SULFATE ION'
3 non-polymer 1,2-ETHANEDIOL
4 non-polymer "4'-DEOXY-4'-AMINOPYRIDOXAL-5'-PHOSPHATE"
5 water water
#
_entity_poly.entity_id   1
_entity_poly.type   'polypeptide(L)'
_entity_poly.pdbx_seq_one_letter_code
;MNSNKELMQRRSQAIPRGVGQIHPIFADRAENCRVWDVEGREYLDFAGGIAVLNTGHLHPKVVAAVEAQLKKLSHTCFQV
LAYEPYLELCEIMNQKVPGDFAKKTLLVTTGSEAVENAVKIARAATKRSGTIAFSGAYHGRTHYTLALTGKVNPYSAGMG
LMPGHVYRALYPCPLHGISEDDAIASIHRIFKNDAAPEDIAAIVIEPVQGSGGFYASSPAFMQRLRALCDEHGIMLIADE
VQSGAGRTGTLFAMEQMGVAPDLTTFAKSIAGGFPLAGVTGRAEVMDAVAPGGLGGTYAGNPIACVAALEVLKVFEQENL
LQKANDLGQKLKDGLLAIAEKHPEIGDVRGLGAMIAIELFEDGDHNKPDAKLTAEIVARARDKGLILLSCGPYYNVLRIL
VPLTIEDAQIRQGLEIISQCFDEAKQ
;
_entity_poly.pdbx_strand_id   A,B,C,D
#
# COMPACT_ATOMS: atom_id res chain seq x y z
N ASN A 2 -25.94 -30.83 -26.61
CA ASN A 2 -27.11 -29.91 -26.45
C ASN A 2 -27.92 -30.32 -25.21
N SER A 3 -27.21 -30.81 -24.22
CA SER A 3 -27.82 -31.24 -22.96
C SER A 3 -27.20 -30.37 -21.86
N ASN A 4 -27.99 -30.00 -20.86
CA ASN A 4 -27.43 -29.18 -19.78
C ASN A 4 -26.22 -29.88 -19.13
N LYS A 5 -26.46 -31.07 -18.59
CA LYS A 5 -25.39 -31.84 -17.95
C LYS A 5 -24.20 -31.94 -18.89
N GLU A 6 -24.47 -32.18 -20.17
CA GLU A 6 -23.41 -32.29 -21.15
C GLU A 6 -22.61 -30.99 -21.31
N LEU A 7 -23.32 -29.86 -21.39
CA LEU A 7 -22.67 -28.58 -21.53
C LEU A 7 -21.91 -28.27 -20.25
N MET A 8 -22.42 -28.70 -19.10
CA MET A 8 -21.72 -28.48 -17.84
C MET A 8 -20.40 -29.24 -17.80
N GLN A 9 -20.35 -30.40 -18.43
CA GLN A 9 -19.13 -31.18 -18.44
C GLN A 9 -18.09 -30.50 -19.31
N ARG A 10 -18.56 -29.85 -20.36
CA ARG A 10 -17.66 -29.14 -21.25
C ARG A 10 -17.18 -27.91 -20.51
N ARG A 11 -18.06 -27.36 -19.66
CA ARG A 11 -17.72 -26.17 -18.89
C ARG A 11 -16.50 -26.47 -18.03
N SER A 12 -16.66 -27.39 -17.09
CA SER A 12 -15.60 -27.81 -16.16
C SER A 12 -14.31 -28.05 -16.92
N GLN A 13 -14.45 -28.44 -18.17
CA GLN A 13 -13.31 -28.72 -19.00
C GLN A 13 -12.64 -27.47 -19.62
N ALA A 14 -13.44 -26.47 -20.00
CA ALA A 14 -12.88 -25.29 -20.65
C ALA A 14 -12.93 -23.95 -19.90
N ILE A 15 -13.78 -23.87 -18.89
CA ILE A 15 -13.96 -22.64 -18.15
C ILE A 15 -13.45 -22.82 -16.71
N PRO A 16 -12.89 -21.76 -16.11
CA PRO A 16 -12.38 -21.88 -14.74
C PRO A 16 -13.49 -22.03 -13.71
N ARG A 17 -13.23 -22.84 -12.69
CA ARG A 17 -14.23 -23.06 -11.67
C ARG A 17 -14.45 -21.80 -10.86
N GLY A 18 -13.53 -20.84 -10.96
CA GLY A 18 -13.65 -19.59 -10.23
C GLY A 18 -14.94 -18.91 -10.64
N VAL A 19 -15.35 -19.16 -11.88
CA VAL A 19 -16.61 -18.62 -12.38
C VAL A 19 -17.74 -19.51 -11.83
N GLY A 20 -18.25 -19.14 -10.66
CA GLY A 20 -19.31 -19.92 -10.07
C GLY A 20 -20.52 -20.05 -10.99
N GLN A 21 -21.29 -21.11 -10.81
CA GLN A 21 -22.46 -21.36 -11.62
C GLN A 21 -23.65 -21.53 -10.68
N ILE A 22 -24.45 -20.48 -10.48
CA ILE A 22 -25.60 -20.54 -9.57
C ILE A 22 -26.56 -21.65 -9.96
N HIS A 23 -26.90 -21.72 -11.25
CA HIS A 23 -27.80 -22.72 -11.78
C HIS A 23 -27.08 -23.49 -12.89
N PRO A 24 -27.07 -24.83 -12.81
CA PRO A 24 -26.41 -25.64 -13.84
C PRO A 24 -27.38 -25.73 -15.00
N ILE A 25 -27.51 -24.64 -15.74
CA ILE A 25 -28.44 -24.57 -16.85
C ILE A 25 -27.91 -23.68 -17.96
N PHE A 26 -28.04 -24.12 -19.21
CA PHE A 26 -27.60 -23.32 -20.33
C PHE A 26 -28.81 -22.70 -21.03
N ALA A 27 -29.03 -21.42 -20.79
CA ALA A 27 -30.15 -20.71 -21.42
C ALA A 27 -29.94 -20.69 -22.93
N ASP A 28 -31.00 -20.98 -23.69
CA ASP A 28 -30.92 -20.95 -25.15
C ASP A 28 -31.51 -19.66 -25.68
N ARG A 29 -32.67 -19.29 -25.17
CA ARG A 29 -33.33 -18.07 -25.60
C ARG A 29 -34.18 -17.53 -24.46
N ALA A 30 -34.63 -16.29 -24.58
CA ALA A 30 -35.43 -15.69 -23.53
C ALA A 30 -36.36 -14.64 -24.09
N GLU A 31 -37.35 -14.27 -23.29
CA GLU A 31 -38.32 -13.27 -23.68
C GLU A 31 -39.00 -12.69 -22.45
N ASN A 32 -38.74 -11.40 -22.22
CA ASN A 32 -39.25 -10.67 -21.07
C ASN A 32 -38.89 -11.36 -19.75
N CYS A 33 -39.83 -12.11 -19.18
CA CYS A 33 -39.55 -12.81 -17.94
C CYS A 33 -39.38 -14.31 -18.14
N ARG A 34 -39.47 -14.76 -19.39
CA ARG A 34 -39.33 -16.17 -19.69
C ARG A 34 -37.97 -16.51 -20.29
N VAL A 35 -37.48 -17.69 -19.94
CA VAL A 35 -36.19 -18.20 -20.43
C VAL A 35 -36.31 -19.71 -20.71
N TRP A 36 -35.81 -20.12 -21.86
CA TRP A 36 -35.83 -21.52 -22.26
C TRP A 36 -34.40 -22.05 -22.31
N ASP A 37 -34.16 -23.24 -21.78
CA ASP A 37 -32.80 -23.80 -21.82
C ASP A 37 -32.59 -24.62 -23.07
N VAL A 38 -31.37 -25.14 -23.24
CA VAL A 38 -31.02 -25.93 -24.41
C VAL A 38 -31.85 -27.20 -24.59
N GLU A 39 -32.44 -27.67 -23.49
CA GLU A 39 -33.27 -28.87 -23.48
C GLU A 39 -34.72 -28.52 -23.82
N GLY A 40 -35.00 -27.21 -23.91
CA GLY A 40 -36.34 -26.77 -24.25
C GLY A 40 -37.19 -26.42 -23.05
N ARG A 41 -36.67 -26.59 -21.85
CA ARG A 41 -37.45 -26.28 -20.66
C ARG A 41 -37.56 -24.77 -20.44
N GLU A 42 -38.74 -24.35 -20.00
CA GLU A 42 -39.02 -22.94 -19.75
C GLU A 42 -38.98 -22.55 -18.28
N TYR A 43 -38.33 -21.43 -17.97
CA TYR A 43 -38.25 -20.94 -16.60
C TYR A 43 -38.75 -19.52 -16.46
N LEU A 44 -39.15 -19.18 -15.24
CA LEU A 44 -39.61 -17.85 -14.91
C LEU A 44 -38.39 -17.20 -14.25
N ASP A 45 -37.90 -16.11 -14.83
CA ASP A 45 -36.70 -15.45 -14.32
C ASP A 45 -36.90 -14.41 -13.20
N PHE A 46 -36.50 -14.76 -11.99
CA PHE A 46 -36.61 -13.82 -10.87
C PHE A 46 -35.26 -13.22 -10.48
N ALA A 47 -34.25 -13.48 -11.29
CA ALA A 47 -32.91 -12.94 -11.03
C ALA A 47 -32.63 -11.76 -11.97
N GLY A 48 -33.24 -11.80 -13.15
CA GLY A 48 -33.09 -10.74 -14.13
C GLY A 48 -31.67 -10.43 -14.58
N GLY A 49 -30.81 -11.45 -14.58
CA GLY A 49 -29.43 -11.24 -14.99
C GLY A 49 -28.72 -10.40 -13.96
N ILE A 50 -29.36 -10.31 -12.79
CA ILE A 50 -28.89 -9.54 -11.64
C ILE A 50 -29.17 -8.05 -11.81
N ALA A 51 -30.46 -7.71 -11.88
CA ALA A 51 -30.89 -6.33 -12.00
C ALA A 51 -30.43 -5.65 -13.28
N VAL A 52 -30.24 -6.43 -14.33
CA VAL A 52 -29.80 -5.90 -15.61
C VAL A 52 -30.98 -5.81 -16.59
N LEU A 53 -32.01 -6.60 -16.33
CA LEU A 53 -33.18 -6.67 -17.21
C LEU A 53 -34.48 -6.11 -16.69
N ASN A 54 -34.45 -4.92 -16.11
CA ASN A 54 -35.65 -4.30 -15.59
C ASN A 54 -36.72 -4.14 -16.66
N THR A 55 -36.29 -4.00 -17.90
CA THR A 55 -37.22 -3.88 -19.02
C THR A 55 -37.41 -5.25 -19.67
N GLY A 56 -36.94 -6.31 -18.99
CA GLY A 56 -37.07 -7.66 -19.50
C GLY A 56 -36.13 -8.10 -20.63
N HIS A 57 -36.06 -9.41 -20.84
CA HIS A 57 -35.22 -9.96 -21.91
C HIS A 57 -35.72 -9.47 -23.26
N LEU A 58 -34.80 -8.98 -24.09
CA LEU A 58 -35.11 -8.51 -25.42
C LEU A 58 -36.37 -7.66 -25.59
N HIS A 59 -36.45 -6.52 -24.91
CA HIS A 59 -37.62 -5.68 -25.09
C HIS A 59 -37.67 -5.28 -26.58
N PRO A 60 -38.85 -5.42 -27.20
CA PRO A 60 -39.09 -5.10 -28.62
C PRO A 60 -38.57 -3.74 -29.07
N LYS A 61 -38.84 -2.71 -28.27
CA LYS A 61 -38.40 -1.36 -28.59
C LYS A 61 -36.88 -1.26 -28.54
N VAL A 62 -36.29 -1.86 -27.51
CA VAL A 62 -34.84 -1.84 -27.35
C VAL A 62 -34.15 -2.63 -28.47
N VAL A 63 -34.67 -3.81 -28.76
CA VAL A 63 -34.08 -4.63 -29.81
C VAL A 63 -34.18 -3.89 -31.15
N ALA A 64 -35.32 -3.28 -31.40
CA ALA A 64 -35.52 -2.53 -32.64
C ALA A 64 -34.45 -1.43 -32.76
N ALA A 65 -34.27 -0.67 -31.69
CA ALA A 65 -33.28 0.41 -31.69
C ALA A 65 -31.89 -0.15 -31.98
N VAL A 66 -31.54 -1.24 -31.29
CA VAL A 66 -30.25 -1.88 -31.48
C VAL A 66 -30.06 -2.33 -32.94
N GLU A 67 -31.10 -2.91 -33.53
CA GLU A 67 -31.00 -3.38 -34.90
C GLU A 67 -30.71 -2.24 -35.88
N ALA A 68 -31.33 -1.08 -35.64
CA ALA A 68 -31.09 0.06 -36.51
C ALA A 68 -29.61 0.45 -36.44
N GLN A 69 -29.08 0.54 -35.23
CA GLN A 69 -27.68 0.93 -35.04
C GLN A 69 -26.70 -0.03 -35.69
N LEU A 70 -27.02 -1.33 -35.70
CA LEU A 70 -26.13 -2.33 -36.31
C LEU A 70 -25.91 -2.07 -37.80
N LYS A 71 -26.84 -1.33 -38.40
CA LYS A 71 -26.75 -0.98 -39.81
C LYS A 71 -25.82 0.21 -40.05
N LYS A 72 -25.53 0.95 -38.98
CA LYS A 72 -24.66 2.12 -39.08
C LYS A 72 -23.21 1.88 -38.66
N LEU A 73 -23.00 1.53 -37.40
CA LEU A 73 -21.65 1.26 -36.90
C LEU A 73 -21.77 0.70 -35.48
N SER A 74 -20.81 -0.14 -35.08
CA SER A 74 -20.86 -0.72 -33.75
C SER A 74 -19.74 -0.23 -32.83
N HIS A 75 -18.67 0.30 -33.42
CA HIS A 75 -17.53 0.78 -32.65
C HIS A 75 -16.58 1.73 -33.40
N THR A 76 -16.05 2.71 -32.69
CA THR A 76 -15.08 3.65 -33.27
C THR A 76 -14.12 4.07 -32.16
N CYS A 77 -14.61 3.98 -30.92
CA CYS A 77 -13.90 4.41 -29.71
C CYS A 77 -14.16 5.92 -29.64
N PHE A 78 -15.13 6.29 -28.81
CA PHE A 78 -15.53 7.68 -28.67
C PHE A 78 -14.39 8.69 -28.63
N GLN A 79 -13.42 8.45 -27.76
CA GLN A 79 -12.29 9.37 -27.59
C GLN A 79 -11.45 9.57 -28.85
N VAL A 80 -11.68 8.75 -29.87
CA VAL A 80 -10.94 8.84 -31.12
C VAL A 80 -11.79 9.50 -32.20
N LEU A 81 -12.99 8.96 -32.37
CA LEU A 81 -13.97 9.47 -33.32
C LEU A 81 -15.30 9.41 -32.55
N ALA A 82 -15.86 10.57 -32.20
CA ALA A 82 -17.11 10.60 -31.45
C ALA A 82 -18.35 10.19 -32.24
N TYR A 83 -19.44 9.95 -31.52
CA TYR A 83 -20.71 9.58 -32.12
C TYR A 83 -21.77 10.14 -31.21
N GLU A 84 -22.96 10.37 -31.76
CA GLU A 84 -24.02 11.00 -31.02
C GLU A 84 -24.76 10.26 -29.92
N PRO A 85 -24.97 8.94 -30.08
CA PRO A 85 -25.67 8.18 -29.04
C PRO A 85 -25.01 8.38 -27.67
N TYR A 86 -23.68 8.35 -27.66
CA TYR A 86 -22.90 8.58 -26.46
C TYR A 86 -23.26 9.98 -25.91
N LEU A 87 -23.12 11.00 -26.75
CA LEU A 87 -23.42 12.38 -26.37
C LEU A 87 -24.83 12.55 -25.84
N GLU A 88 -25.79 12.02 -26.57
CA GLU A 88 -27.17 12.14 -26.18
C GLU A 88 -27.42 11.53 -24.82
N LEU A 89 -26.90 10.33 -24.59
CA LEU A 89 -27.11 9.66 -23.30
C LEU A 89 -26.56 10.50 -22.16
N CYS A 90 -25.38 11.09 -22.36
CA CYS A 90 -24.79 11.92 -21.33
C CYS A 90 -25.69 13.12 -20.98
N GLU A 91 -26.18 13.82 -22.00
CA GLU A 91 -27.04 14.97 -21.75
C GLU A 91 -28.24 14.53 -20.92
N ILE A 92 -28.83 13.40 -21.28
CA ILE A 92 -29.97 12.91 -20.55
C ILE A 92 -29.63 12.52 -19.12
N MET A 93 -28.48 11.88 -18.92
CA MET A 93 -28.15 11.49 -17.54
C MET A 93 -27.89 12.73 -16.67
N ASN A 94 -27.32 13.77 -17.27
CA ASN A 94 -27.04 15.01 -16.53
C ASN A 94 -28.31 15.60 -15.91
N GLN A 95 -29.46 15.37 -16.55
CA GLN A 95 -30.74 15.86 -16.07
C GLN A 95 -31.43 14.86 -15.17
N LYS A 96 -31.43 13.59 -15.57
CA LYS A 96 -32.07 12.54 -14.79
C LYS A 96 -31.44 12.23 -13.43
N VAL A 97 -30.12 12.34 -13.31
CA VAL A 97 -29.48 12.05 -12.03
C VAL A 97 -29.75 13.18 -11.03
N PRO A 98 -30.28 12.83 -9.85
CA PRO A 98 -30.59 13.82 -8.83
C PRO A 98 -29.44 14.80 -8.55
N GLY A 99 -29.80 16.04 -8.26
CA GLY A 99 -28.83 17.09 -7.99
C GLY A 99 -29.22 18.36 -8.72
N ASP A 100 -29.70 19.37 -7.98
CA ASP A 100 -30.11 20.62 -8.60
C ASP A 100 -28.95 21.56 -8.94
N PHE A 101 -28.17 21.18 -9.96
CA PHE A 101 -27.00 21.95 -10.38
C PHE A 101 -26.40 21.32 -11.63
N ALA A 102 -25.53 22.04 -12.31
CA ALA A 102 -24.91 21.53 -13.54
C ALA A 102 -24.17 20.23 -13.31
N LYS A 103 -24.32 19.30 -14.26
CA LYS A 103 -23.64 18.01 -14.14
C LYS A 103 -23.00 17.62 -15.46
N LYS A 104 -22.10 16.64 -15.39
CA LYS A 104 -21.47 16.09 -16.58
C LYS A 104 -21.35 14.58 -16.42
N THR A 105 -21.35 13.89 -17.56
CA THR A 105 -21.30 12.43 -17.56
C THR A 105 -20.22 11.77 -18.41
N LEU A 106 -19.62 10.72 -17.85
CA LEU A 106 -18.61 9.92 -18.52
C LEU A 106 -19.23 8.55 -18.72
N LEU A 107 -19.00 7.95 -19.88
CA LEU A 107 -19.53 6.62 -20.13
C LEU A 107 -18.40 5.62 -20.23
N VAL A 108 -18.50 4.54 -19.48
CA VAL A 108 -17.49 3.48 -19.53
C VAL A 108 -18.25 2.25 -19.98
N THR A 109 -17.83 1.05 -19.58
CA THR A 109 -18.52 -0.15 -20.02
C THR A 109 -19.12 -1.04 -18.92
N THR A 110 -18.42 -1.19 -17.80
CA THR A 110 -18.94 -2.04 -16.71
C THR A 110 -19.12 -1.26 -15.42
N GLY A 111 -19.88 -1.87 -14.50
CA GLY A 111 -20.12 -1.25 -13.21
C GLY A 111 -18.84 -1.01 -12.43
N SER A 112 -17.91 -1.97 -12.49
N SER A 112 -17.91 -1.97 -12.49
CA SER A 112 -16.65 -1.83 -11.77
CA SER A 112 -16.64 -1.85 -11.79
C SER A 112 -15.87 -0.64 -12.32
C SER A 112 -15.85 -0.65 -12.32
N GLU A 113 -15.88 -0.46 -13.64
CA GLU A 113 -15.18 0.64 -14.25
C GLU A 113 -15.84 1.94 -13.78
N ALA A 114 -17.18 1.93 -13.68
CA ALA A 114 -17.89 3.12 -13.24
C ALA A 114 -17.34 3.50 -11.88
N VAL A 115 -17.33 2.55 -10.95
CA VAL A 115 -16.80 2.87 -9.62
C VAL A 115 -15.33 3.26 -9.69
N GLU A 116 -14.55 2.59 -10.53
CA GLU A 116 -13.13 2.92 -10.61
C GLU A 116 -13.01 4.40 -10.97
N ASN A 117 -13.71 4.80 -12.02
CA ASN A 117 -13.65 6.16 -12.51
C ASN A 117 -14.19 7.23 -11.56
N ALA A 118 -15.22 6.89 -10.78
CA ALA A 118 -15.81 7.83 -9.83
C ALA A 118 -14.82 8.16 -8.71
N VAL A 119 -14.04 7.15 -8.30
CA VAL A 119 -13.06 7.38 -7.25
C VAL A 119 -11.91 8.18 -7.85
N LYS A 120 -11.50 7.84 -9.08
CA LYS A 120 -10.39 8.57 -9.72
C LYS A 120 -10.76 10.03 -9.81
N ILE A 121 -12.00 10.29 -10.20
CA ILE A 121 -12.51 11.65 -10.32
C ILE A 121 -12.53 12.29 -8.93
N ALA A 122 -13.11 11.61 -7.95
CA ALA A 122 -13.15 12.17 -6.61
C ALA A 122 -11.74 12.47 -6.09
N ARG A 123 -10.76 11.64 -6.44
CA ARG A 123 -9.41 11.89 -5.97
C ARG A 123 -8.75 13.12 -6.62
N ALA A 124 -8.91 13.26 -7.93
CA ALA A 124 -8.33 14.39 -8.66
C ALA A 124 -8.97 15.70 -8.24
N ALA A 125 -10.25 15.63 -7.90
CA ALA A 125 -11.00 16.80 -7.49
C ALA A 125 -10.66 17.28 -6.09
N THR A 126 -10.26 16.37 -5.20
CA THR A 126 -9.96 16.72 -3.81
C THR A 126 -8.49 16.73 -3.45
N LYS A 127 -7.65 16.14 -4.30
CA LYS A 127 -6.21 16.03 -4.02
C LYS A 127 -6.01 15.11 -2.82
N ARG A 128 -6.84 14.09 -2.68
CA ARG A 128 -6.72 13.13 -1.58
C ARG A 128 -6.69 11.70 -2.14
N SER A 129 -6.20 10.75 -1.34
CA SER A 129 -6.12 9.38 -1.83
C SER A 129 -6.99 8.34 -1.16
N GLY A 130 -7.42 8.59 0.07
CA GLY A 130 -8.23 7.60 0.76
C GLY A 130 -9.70 7.53 0.43
N THR A 131 -10.30 6.39 0.75
CA THR A 131 -11.73 6.19 0.54
C THR A 131 -12.32 5.37 1.67
N ILE A 132 -13.60 5.62 1.95
CA ILE A 132 -14.33 4.91 2.97
C ILE A 132 -15.49 4.20 2.29
N ALA A 133 -15.71 2.91 2.62
CA ALA A 133 -16.80 2.11 2.07
C ALA A 133 -17.46 1.39 3.26
N PHE A 134 -18.62 0.76 3.04
CA PHE A 134 -19.29 0.11 4.15
C PHE A 134 -19.28 -1.42 4.20
N SER A 135 -19.56 -1.96 5.39
CA SER A 135 -19.60 -3.40 5.59
C SER A 135 -20.71 -3.95 4.72
N GLY A 136 -20.49 -5.13 4.13
CA GLY A 136 -21.50 -5.73 3.28
C GLY A 136 -21.59 -5.13 1.88
N ALA A 137 -20.85 -4.04 1.62
CA ALA A 137 -20.90 -3.40 0.32
C ALA A 137 -20.30 -4.21 -0.82
N TYR A 138 -20.77 -3.96 -2.03
CA TYR A 138 -20.22 -4.62 -3.19
C TYR A 138 -20.04 -3.57 -4.30
N HIS A 139 -18.81 -3.38 -4.75
CA HIS A 139 -18.54 -2.38 -5.76
C HIS A 139 -17.82 -2.86 -7.02
N GLY A 140 -17.51 -4.16 -7.09
CA GLY A 140 -16.82 -4.67 -8.27
C GLY A 140 -15.71 -5.68 -8.01
N ARG A 141 -15.17 -6.26 -9.07
CA ARG A 141 -14.13 -7.27 -8.94
C ARG A 141 -12.71 -6.90 -9.35
N THR A 142 -12.45 -5.63 -9.63
CA THR A 142 -11.11 -5.18 -9.97
C THR A 142 -10.38 -5.08 -8.64
N HIS A 143 -9.06 -5.04 -8.66
CA HIS A 143 -8.33 -4.95 -7.39
C HIS A 143 -8.90 -3.89 -6.46
N TYR A 144 -8.99 -2.65 -6.94
CA TYR A 144 -9.50 -1.58 -6.09
C TYR A 144 -10.93 -1.77 -5.62
N THR A 145 -11.81 -2.20 -6.52
CA THR A 145 -13.19 -2.38 -6.11
C THR A 145 -13.40 -3.56 -5.17
N LEU A 146 -12.47 -4.51 -5.17
CA LEU A 146 -12.58 -5.63 -4.23
C LEU A 146 -12.23 -5.04 -2.86
N ALA A 147 -11.29 -4.11 -2.83
CA ALA A 147 -10.90 -3.45 -1.58
C ALA A 147 -12.13 -2.74 -1.03
N LEU A 148 -12.88 -2.07 -1.91
CA LEU A 148 -14.09 -1.35 -1.54
C LEU A 148 -15.21 -2.30 -1.16
N THR A 149 -15.23 -3.47 -1.79
CA THR A 149 -16.24 -4.47 -1.50
C THR A 149 -16.07 -5.04 -0.09
N GLY A 150 -17.12 -4.95 0.71
CA GLY A 150 -17.06 -5.45 2.08
C GLY A 150 -17.36 -6.95 2.18
N LYS A 151 -16.55 -7.75 1.50
CA LYS A 151 -16.68 -9.19 1.49
C LYS A 151 -15.44 -9.74 0.82
N VAL A 152 -14.62 -10.43 1.60
CA VAL A 152 -13.40 -11.00 1.08
C VAL A 152 -13.64 -12.34 0.42
N ASN A 153 -14.49 -13.16 1.03
CA ASN A 153 -14.78 -14.49 0.51
C ASN A 153 -16.08 -14.58 -0.28
N PRO A 154 -16.03 -15.09 -1.51
CA PRO A 154 -14.87 -15.62 -2.24
C PRO A 154 -14.18 -14.64 -3.19
N TYR A 155 -14.82 -13.50 -3.44
CA TYR A 155 -14.29 -12.47 -4.35
C TYR A 155 -12.77 -12.31 -4.36
N SER A 156 -12.18 -12.00 -3.22
CA SER A 156 -10.73 -11.84 -3.18
C SER A 156 -10.03 -12.95 -2.44
N ALA A 157 -10.73 -14.06 -2.25
CA ALA A 157 -10.19 -15.22 -1.53
C ALA A 157 -8.96 -15.88 -2.15
N GLY A 158 -7.90 -15.98 -1.35
CA GLY A 158 -6.67 -16.63 -1.80
C GLY A 158 -5.70 -15.77 -2.57
N MET A 159 -6.08 -14.53 -2.86
CA MET A 159 -5.23 -13.64 -3.66
C MET A 159 -4.29 -12.72 -2.87
N GLY A 160 -4.41 -12.75 -1.55
CA GLY A 160 -3.59 -11.87 -0.74
C GLY A 160 -4.43 -10.65 -0.43
N LEU A 161 -3.85 -9.68 0.25
CA LEU A 161 -4.58 -8.47 0.60
C LEU A 161 -4.72 -7.55 -0.62
N MET A 162 -5.88 -6.92 -0.73
CA MET A 162 -6.16 -6.00 -1.83
C MET A 162 -5.63 -4.60 -1.46
N PRO A 163 -5.58 -3.69 -2.43
CA PRO A 163 -5.09 -2.32 -2.20
C PRO A 163 -5.48 -1.71 -0.85
N GLY A 164 -4.54 -0.98 -0.27
CA GLY A 164 -4.81 -0.34 1.01
C GLY A 164 -5.45 1.04 0.86
N HIS A 165 -5.57 1.72 1.99
CA HIS A 165 -6.13 3.06 2.02
C HIS A 165 -7.61 3.10 1.61
N VAL A 166 -8.32 2.09 2.10
CA VAL A 166 -9.76 1.96 1.92
C VAL A 166 -10.11 1.59 3.34
N TYR A 167 -10.95 2.37 4.00
CA TYR A 167 -11.32 2.09 5.37
C TYR A 167 -12.77 1.64 5.47
N ARG A 168 -13.09 0.86 6.49
CA ARG A 168 -14.41 0.29 6.63
C ARG A 168 -15.31 0.93 7.67
N ALA A 169 -16.52 1.27 7.22
CA ALA A 169 -17.53 1.87 8.08
C ALA A 169 -18.71 0.91 8.15
N LEU A 170 -19.52 1.07 9.19
CA LEU A 170 -20.67 0.21 9.38
C LEU A 170 -21.88 0.75 8.65
N TYR A 171 -22.57 -0.10 7.90
CA TYR A 171 -23.75 0.32 7.19
C TYR A 171 -24.91 0.24 8.18
N PRO A 172 -25.74 1.29 8.23
CA PRO A 172 -26.87 1.26 9.17
C PRO A 172 -27.81 0.10 8.86
N CYS A 173 -27.99 -0.79 9.83
CA CYS A 173 -28.84 -1.97 9.67
C CYS A 173 -29.46 -2.36 11.00
N PRO A 174 -30.50 -1.62 11.44
CA PRO A 174 -31.20 -1.88 12.70
C PRO A 174 -31.66 -3.31 12.90
N LEU A 175 -32.02 -4.00 11.82
CA LEU A 175 -32.45 -5.37 11.95
C LEU A 175 -31.37 -6.14 12.73
N HIS A 176 -30.12 -5.77 12.48
CA HIS A 176 -28.97 -6.41 13.12
C HIS A 176 -28.23 -5.52 14.13
N GLY A 177 -28.99 -4.85 15.00
CA GLY A 177 -28.42 -4.01 16.04
C GLY A 177 -27.39 -2.96 15.71
N ILE A 178 -27.45 -2.38 14.51
CA ILE A 178 -26.52 -1.34 14.11
C ILE A 178 -27.34 -0.11 13.78
N SER A 179 -27.30 0.90 14.65
CA SER A 179 -28.09 2.11 14.44
C SER A 179 -27.40 3.10 13.52
N GLU A 180 -28.19 4.03 13.01
CA GLU A 180 -27.64 5.06 12.14
C GLU A 180 -26.57 5.79 12.93
N ASP A 181 -26.76 5.87 14.24
CA ASP A 181 -25.79 6.53 15.10
C ASP A 181 -24.49 5.75 15.13
N ASP A 182 -24.60 4.43 15.10
CA ASP A 182 -23.41 3.57 15.10
C ASP A 182 -22.67 3.72 13.77
N ALA A 183 -23.44 3.83 12.69
CA ALA A 183 -22.88 3.97 11.36
C ALA A 183 -22.12 5.29 11.27
N ILE A 184 -22.75 6.40 11.64
CA ILE A 184 -22.08 7.67 11.58
C ILE A 184 -20.85 7.60 12.46
N ALA A 185 -21.03 7.04 13.66
CA ALA A 185 -19.93 6.90 14.61
C ALA A 185 -18.76 6.13 14.02
N SER A 186 -19.06 5.06 13.26
CA SER A 186 -17.99 4.26 12.67
C SER A 186 -17.14 5.08 11.70
N ILE A 187 -17.73 6.15 11.14
CA ILE A 187 -17.02 7.00 10.21
C ILE A 187 -16.06 7.95 10.94
N HIS A 188 -16.52 8.48 12.08
CA HIS A 188 -15.68 9.39 12.88
C HIS A 188 -14.52 8.59 13.46
N ARG A 189 -14.79 7.32 13.73
CA ARG A 189 -13.82 6.41 14.29
C ARG A 189 -12.63 6.27 13.32
N ILE A 190 -12.93 6.31 12.02
CA ILE A 190 -11.90 6.22 11.00
C ILE A 190 -11.12 7.53 11.00
N PHE A 191 -11.85 8.62 11.10
CA PHE A 191 -11.26 9.94 11.11
C PHE A 191 -10.25 10.11 12.23
N LYS A 192 -10.55 9.51 13.38
CA LYS A 192 -9.67 9.61 14.53
C LYS A 192 -8.60 8.53 14.59
N ASN A 193 -8.95 7.33 14.11
CA ASN A 193 -8.04 6.19 14.18
C ASN A 193 -7.08 5.89 13.03
N ASP A 194 -7.51 6.05 11.79
CA ASP A 194 -6.67 5.71 10.66
C ASP A 194 -6.51 6.70 9.51
N ALA A 195 -7.52 7.54 9.29
CA ALA A 195 -7.42 8.48 8.19
C ALA A 195 -8.19 9.76 8.42
N ALA A 196 -7.45 10.84 8.59
CA ALA A 196 -8.06 12.15 8.81
C ALA A 196 -8.84 12.59 7.57
N PRO A 197 -9.94 13.35 7.78
CA PRO A 197 -10.81 13.85 6.70
C PRO A 197 -10.02 14.40 5.52
N GLU A 198 -8.94 15.12 5.78
CA GLU A 198 -8.17 15.70 4.69
C GLU A 198 -7.46 14.70 3.79
N ASP A 199 -7.56 13.41 4.11
CA ASP A 199 -6.91 12.38 3.30
C ASP A 199 -7.96 11.46 2.66
N ILE A 200 -9.24 11.78 2.89
CA ILE A 200 -10.32 11.00 2.35
C ILE A 200 -10.98 11.72 1.18
N ALA A 201 -10.81 11.17 -0.01
CA ALA A 201 -11.40 11.76 -1.19
C ALA A 201 -12.91 11.58 -1.24
N ALA A 202 -13.38 10.39 -0.85
CA ALA A 202 -14.81 10.12 -0.93
C ALA A 202 -15.30 8.99 -0.05
N ILE A 203 -16.61 8.97 0.14
CA ILE A 203 -17.31 7.94 0.90
C ILE A 203 -18.25 7.31 -0.14
N VAL A 204 -17.96 6.06 -0.51
CA VAL A 204 -18.74 5.31 -1.49
C VAL A 204 -19.82 4.54 -0.76
N ILE A 205 -21.06 4.62 -1.25
CA ILE A 205 -22.16 3.92 -0.61
C ILE A 205 -23.27 3.54 -1.56
N GLU A 206 -23.92 2.42 -1.27
CA GLU A 206 -25.05 1.92 -2.05
C GLU A 206 -26.31 2.46 -1.35
N PRO A 207 -27.12 3.26 -2.06
CA PRO A 207 -28.34 3.81 -1.42
C PRO A 207 -29.14 2.65 -0.83
N VAL A 208 -29.05 1.51 -1.50
CA VAL A 208 -29.67 0.27 -1.06
C VAL A 208 -28.64 -0.78 -1.47
N GLN A 209 -28.11 -1.51 -0.50
CA GLN A 209 -27.12 -2.55 -0.80
C GLN A 209 -27.77 -3.68 -1.56
N GLY A 210 -27.08 -4.19 -2.58
CA GLY A 210 -27.64 -5.27 -3.38
C GLY A 210 -27.14 -6.60 -2.88
N SER A 211 -25.89 -6.91 -3.21
CA SER A 211 -25.24 -8.13 -2.78
C SER A 211 -25.27 -8.19 -1.25
N GLY A 212 -25.18 -7.01 -0.62
CA GLY A 212 -25.19 -6.90 0.82
C GLY A 212 -26.44 -7.29 1.59
N GLY A 213 -27.53 -7.65 0.90
CA GLY A 213 -28.74 -8.05 1.61
C GLY A 213 -29.98 -7.21 1.36
N PHE A 214 -29.89 -6.29 0.43
CA PHE A 214 -31.00 -5.38 0.10
C PHE A 214 -31.37 -4.55 1.31
N TYR A 215 -30.33 -4.07 1.99
CA TYR A 215 -30.53 -3.22 3.15
C TYR A 215 -30.53 -1.80 2.60
N ALA A 216 -31.57 -1.04 2.91
CA ALA A 216 -31.67 0.31 2.39
C ALA A 216 -31.33 1.37 3.42
N SER A 217 -30.80 2.48 2.93
CA SER A 217 -30.44 3.60 3.77
C SER A 217 -31.67 4.47 3.97
N SER A 218 -31.75 5.16 5.09
CA SER A 218 -32.88 6.02 5.35
C SER A 218 -32.49 7.44 4.92
N PRO A 219 -33.48 8.28 4.60
CA PRO A 219 -33.15 9.66 4.20
C PRO A 219 -32.42 10.39 5.33
N ALA A 220 -32.84 10.12 6.56
CA ALA A 220 -32.23 10.75 7.72
C ALA A 220 -30.74 10.43 7.75
N PHE A 221 -30.40 9.15 7.55
CA PHE A 221 -29.00 8.75 7.55
C PHE A 221 -28.27 9.37 6.37
N MET A 222 -28.80 9.15 5.18
CA MET A 222 -28.19 9.67 3.96
C MET A 222 -27.92 11.17 4.09
N GLN A 223 -28.82 11.85 4.79
CA GLN A 223 -28.69 13.28 5.01
C GLN A 223 -27.53 13.61 5.97
N ARG A 224 -27.40 12.86 7.06
CA ARG A 224 -26.31 13.11 8.00
C ARG A 224 -24.99 12.86 7.29
N LEU A 225 -25.03 11.94 6.33
CA LEU A 225 -23.88 11.55 5.55
C LEU A 225 -23.49 12.68 4.59
N ARG A 226 -24.50 13.34 4.04
CA ARG A 226 -24.30 14.44 3.11
C ARG A 226 -23.67 15.61 3.85
N ALA A 227 -24.17 15.92 5.04
CA ALA A 227 -23.64 17.02 5.83
C ALA A 227 -22.22 16.72 6.30
N LEU A 228 -21.95 15.45 6.59
CA LEU A 228 -20.64 15.02 7.04
C LEU A 228 -19.64 15.28 5.91
N CYS A 229 -19.95 14.81 4.72
CA CYS A 229 -19.09 15.02 3.56
C CYS A 229 -18.90 16.51 3.28
N ASP A 230 -19.99 17.27 3.39
CA ASP A 230 -19.95 18.70 3.15
C ASP A 230 -18.96 19.38 4.08
N GLU A 231 -19.08 19.06 5.36
CA GLU A 231 -18.20 19.66 6.34
C GLU A 231 -16.74 19.40 6.05
N HIS A 232 -16.42 18.22 5.51
CA HIS A 232 -15.03 17.89 5.25
C HIS A 232 -14.58 17.93 3.80
N GLY A 233 -15.44 18.43 2.92
CA GLY A 233 -15.07 18.51 1.51
C GLY A 233 -14.81 17.13 0.91
N ILE A 234 -15.58 16.15 1.37
CA ILE A 234 -15.42 14.79 0.90
C ILE A 234 -16.49 14.56 -0.15
N MET A 235 -16.13 13.94 -1.26
CA MET A 235 -17.13 13.66 -2.29
C MET A 235 -18.01 12.52 -1.80
N LEU A 236 -19.30 12.65 -2.01
CA LEU A 236 -20.22 11.59 -1.65
C LEU A 236 -20.51 10.85 -2.95
N ILE A 237 -20.06 9.61 -3.04
CA ILE A 237 -20.29 8.79 -4.23
C ILE A 237 -21.39 7.77 -3.96
N ALA A 238 -22.43 7.79 -4.79
CA ALA A 238 -23.54 6.86 -4.63
C ALA A 238 -23.45 5.82 -5.75
N ASP A 239 -23.22 4.57 -5.35
CA ASP A 239 -23.11 3.49 -6.32
C ASP A 239 -24.53 2.99 -6.58
N GLU A 240 -25.09 3.36 -7.74
CA GLU A 240 -26.45 2.97 -8.12
C GLU A 240 -26.45 2.01 -9.30
N VAL A 241 -25.35 1.28 -9.41
CA VAL A 241 -25.19 0.29 -10.46
C VAL A 241 -26.36 -0.71 -10.39
N GLN A 242 -26.76 -1.06 -9.18
CA GLN A 242 -27.86 -2.01 -8.99
C GLN A 242 -29.15 -1.37 -8.51
N SER A 243 -29.05 -0.36 -7.66
CA SER A 243 -30.23 0.31 -7.15
C SER A 243 -30.83 1.24 -8.18
N GLY A 244 -30.03 1.58 -9.19
CA GLY A 244 -30.49 2.49 -10.22
C GLY A 244 -31.40 1.90 -11.28
N ALA A 245 -31.53 2.62 -12.39
CA ALA A 245 -32.38 2.20 -13.49
C ALA A 245 -33.80 1.96 -12.99
N GLY A 246 -34.25 2.83 -12.11
CA GLY A 246 -35.59 2.76 -11.56
C GLY A 246 -36.02 1.48 -10.84
N ARG A 247 -35.11 0.80 -10.16
CA ARG A 247 -35.47 -0.44 -9.46
C ARG A 247 -36.18 -0.17 -8.14
N THR A 248 -36.02 1.04 -7.61
CA THR A 248 -36.63 1.38 -6.32
C THR A 248 -37.84 2.30 -6.40
N GLY A 249 -38.33 2.57 -7.60
CA GLY A 249 -39.49 3.46 -7.69
C GLY A 249 -39.15 4.81 -8.29
N THR A 250 -37.89 5.19 -8.23
CA THR A 250 -37.45 6.45 -8.82
C THR A 250 -36.32 6.02 -9.72
N LEU A 251 -36.01 6.79 -10.75
CA LEU A 251 -34.93 6.38 -11.63
C LEU A 251 -33.68 6.02 -10.79
N PHE A 252 -33.40 6.82 -9.77
CA PHE A 252 -32.27 6.59 -8.86
C PHE A 252 -32.77 6.68 -7.42
N ALA A 253 -32.35 5.73 -6.59
CA ALA A 253 -32.76 5.67 -5.19
C ALA A 253 -32.45 6.97 -4.46
N MET A 254 -31.31 7.57 -4.76
CA MET A 254 -30.95 8.82 -4.08
C MET A 254 -32.07 9.85 -4.14
N GLU A 255 -32.89 9.81 -5.20
CA GLU A 255 -34.00 10.76 -5.34
C GLU A 255 -34.92 10.68 -4.13
N GLN A 256 -34.97 9.51 -3.50
CA GLN A 256 -35.82 9.29 -2.35
C GLN A 256 -35.14 9.62 -1.04
N MET A 257 -33.88 10.01 -1.10
CA MET A 257 -33.15 10.30 0.12
C MET A 257 -33.22 11.75 0.60
N GLY A 258 -33.54 12.67 -0.30
CA GLY A 258 -33.64 14.05 0.12
C GLY A 258 -32.35 14.82 -0.11
N VAL A 259 -31.32 14.12 -0.58
CA VAL A 259 -30.05 14.77 -0.86
C VAL A 259 -29.43 14.22 -2.14
N ALA A 260 -28.48 14.95 -2.70
CA ALA A 260 -27.86 14.51 -3.93
C ALA A 260 -26.38 14.24 -3.75
N PRO A 261 -25.89 13.17 -4.38
CA PRO A 261 -24.48 12.82 -4.27
C PRO A 261 -23.68 13.75 -5.18
N ASP A 262 -22.36 13.69 -5.08
CA ASP A 262 -21.51 14.50 -5.94
C ASP A 262 -21.31 13.69 -7.22
N LEU A 263 -21.32 12.38 -7.07
CA LEU A 263 -21.12 11.47 -8.19
C LEU A 263 -22.07 10.29 -8.05
N THR A 264 -22.46 9.74 -9.19
CA THR A 264 -23.36 8.60 -9.22
C THR A 264 -22.91 7.66 -10.31
N THR A 265 -22.87 6.36 -9.98
CA THR A 265 -22.46 5.32 -10.94
C THR A 265 -23.71 4.59 -11.38
N PHE A 266 -23.71 4.09 -12.61
CA PHE A 266 -24.86 3.36 -13.12
C PHE A 266 -24.41 2.36 -14.18
N ALA A 267 -25.18 1.28 -14.29
CA ALA A 267 -24.91 0.20 -15.25
C ALA A 267 -26.11 -0.75 -15.26
N LYS A 268 -25.83 -2.03 -15.50
CA LYS A 268 -26.86 -3.07 -15.54
C LYS A 268 -28.10 -2.69 -16.34
N SER A 269 -29.21 -2.43 -15.65
CA SER A 269 -30.47 -2.10 -16.30
C SER A 269 -30.50 -0.82 -17.12
N ILE A 270 -29.54 0.07 -16.92
CA ILE A 270 -29.54 1.30 -17.69
C ILE A 270 -29.59 1.01 -19.20
N ALA A 271 -29.00 -0.10 -19.63
CA ALA A 271 -29.01 -0.45 -21.05
C ALA A 271 -29.83 -1.70 -21.41
N GLY A 272 -30.57 -2.22 -20.43
CA GLY A 272 -31.42 -3.38 -20.65
C GLY A 272 -30.86 -4.67 -21.24
N GLY A 273 -29.60 -4.98 -20.95
CA GLY A 273 -29.04 -6.21 -21.48
C GLY A 273 -27.85 -5.99 -22.40
N PHE A 274 -27.24 -4.81 -22.32
CA PHE A 274 -26.07 -4.48 -23.13
C PHE A 274 -24.98 -3.81 -22.30
N PRO A 275 -23.71 -4.15 -22.58
CA PRO A 275 -22.54 -3.63 -21.87
C PRO A 275 -22.40 -2.12 -21.88
N LEU A 276 -22.82 -1.49 -20.78
CA LEU A 276 -22.72 -0.05 -20.66
C LEU A 276 -22.80 0.40 -19.23
N ALA A 277 -22.05 1.42 -18.89
CA ALA A 277 -22.03 1.97 -17.55
C ALA A 277 -21.54 3.42 -17.61
N GLY A 278 -21.71 4.16 -16.51
CA GLY A 278 -21.25 5.53 -16.50
C GLY A 278 -21.19 6.24 -15.17
N VAL A 279 -20.64 7.45 -15.20
CA VAL A 279 -20.52 8.29 -14.00
C VAL A 279 -21.08 9.67 -14.31
N THR A 280 -22.02 10.11 -13.48
CA THR A 280 -22.64 11.42 -13.62
C THR A 280 -22.43 12.16 -12.30
N GLY A 281 -22.04 13.43 -12.40
CA GLY A 281 -21.84 14.19 -11.17
C GLY A 281 -21.62 15.67 -11.38
N ARG A 282 -21.54 16.38 -10.27
CA ARG A 282 -21.31 17.82 -10.21
C ARG A 282 -20.24 18.14 -11.25
N ALA A 283 -20.58 19.02 -12.18
CA ALA A 283 -19.66 19.37 -13.27
C ALA A 283 -18.23 19.70 -12.88
N GLU A 284 -18.06 20.59 -11.91
CA GLU A 284 -16.74 21.01 -11.46
C GLU A 284 -15.91 19.83 -10.96
N VAL A 285 -16.58 18.87 -10.34
CA VAL A 285 -15.89 17.68 -9.84
C VAL A 285 -15.45 16.80 -11.00
N MET A 286 -16.34 16.63 -11.96
CA MET A 286 -16.05 15.83 -13.13
C MET A 286 -14.89 16.37 -13.94
N ASP A 287 -14.83 17.69 -14.09
CA ASP A 287 -13.75 18.30 -14.88
C ASP A 287 -12.40 18.35 -14.18
N ALA A 288 -12.33 17.90 -12.94
CA ALA A 288 -11.06 17.91 -12.20
C ALA A 288 -9.97 17.07 -12.88
N VAL A 289 -10.38 15.98 -13.54
CA VAL A 289 -9.39 15.13 -14.21
C VAL A 289 -8.89 15.83 -15.47
N ALA A 290 -7.58 15.86 -15.65
CA ALA A 290 -6.95 16.49 -16.80
C ALA A 290 -7.38 15.85 -18.12
N PRO A 291 -7.17 16.54 -19.24
CA PRO A 291 -7.55 15.99 -20.54
C PRO A 291 -6.73 14.75 -20.90
N GLY A 292 -7.43 13.68 -21.27
CA GLY A 292 -6.76 12.44 -21.63
C GLY A 292 -6.70 11.47 -20.47
N GLY A 293 -7.15 11.92 -19.30
CA GLY A 293 -7.11 11.09 -18.11
C GLY A 293 -8.23 10.06 -17.99
N LEU A 294 -9.29 10.25 -18.77
CA LEU A 294 -10.42 9.33 -18.73
C LEU A 294 -10.57 8.72 -20.10
N GLY A 295 -11.02 7.46 -20.12
CA GLY A 295 -11.21 6.79 -21.39
C GLY A 295 -11.26 5.28 -21.26
N GLY A 296 -11.43 4.62 -22.39
CA GLY A 296 -11.51 3.17 -22.42
C GLY A 296 -11.97 2.77 -23.82
N THR A 297 -11.30 1.78 -24.38
CA THR A 297 -11.62 1.31 -25.72
C THR A 297 -13.12 1.19 -26.03
N TYR A 298 -13.81 0.31 -25.32
CA TYR A 298 -15.24 0.06 -25.57
C TYR A 298 -16.22 1.08 -24.97
N ALA A 299 -15.76 1.86 -24.01
CA ALA A 299 -16.58 2.85 -23.32
C ALA A 299 -17.73 3.45 -24.12
N GLY A 300 -18.94 3.37 -23.56
CA GLY A 300 -20.09 3.93 -24.23
C GLY A 300 -20.26 3.43 -25.64
N ASN A 301 -20.23 2.11 -25.78
CA ASN A 301 -20.39 1.45 -27.07
C ASN A 301 -21.69 1.93 -27.75
N PRO A 302 -21.63 2.23 -29.05
CA PRO A 302 -22.78 2.69 -29.83
C PRO A 302 -24.10 1.91 -29.63
N ILE A 303 -24.07 0.59 -29.85
CA ILE A 303 -25.25 -0.24 -29.68
C ILE A 303 -25.78 -0.11 -28.25
N ALA A 304 -24.89 -0.18 -27.27
CA ALA A 304 -25.33 -0.07 -25.88
C ALA A 304 -26.03 1.27 -25.63
N CYS A 305 -25.46 2.34 -26.19
CA CYS A 305 -26.04 3.67 -26.00
C CYS A 305 -27.43 3.78 -26.59
N VAL A 306 -27.56 3.43 -27.86
CA VAL A 306 -28.89 3.56 -28.45
C VAL A 306 -29.84 2.69 -27.66
N ALA A 307 -29.33 1.57 -27.13
CA ALA A 307 -30.14 0.67 -26.33
C ALA A 307 -30.58 1.36 -25.05
N ALA A 308 -29.66 2.04 -24.39
CA ALA A 308 -29.97 2.76 -23.16
C ALA A 308 -30.96 3.91 -23.41
N LEU A 309 -30.81 4.57 -24.56
CA LEU A 309 -31.72 5.67 -24.90
C LEU A 309 -33.14 5.15 -25.01
N GLU A 310 -33.26 3.95 -25.57
CA GLU A 310 -34.55 3.29 -25.78
C GLU A 310 -35.14 2.76 -24.45
N VAL A 311 -34.27 2.34 -23.54
CA VAL A 311 -34.72 1.86 -22.23
C VAL A 311 -35.37 3.02 -21.49
N LEU A 312 -34.75 4.19 -21.59
CA LEU A 312 -35.27 5.37 -20.92
C LEU A 312 -36.64 5.77 -21.46
N LYS A 313 -36.84 5.63 -22.78
CA LYS A 313 -38.15 5.96 -23.35
C LYS A 313 -39.20 4.99 -22.79
N VAL A 314 -38.89 3.70 -22.78
CA VAL A 314 -39.82 2.72 -22.25
C VAL A 314 -40.24 3.08 -20.83
N PHE A 315 -39.26 3.32 -19.97
CA PHE A 315 -39.59 3.66 -18.60
C PHE A 315 -40.62 4.76 -18.54
N GLU A 316 -40.50 5.71 -19.47
CA GLU A 316 -41.41 6.84 -19.52
C GLU A 316 -42.74 6.42 -20.14
N GLN A 317 -42.69 5.84 -21.34
CA GLN A 317 -43.88 5.41 -22.05
C GLN A 317 -44.70 4.31 -21.40
N GLU A 318 -44.05 3.38 -20.72
CA GLU A 318 -44.76 2.26 -20.08
C GLU A 318 -44.92 2.39 -18.57
N ASN A 319 -44.81 3.60 -18.05
CA ASN A 319 -44.96 3.85 -16.61
C ASN A 319 -44.28 2.79 -15.74
N LEU A 320 -43.08 2.39 -16.11
CA LEU A 320 -42.35 1.38 -15.35
C LEU A 320 -42.06 1.73 -13.89
N LEU A 321 -41.79 3.00 -13.59
CA LEU A 321 -41.51 3.36 -12.20
C LEU A 321 -42.75 3.03 -11.34
N GLN A 322 -43.90 3.52 -11.77
CA GLN A 322 -45.15 3.26 -11.06
C GLN A 322 -45.34 1.74 -10.94
N LYS A 323 -45.00 1.02 -12.00
CA LYS A 323 -45.14 -0.43 -11.99
C LYS A 323 -44.22 -1.07 -10.97
N ALA A 324 -43.02 -0.52 -10.84
CA ALA A 324 -42.03 -1.03 -9.91
C ALA A 324 -42.59 -0.92 -8.49
N ASN A 325 -43.24 0.20 -8.20
CA ASN A 325 -43.84 0.41 -6.90
C ASN A 325 -44.99 -0.54 -6.62
N ASP A 326 -45.85 -0.72 -7.62
CA ASP A 326 -47.00 -1.62 -7.45
C ASP A 326 -46.50 -3.05 -7.33
N LEU A 327 -45.58 -3.42 -8.21
CA LEU A 327 -45.01 -4.76 -8.19
C LEU A 327 -44.38 -5.07 -6.84
N GLY A 328 -43.77 -4.06 -6.24
CA GLY A 328 -43.12 -4.24 -4.96
C GLY A 328 -44.11 -4.63 -3.89
N GLN A 329 -45.23 -3.90 -3.86
CA GLN A 329 -46.29 -4.15 -2.89
C GLN A 329 -46.92 -5.52 -3.09
N LYS A 330 -47.22 -5.85 -4.33
CA LYS A 330 -47.81 -7.14 -4.63
C LYS A 330 -46.88 -8.23 -4.12
N LEU A 331 -45.59 -8.09 -4.38
CA LEU A 331 -44.62 -9.09 -3.94
C LEU A 331 -44.54 -9.18 -2.41
N LYS A 332 -44.33 -8.05 -1.75
CA LYS A 332 -44.22 -8.04 -0.29
C LYS A 332 -45.44 -8.66 0.38
N ASP A 333 -46.64 -8.24 -0.05
CA ASP A 333 -47.86 -8.79 0.50
C ASP A 333 -47.91 -10.31 0.31
N GLY A 334 -47.56 -10.74 -0.89
CA GLY A 334 -47.56 -12.17 -1.18
C GLY A 334 -46.56 -12.89 -0.31
N LEU A 335 -45.43 -12.25 -0.07
CA LEU A 335 -44.37 -12.82 0.74
C LEU A 335 -44.76 -12.76 2.22
N LEU A 336 -45.41 -11.68 2.63
CA LEU A 336 -45.85 -11.53 4.01
C LEU A 336 -46.84 -12.64 4.39
N ALA A 337 -47.66 -13.05 3.43
CA ALA A 337 -48.64 -14.10 3.64
C ALA A 337 -47.97 -15.46 3.80
N ILE A 338 -46.96 -15.71 2.97
CA ILE A 338 -46.24 -16.98 3.04
C ILE A 338 -45.53 -17.05 4.39
N ALA A 339 -45.18 -15.89 4.92
CA ALA A 339 -44.48 -15.81 6.20
C ALA A 339 -45.38 -16.15 7.38
N GLU A 340 -46.68 -15.85 7.26
CA GLU A 340 -47.62 -16.14 8.33
C GLU A 340 -47.66 -17.63 8.63
N LYS A 341 -47.20 -18.42 7.67
CA LYS A 341 -47.16 -19.87 7.85
C LYS A 341 -45.77 -20.28 8.31
N HIS A 342 -44.76 -19.78 7.62
CA HIS A 342 -43.38 -20.11 7.92
C HIS A 342 -42.64 -19.02 8.73
N PRO A 343 -42.34 -19.31 10.01
CA PRO A 343 -41.66 -18.36 10.89
C PRO A 343 -40.23 -18.07 10.42
N GLU A 344 -39.62 -19.04 9.75
CA GLU A 344 -38.25 -18.91 9.24
C GLU A 344 -38.03 -17.54 8.62
N ILE A 345 -39.01 -17.08 7.83
CA ILE A 345 -38.92 -15.78 7.18
C ILE A 345 -39.06 -14.68 8.22
N GLY A 346 -37.92 -14.12 8.64
CA GLY A 346 -37.93 -13.07 9.64
C GLY A 346 -38.07 -11.64 9.15
N ASP A 347 -37.92 -11.42 7.85
CA ASP A 347 -38.05 -10.06 7.31
C ASP A 347 -38.46 -9.99 5.84
N VAL A 348 -39.26 -8.99 5.51
CA VAL A 348 -39.74 -8.74 4.14
C VAL A 348 -39.58 -7.23 3.95
N ARG A 349 -38.64 -6.84 3.11
CA ARG A 349 -38.36 -5.42 2.90
C ARG A 349 -38.11 -5.02 1.45
N GLY A 350 -37.91 -3.73 1.23
CA GLY A 350 -37.62 -3.27 -0.11
C GLY A 350 -38.27 -2.00 -0.61
N LEU A 351 -37.49 -1.16 -1.29
CA LEU A 351 -37.98 0.08 -1.88
C LEU A 351 -38.38 -0.33 -3.28
N GLY A 352 -39.53 0.16 -3.74
CA GLY A 352 -39.98 -0.18 -5.07
C GLY A 352 -39.97 -1.68 -5.30
N ALA A 353 -39.29 -2.12 -6.34
CA ALA A 353 -39.23 -3.54 -6.68
C ALA A 353 -37.94 -4.24 -6.22
N MET A 354 -37.17 -3.60 -5.35
CA MET A 354 -35.93 -4.20 -4.84
C MET A 354 -36.33 -4.92 -3.58
N ILE A 355 -37.02 -6.05 -3.77
CA ILE A 355 -37.56 -6.83 -2.68
C ILE A 355 -36.72 -8.04 -2.27
N ALA A 356 -36.78 -8.36 -0.99
CA ALA A 356 -36.04 -9.49 -0.45
C ALA A 356 -36.63 -9.94 0.87
N ILE A 357 -36.35 -11.18 1.23
CA ILE A 357 -36.77 -11.75 2.50
C ILE A 357 -35.54 -12.40 3.10
N GLU A 358 -35.40 -12.27 4.43
CA GLU A 358 -34.27 -12.83 5.14
C GLU A 358 -34.75 -13.99 6.01
N LEU A 359 -34.11 -15.15 5.87
CA LEU A 359 -34.51 -16.34 6.62
C LEU A 359 -33.69 -16.56 7.89
N PHE A 360 -34.34 -17.06 8.94
CA PHE A 360 -33.69 -17.32 10.22
C PHE A 360 -34.06 -18.72 10.73
N GLU A 361 -33.22 -19.28 11.60
CA GLU A 361 -33.50 -20.59 12.16
C GLU A 361 -34.51 -20.40 13.30
N ASP A 362 -35.75 -20.81 13.05
CA ASP A 362 -36.79 -20.69 14.05
C ASP A 362 -37.14 -19.22 14.29
N GLY A 363 -36.81 -18.38 13.30
CA GLY A 363 -37.10 -16.96 13.40
C GLY A 363 -36.20 -16.25 14.40
N ASP A 364 -35.11 -16.91 14.78
CA ASP A 364 -34.16 -16.34 15.72
C ASP A 364 -33.26 -15.37 14.96
N HIS A 365 -33.62 -14.08 15.03
CA HIS A 365 -32.92 -12.99 14.34
C HIS A 365 -31.43 -12.83 14.61
N ASN A 366 -30.72 -13.96 14.63
CA ASN A 366 -29.28 -13.98 14.85
C ASN A 366 -28.77 -15.35 14.42
N LYS A 367 -29.65 -16.10 13.76
CA LYS A 367 -29.33 -17.43 13.26
C LYS A 367 -29.56 -17.49 11.75
N PRO A 368 -28.67 -16.87 10.95
CA PRO A 368 -28.84 -16.90 9.49
C PRO A 368 -29.02 -18.34 8.99
N ASP A 369 -30.22 -18.66 8.53
CA ASP A 369 -30.50 -20.00 8.05
C ASP A 369 -30.04 -20.17 6.60
N ALA A 370 -28.74 -20.05 6.38
CA ALA A 370 -28.18 -20.17 5.04
C ALA A 370 -28.59 -21.45 4.34
N LYS A 371 -28.65 -22.54 5.09
CA LYS A 371 -29.00 -23.84 4.53
C LYS A 371 -30.39 -23.85 3.90
N LEU A 372 -31.35 -23.25 4.59
CA LEU A 372 -32.72 -23.20 4.09
C LEU A 372 -32.81 -22.28 2.87
N THR A 373 -32.08 -21.15 2.92
CA THR A 373 -32.06 -20.19 1.81
C THR A 373 -31.61 -20.92 0.55
N ALA A 374 -30.51 -21.67 0.67
CA ALA A 374 -29.98 -22.42 -0.45
C ALA A 374 -30.93 -23.53 -0.91
N GLU A 375 -31.71 -24.08 0.03
CA GLU A 375 -32.66 -25.14 -0.30
C GLU A 375 -33.84 -24.59 -1.07
N ILE A 376 -34.34 -23.44 -0.65
CA ILE A 376 -35.46 -22.79 -1.30
C ILE A 376 -35.08 -22.47 -2.74
N VAL A 377 -33.82 -22.04 -2.93
CA VAL A 377 -33.34 -21.72 -4.26
C VAL A 377 -33.38 -22.99 -5.11
N ALA A 378 -32.79 -24.07 -4.59
CA ALA A 378 -32.74 -25.35 -5.30
C ALA A 378 -34.14 -25.84 -5.67
N ARG A 379 -35.06 -25.80 -4.70
CA ARG A 379 -36.44 -26.24 -4.93
C ARG A 379 -37.07 -25.42 -6.05
N ALA A 380 -37.00 -24.10 -5.91
CA ALA A 380 -37.55 -23.18 -6.90
C ALA A 380 -37.07 -23.54 -8.30
N ARG A 381 -35.79 -23.87 -8.43
CA ARG A 381 -35.22 -24.24 -9.72
C ARG A 381 -35.95 -25.45 -10.30
N ASP A 382 -36.26 -26.42 -9.42
CA ASP A 382 -36.96 -27.63 -9.83
C ASP A 382 -38.37 -27.29 -10.31
N LYS A 383 -38.93 -26.20 -9.79
CA LYS A 383 -40.27 -25.75 -10.18
C LYS A 383 -40.21 -24.68 -11.28
N GLY A 384 -39.06 -24.55 -11.94
CA GLY A 384 -38.90 -23.58 -13.02
C GLY A 384 -38.79 -22.13 -12.61
N LEU A 385 -38.32 -21.87 -11.40
CA LEU A 385 -38.15 -20.51 -10.90
C LEU A 385 -36.68 -20.23 -10.58
N ILE A 386 -36.10 -19.30 -11.35
CA ILE A 386 -34.70 -18.89 -11.17
C ILE A 386 -34.60 -17.81 -10.08
N LEU A 387 -33.90 -18.10 -9.00
CA LEU A 387 -33.75 -17.16 -7.89
C LEU A 387 -32.29 -16.86 -7.55
N LEU A 388 -32.07 -15.88 -6.68
CA LEU A 388 -30.72 -15.49 -6.26
C LEU A 388 -30.68 -15.17 -4.78
N SER A 389 -29.62 -15.64 -4.11
CA SER A 389 -29.43 -15.37 -2.69
C SER A 389 -28.37 -14.28 -2.57
N CYS A 390 -28.29 -13.65 -1.40
CA CYS A 390 -27.32 -12.59 -1.18
C CYS A 390 -27.19 -12.36 0.33
N GLY A 391 -26.48 -11.31 0.70
CA GLY A 391 -26.28 -11.00 2.11
C GLY A 391 -24.99 -11.60 2.63
N PRO A 392 -24.40 -11.00 3.67
CA PRO A 392 -23.15 -11.55 4.20
C PRO A 392 -23.27 -13.00 4.68
N TYR A 393 -24.39 -13.35 5.31
CA TYR A 393 -24.57 -14.71 5.81
C TYR A 393 -25.32 -15.66 4.87
N TYR A 394 -25.55 -15.22 3.64
CA TYR A 394 -26.22 -16.02 2.62
C TYR A 394 -27.61 -16.52 3.04
N ASN A 395 -28.30 -15.75 3.86
CA ASN A 395 -29.63 -16.12 4.32
C ASN A 395 -30.65 -15.14 3.75
N VAL A 396 -30.33 -14.56 2.59
CA VAL A 396 -31.23 -13.60 1.97
C VAL A 396 -31.58 -13.92 0.53
N LEU A 397 -32.87 -13.91 0.23
CA LEU A 397 -33.36 -14.14 -1.11
C LEU A 397 -33.84 -12.78 -1.61
N ARG A 398 -33.35 -12.37 -2.78
CA ARG A 398 -33.75 -11.10 -3.35
C ARG A 398 -34.45 -11.32 -4.68
N ILE A 399 -35.54 -10.58 -4.89
CA ILE A 399 -36.31 -10.67 -6.13
C ILE A 399 -35.90 -9.56 -7.09
N LEU A 400 -35.40 -9.94 -8.26
CA LEU A 400 -34.98 -8.96 -9.27
C LEU A 400 -35.64 -9.22 -10.62
N VAL A 401 -36.88 -9.68 -10.57
CA VAL A 401 -37.67 -9.98 -11.76
C VAL A 401 -37.90 -8.69 -12.57
N PRO A 402 -37.92 -8.78 -13.90
CA PRO A 402 -38.15 -7.59 -14.72
C PRO A 402 -39.40 -6.86 -14.29
N LEU A 403 -39.38 -5.53 -14.42
CA LEU A 403 -40.51 -4.69 -14.05
C LEU A 403 -41.67 -4.86 -15.01
N THR A 404 -41.35 -5.36 -16.20
CA THR A 404 -42.33 -5.59 -17.25
C THR A 404 -43.00 -6.96 -17.08
N ILE A 405 -43.00 -7.45 -15.85
CA ILE A 405 -43.58 -8.77 -15.56
C ILE A 405 -45.10 -8.82 -15.73
N GLU A 406 -45.62 -9.99 -16.07
CA GLU A 406 -47.06 -10.18 -16.24
C GLU A 406 -47.74 -10.41 -14.88
N ASP A 407 -48.97 -9.93 -14.72
CA ASP A 407 -49.72 -10.09 -13.48
C ASP A 407 -49.75 -11.58 -13.11
N ALA A 408 -49.93 -12.41 -14.13
CA ALA A 408 -50.00 -13.84 -13.95
C ALA A 408 -48.69 -14.43 -13.44
N GLN A 409 -47.58 -13.91 -13.94
CA GLN A 409 -46.28 -14.39 -13.54
C GLN A 409 -45.98 -14.00 -12.10
N ILE A 410 -46.61 -12.93 -11.64
CA ILE A 410 -46.44 -12.48 -10.27
C ILE A 410 -47.10 -13.55 -9.39
N ARG A 411 -48.31 -13.95 -9.75
CA ARG A 411 -49.06 -14.96 -9.02
C ARG A 411 -48.29 -16.27 -9.03
N GLN A 412 -47.74 -16.61 -10.20
CA GLN A 412 -46.99 -17.82 -10.38
C GLN A 412 -45.69 -17.87 -9.58
N GLY A 413 -45.00 -16.74 -9.50
CA GLY A 413 -43.75 -16.69 -8.77
C GLY A 413 -43.97 -16.88 -7.27
N LEU A 414 -44.91 -16.10 -6.75
CA LEU A 414 -45.26 -16.18 -5.33
C LEU A 414 -45.75 -17.57 -4.99
N GLU A 415 -46.51 -18.19 -5.90
CA GLU A 415 -47.05 -19.52 -5.68
C GLU A 415 -45.93 -20.55 -5.59
N ILE A 416 -45.01 -20.52 -6.56
CA ILE A 416 -43.91 -21.47 -6.55
C ILE A 416 -43.15 -21.32 -5.24
N ILE A 417 -42.89 -20.08 -4.84
CA ILE A 417 -42.17 -19.82 -3.61
C ILE A 417 -42.91 -20.43 -2.42
N SER A 418 -44.22 -20.19 -2.35
CA SER A 418 -45.05 -20.73 -1.27
C SER A 418 -44.85 -22.24 -1.21
N GLN A 419 -44.92 -22.89 -2.37
CA GLN A 419 -44.74 -24.32 -2.45
C GLN A 419 -43.38 -24.74 -1.89
N CYS A 420 -42.33 -24.03 -2.28
CA CYS A 420 -40.98 -24.34 -1.82
C CYS A 420 -40.82 -24.32 -0.31
N PHE A 421 -41.43 -23.34 0.35
CA PHE A 421 -41.36 -23.27 1.80
C PHE A 421 -42.19 -24.38 2.43
N ASP A 422 -43.26 -24.80 1.73
CA ASP A 422 -44.11 -25.87 2.24
C ASP A 422 -43.45 -27.22 2.02
N GLU A 423 -43.15 -27.53 0.77
CA GLU A 423 -42.51 -28.80 0.43
C GLU A 423 -41.18 -28.99 1.16
N ALA A 424 -40.65 -27.91 1.71
CA ALA A 424 -39.38 -27.97 2.42
C ALA A 424 -39.62 -28.25 3.89
N LYS A 425 -40.54 -27.50 4.49
CA LYS A 425 -40.86 -27.67 5.90
C LYS A 425 -41.62 -28.97 6.11
N GLN A 426 -41.90 -29.67 5.01
CA GLN A 426 -42.57 -30.95 5.06
C GLN A 426 -41.51 -31.99 5.35
N ASN B 2 -26.37 17.49 -36.31
CA ASN B 2 -25.98 17.13 -37.71
C ASN B 2 -24.83 17.98 -38.23
N SER B 3 -24.02 18.49 -37.32
CA SER B 3 -22.85 19.30 -37.63
C SER B 3 -21.76 18.86 -36.67
N ASN B 4 -20.56 18.58 -37.17
CA ASN B 4 -19.47 18.16 -36.31
C ASN B 4 -19.19 19.14 -35.17
N LYS B 5 -19.03 20.42 -35.53
CA LYS B 5 -18.74 21.45 -34.55
C LYS B 5 -19.89 21.61 -33.57
N GLU B 6 -21.11 21.55 -34.06
CA GLU B 6 -22.27 21.68 -33.20
C GLU B 6 -22.24 20.59 -32.12
N LEU B 7 -21.88 19.38 -32.54
CA LEU B 7 -21.82 18.25 -31.62
C LEU B 7 -20.64 18.42 -30.67
N MET B 8 -19.54 18.97 -31.17
CA MET B 8 -18.38 19.19 -30.29
C MET B 8 -18.76 20.18 -29.19
N GLN B 9 -19.63 21.12 -29.53
CA GLN B 9 -20.07 22.12 -28.57
C GLN B 9 -20.94 21.46 -27.50
N ARG B 10 -21.84 20.57 -27.93
CA ARG B 10 -22.71 19.85 -27.01
C ARG B 10 -21.88 18.96 -26.08
N ARG B 11 -20.85 18.34 -26.65
CA ARG B 11 -19.94 17.48 -25.93
C ARG B 11 -19.26 18.24 -24.78
N SER B 12 -18.75 19.42 -25.09
CA SER B 12 -18.05 20.24 -24.09
C SER B 12 -18.94 20.61 -22.91
N GLN B 13 -20.25 20.67 -23.11
CA GLN B 13 -21.14 21.01 -22.01
C GLN B 13 -21.59 19.78 -21.22
N ALA B 14 -21.71 18.64 -21.90
CA ALA B 14 -22.20 17.41 -21.24
C ALA B 14 -21.18 16.39 -20.74
N ILE B 15 -19.99 16.40 -21.34
CA ILE B 15 -18.96 15.44 -21.02
C ILE B 15 -17.71 16.11 -20.47
N PRO B 16 -17.08 15.51 -19.45
CA PRO B 16 -15.86 16.04 -18.82
C PRO B 16 -14.69 16.11 -19.78
N ARG B 17 -13.83 17.10 -19.57
CA ARG B 17 -12.65 17.29 -20.41
C ARG B 17 -11.67 16.15 -20.22
N GLY B 18 -11.85 15.38 -19.14
CA GLY B 18 -10.98 14.26 -18.88
C GLY B 18 -11.01 13.35 -20.09
N VAL B 19 -12.19 13.25 -20.70
CA VAL B 19 -12.34 12.44 -21.90
C VAL B 19 -11.77 13.19 -23.09
N GLY B 20 -10.57 12.79 -23.51
CA GLY B 20 -9.92 13.42 -24.65
C GLY B 20 -10.68 13.21 -25.95
N GLN B 21 -10.18 13.81 -27.03
CA GLN B 21 -10.82 13.67 -28.32
C GLN B 21 -9.78 13.94 -29.40
N ILE B 22 -9.28 12.86 -29.99
CA ILE B 22 -8.25 12.96 -31.03
C ILE B 22 -8.78 13.73 -32.24
N HIS B 23 -9.91 13.27 -32.76
CA HIS B 23 -10.54 13.90 -33.92
C HIS B 23 -11.88 14.49 -33.51
N PRO B 24 -12.06 15.81 -33.70
CA PRO B 24 -13.31 16.50 -33.34
C PRO B 24 -14.39 16.24 -34.38
N ILE B 25 -14.52 14.98 -34.76
CA ILE B 25 -15.49 14.54 -35.76
C ILE B 25 -16.44 13.50 -35.18
N PHE B 26 -17.72 13.59 -35.58
CA PHE B 26 -18.72 12.64 -35.13
C PHE B 26 -19.11 11.68 -36.27
N ALA B 27 -18.74 10.41 -36.11
CA ALA B 27 -19.05 9.41 -37.11
C ALA B 27 -20.54 9.07 -37.07
N ASP B 28 -21.14 8.87 -38.24
CA ASP B 28 -22.55 8.50 -38.30
C ASP B 28 -22.69 7.03 -38.65
N ARG B 29 -21.88 6.58 -39.60
CA ARG B 29 -21.94 5.20 -40.03
C ARG B 29 -20.61 4.82 -40.66
N ALA B 30 -20.41 3.52 -40.86
CA ALA B 30 -19.16 3.04 -41.44
C ALA B 30 -19.34 1.67 -42.08
N GLU B 31 -18.35 1.28 -42.85
CA GLU B 31 -18.36 0.00 -43.52
C GLU B 31 -16.92 -0.34 -43.88
N ASN B 32 -16.44 -1.45 -43.33
CA ASN B 32 -15.08 -1.91 -43.55
C ASN B 32 -14.09 -0.79 -43.18
N CYS B 33 -13.42 -0.19 -44.17
CA CYS B 33 -12.45 0.86 -43.87
C CYS B 33 -12.95 2.28 -44.09
N ARG B 34 -14.25 2.43 -44.30
CA ARG B 34 -14.81 3.76 -44.54
C ARG B 34 -15.70 4.25 -43.40
N VAL B 35 -15.57 5.54 -43.10
CA VAL B 35 -16.37 6.16 -42.06
C VAL B 35 -16.92 7.47 -42.61
N TRP B 36 -18.18 7.75 -42.31
CA TRP B 36 -18.84 8.96 -42.76
C TRP B 36 -19.32 9.71 -41.52
N ASP B 37 -18.97 10.99 -41.41
CA ASP B 37 -19.42 11.76 -40.24
C ASP B 37 -20.86 12.19 -40.40
N VAL B 38 -21.35 12.95 -39.44
CA VAL B 38 -22.73 13.41 -39.46
C VAL B 38 -22.96 14.45 -40.55
N GLU B 39 -21.88 14.94 -41.13
CA GLU B 39 -21.97 15.93 -42.20
C GLU B 39 -21.88 15.23 -43.55
N GLY B 40 -21.67 13.91 -43.54
CA GLY B 40 -21.58 13.16 -44.78
C GLY B 40 -20.18 13.02 -45.34
N ARG B 41 -19.17 13.59 -44.68
CA ARG B 41 -17.81 13.48 -45.19
C ARG B 41 -17.26 12.06 -45.00
N GLU B 42 -16.61 11.53 -46.05
CA GLU B 42 -16.07 10.17 -46.00
C GLU B 42 -14.57 10.07 -45.74
N TYR B 43 -14.20 9.39 -44.67
CA TYR B 43 -12.78 9.24 -44.36
C TYR B 43 -12.34 7.78 -44.49
N LEU B 44 -11.03 7.59 -44.60
CA LEU B 44 -10.44 6.26 -44.68
C LEU B 44 -9.91 6.01 -43.27
N ASP B 45 -10.37 4.92 -42.65
CA ASP B 45 -9.99 4.61 -41.27
C ASP B 45 -8.71 3.81 -41.10
N PHE B 46 -7.66 4.49 -40.62
CA PHE B 46 -6.37 3.86 -40.38
C PHE B 46 -6.11 3.65 -38.88
N ALA B 47 -7.14 3.90 -38.06
CA ALA B 47 -6.98 3.71 -36.62
C ALA B 47 -7.73 2.46 -36.16
N GLY B 48 -8.83 2.14 -36.85
CA GLY B 48 -9.61 0.96 -36.52
C GLY B 48 -10.17 0.87 -35.10
N GLY B 49 -10.70 1.98 -34.58
CA GLY B 49 -11.24 1.96 -33.23
C GLY B 49 -10.15 1.62 -32.24
N ILE B 50 -8.92 1.72 -32.72
CA ILE B 50 -7.71 1.39 -31.97
C ILE B 50 -7.46 -0.12 -31.90
N ALA B 51 -7.27 -0.72 -33.08
CA ALA B 51 -6.97 -2.14 -33.21
C ALA B 51 -8.14 -3.05 -32.85
N VAL B 52 -9.34 -2.49 -32.86
CA VAL B 52 -10.56 -3.23 -32.53
C VAL B 52 -11.27 -3.76 -33.77
N LEU B 53 -10.96 -3.20 -34.93
CA LEU B 53 -11.62 -3.57 -36.18
C LEU B 53 -10.75 -4.20 -37.26
N ASN B 54 -10.00 -5.25 -36.91
CA ASN B 54 -9.15 -5.90 -37.88
C ASN B 54 -9.96 -6.53 -39.01
N THR B 55 -11.24 -6.80 -38.76
CA THR B 55 -12.11 -7.36 -39.78
C THR B 55 -12.98 -6.26 -40.37
N GLY B 56 -12.64 -5.01 -40.04
CA GLY B 56 -13.39 -3.87 -40.54
C GLY B 56 -14.66 -3.48 -39.79
N HIS B 57 -15.28 -2.39 -40.21
CA HIS B 57 -16.51 -1.92 -39.59
C HIS B 57 -17.69 -2.77 -40.04
N LEU B 58 -18.42 -3.31 -39.08
CA LEU B 58 -19.59 -4.13 -39.37
C LEU B 58 -19.35 -5.16 -40.49
N HIS B 59 -18.40 -6.06 -40.30
CA HIS B 59 -18.16 -7.10 -41.30
C HIS B 59 -19.48 -7.86 -41.46
N PRO B 60 -19.97 -7.94 -42.71
CA PRO B 60 -21.23 -8.63 -42.99
C PRO B 60 -21.41 -9.98 -42.31
N LYS B 61 -20.38 -10.82 -42.29
CA LYS B 61 -20.52 -12.12 -41.63
C LYS B 61 -20.74 -11.94 -40.12
N VAL B 62 -19.91 -11.09 -39.51
CA VAL B 62 -19.99 -10.80 -38.09
C VAL B 62 -21.37 -10.24 -37.71
N VAL B 63 -21.84 -9.28 -38.48
CA VAL B 63 -23.14 -8.68 -38.24
C VAL B 63 -24.25 -9.73 -38.26
N ALA B 64 -24.27 -10.54 -39.32
CA ALA B 64 -25.26 -11.59 -39.46
C ALA B 64 -25.27 -12.48 -38.20
N ALA B 65 -24.09 -12.86 -37.73
CA ALA B 65 -24.02 -13.68 -36.53
C ALA B 65 -24.70 -12.92 -35.39
N VAL B 66 -24.32 -11.66 -35.22
CA VAL B 66 -24.85 -10.83 -34.15
C VAL B 66 -26.37 -10.78 -34.19
N GLU B 67 -26.94 -10.56 -35.38
CA GLU B 67 -28.39 -10.49 -35.49
C GLU B 67 -29.10 -11.76 -35.05
N ALA B 68 -28.55 -12.91 -35.43
CA ALA B 68 -29.15 -14.19 -35.06
C ALA B 68 -29.24 -14.29 -33.53
N GLN B 69 -28.13 -14.08 -32.85
CA GLN B 69 -28.11 -14.14 -31.39
C GLN B 69 -29.10 -13.12 -30.82
N LEU B 70 -29.14 -11.96 -31.45
CA LEU B 70 -30.03 -10.89 -31.02
C LEU B 70 -31.49 -11.38 -30.96
N LYS B 71 -31.83 -12.39 -31.77
CA LYS B 71 -33.18 -12.93 -31.77
C LYS B 71 -33.43 -13.91 -30.61
N LYS B 72 -32.35 -14.40 -29.98
CA LYS B 72 -32.49 -15.35 -28.88
C LYS B 72 -32.39 -14.73 -27.48
N LEU B 73 -31.26 -14.08 -27.19
CA LEU B 73 -31.07 -13.42 -25.89
C LEU B 73 -29.78 -12.61 -25.92
N SER B 74 -29.73 -11.52 -25.16
CA SER B 74 -28.56 -10.67 -25.16
C SER B 74 -27.79 -10.72 -23.84
N HIS B 75 -28.44 -11.15 -22.78
CA HIS B 75 -27.80 -11.19 -21.48
C HIS B 75 -28.54 -12.04 -20.46
N THR B 76 -27.78 -12.69 -19.58
CA THR B 76 -28.37 -13.50 -18.49
C THR B 76 -27.41 -13.42 -17.32
N CYS B 77 -26.15 -13.18 -17.65
CA CYS B 77 -25.03 -13.16 -16.73
C CYS B 77 -24.67 -14.64 -16.60
N PHE B 78 -23.62 -15.04 -17.30
CA PHE B 78 -23.17 -16.41 -17.32
C PHE B 78 -23.14 -17.08 -15.95
N GLN B 79 -22.71 -16.34 -14.92
CA GLN B 79 -22.63 -16.87 -13.55
C GLN B 79 -23.97 -17.37 -13.06
N VAL B 80 -25.03 -16.72 -13.51
CA VAL B 80 -26.38 -17.10 -13.11
C VAL B 80 -26.91 -18.20 -14.03
N LEU B 81 -27.08 -17.92 -15.32
CA LEU B 81 -27.52 -18.92 -16.30
C LEU B 81 -26.49 -18.96 -17.41
N ALA B 82 -25.90 -20.11 -17.63
CA ALA B 82 -24.89 -20.27 -18.67
C ALA B 82 -25.50 -20.25 -20.07
N TYR B 83 -24.65 -20.16 -21.08
CA TYR B 83 -25.10 -20.14 -22.48
C TYR B 83 -23.96 -20.57 -23.38
N GLU B 84 -24.30 -21.23 -24.48
CA GLU B 84 -23.31 -21.77 -25.42
C GLU B 84 -22.28 -20.87 -26.10
N PRO B 85 -22.69 -19.69 -26.58
CA PRO B 85 -21.67 -18.87 -27.22
C PRO B 85 -20.46 -18.66 -26.31
N TYR B 86 -20.73 -18.48 -25.02
CA TYR B 86 -19.64 -18.29 -24.06
C TYR B 86 -18.76 -19.56 -24.05
N LEU B 87 -19.37 -20.71 -23.76
CA LEU B 87 -18.62 -21.97 -23.71
C LEU B 87 -17.83 -22.26 -24.97
N GLU B 88 -18.49 -22.12 -26.09
CA GLU B 88 -17.86 -22.38 -27.36
C GLU B 88 -16.64 -21.51 -27.64
N LEU B 89 -16.74 -20.21 -27.32
CA LEU B 89 -15.62 -19.31 -27.55
C LEU B 89 -14.43 -19.69 -26.67
N CYS B 90 -14.69 -20.07 -25.43
CA CYS B 90 -13.60 -20.46 -24.54
C CYS B 90 -12.84 -21.67 -25.07
N GLU B 91 -13.57 -22.66 -25.59
CA GLU B 91 -12.93 -23.86 -26.13
C GLU B 91 -12.05 -23.50 -27.30
N ILE B 92 -12.53 -22.64 -28.20
CA ILE B 92 -11.71 -22.25 -29.35
C ILE B 92 -10.48 -21.48 -28.83
N MET B 93 -10.69 -20.58 -27.86
CA MET B 93 -9.55 -19.81 -27.35
C MET B 93 -8.53 -20.72 -26.68
N ASN B 94 -9.02 -21.71 -25.94
CA ASN B 94 -8.15 -22.65 -25.26
C ASN B 94 -7.19 -23.32 -26.21
N GLN B 95 -7.60 -23.51 -27.46
CA GLN B 95 -6.72 -24.15 -28.43
C GLN B 95 -5.98 -23.19 -29.36
N LYS B 96 -6.49 -21.98 -29.55
CA LYS B 96 -5.84 -21.00 -30.43
C LYS B 96 -4.67 -20.31 -29.77
N VAL B 97 -4.79 -20.06 -28.47
CA VAL B 97 -3.73 -19.40 -27.71
C VAL B 97 -2.55 -20.36 -27.56
N PRO B 98 -1.34 -19.93 -27.92
CA PRO B 98 -0.15 -20.78 -27.82
C PRO B 98 0.07 -21.46 -26.47
N GLY B 99 0.43 -22.75 -26.52
CA GLY B 99 0.68 -23.53 -25.31
C GLY B 99 0.30 -24.98 -25.51
N ASP B 100 1.23 -25.92 -25.32
CA ASP B 100 0.90 -27.33 -25.53
C ASP B 100 0.12 -27.97 -24.37
N PHE B 101 -0.09 -27.22 -23.30
CA PHE B 101 -0.81 -27.71 -22.14
C PHE B 101 -2.30 -27.34 -22.23
N ALA B 102 -3.10 -27.92 -21.36
CA ALA B 102 -4.52 -27.62 -21.31
C ALA B 102 -4.68 -26.20 -20.77
N LYS B 103 -5.59 -25.45 -21.37
CA LYS B 103 -5.81 -24.10 -20.92
C LYS B 103 -7.28 -23.90 -20.64
N LYS B 104 -7.59 -22.86 -19.88
CA LYS B 104 -8.97 -22.53 -19.60
C LYS B 104 -9.09 -21.05 -19.90
N THR B 105 -10.31 -20.63 -20.24
CA THR B 105 -10.54 -19.24 -20.57
C THR B 105 -11.63 -18.61 -19.73
N LEU B 106 -11.36 -17.39 -19.30
CA LEU B 106 -12.35 -16.63 -18.54
C LEU B 106 -12.74 -15.51 -19.50
N LEU B 107 -14.01 -15.16 -19.53
CA LEU B 107 -14.44 -14.08 -20.41
C LEU B 107 -14.91 -12.92 -19.56
N VAL B 108 -14.41 -11.73 -19.87
CA VAL B 108 -14.84 -10.54 -19.15
C VAL B 108 -15.30 -9.57 -20.22
N THR B 109 -15.22 -8.27 -19.96
CA THR B 109 -15.69 -7.33 -20.95
C THR B 109 -14.65 -6.37 -21.55
N THR B 110 -13.77 -5.81 -20.72
CA THR B 110 -12.76 -4.88 -21.22
C THR B 110 -11.33 -5.34 -20.98
N GLY B 111 -10.41 -4.85 -21.83
CA GLY B 111 -9.01 -5.20 -21.72
C GLY B 111 -8.48 -4.95 -20.32
N SER B 112 -8.99 -3.91 -19.67
CA SER B 112 -8.58 -3.56 -18.31
C SER B 112 -8.98 -4.66 -17.34
N GLU B 113 -10.20 -5.20 -17.51
CA GLU B 113 -10.68 -6.28 -16.66
C GLU B 113 -9.84 -7.51 -16.89
N ALA B 114 -9.48 -7.74 -18.14
CA ALA B 114 -8.66 -8.90 -18.46
C ALA B 114 -7.39 -8.85 -17.64
N VAL B 115 -6.57 -7.84 -17.90
CA VAL B 115 -5.31 -7.73 -17.17
C VAL B 115 -5.56 -7.79 -15.68
N GLU B 116 -6.61 -7.12 -15.21
CA GLU B 116 -6.92 -7.15 -13.80
C GLU B 116 -7.09 -8.61 -13.38
N ASN B 117 -7.95 -9.33 -14.10
CA ASN B 117 -8.21 -10.73 -13.76
C ASN B 117 -7.00 -11.67 -13.92
N ALA B 118 -6.20 -11.43 -14.95
CA ALA B 118 -5.00 -12.22 -15.20
C ALA B 118 -4.12 -12.19 -13.97
N VAL B 119 -3.99 -11.00 -13.38
CA VAL B 119 -3.18 -10.80 -12.18
C VAL B 119 -3.78 -11.47 -10.95
N LYS B 120 -5.09 -11.38 -10.77
CA LYS B 120 -5.74 -12.01 -9.63
C LYS B 120 -5.48 -13.52 -9.68
N ILE B 121 -5.60 -14.07 -10.88
CA ILE B 121 -5.38 -15.49 -11.08
C ILE B 121 -3.93 -15.88 -10.78
N ALA B 122 -2.97 -15.09 -11.28
CA ALA B 122 -1.57 -15.35 -11.00
C ALA B 122 -1.32 -15.29 -9.47
N ARG B 123 -1.97 -14.33 -8.82
CA ARG B 123 -1.79 -14.18 -7.39
C ARG B 123 -2.28 -15.38 -6.57
N ALA B 124 -3.46 -15.88 -6.92
CA ALA B 124 -4.02 -17.04 -6.22
C ALA B 124 -3.17 -18.30 -6.47
N ALA B 125 -2.68 -18.44 -7.68
CA ALA B 125 -1.90 -19.59 -8.07
C ALA B 125 -0.54 -19.70 -7.40
N THR B 126 0.16 -18.58 -7.29
CA THR B 126 1.49 -18.56 -6.70
C THR B 126 1.43 -18.21 -5.23
N LYS B 127 0.30 -17.66 -4.82
CA LYS B 127 0.11 -17.21 -3.46
C LYS B 127 1.12 -16.10 -3.14
N ARG B 128 1.32 -15.24 -4.13
CA ARG B 128 2.22 -14.10 -4.03
C ARG B 128 1.41 -12.83 -4.39
N SER B 129 1.87 -11.66 -3.98
CA SER B 129 1.13 -10.43 -4.23
C SER B 129 1.74 -9.44 -5.21
N GLY B 130 3.06 -9.51 -5.39
CA GLY B 130 3.73 -8.57 -6.27
C GLY B 130 3.65 -8.85 -7.75
N THR B 131 3.87 -7.83 -8.56
CA THR B 131 3.84 -7.97 -10.00
C THR B 131 4.89 -7.03 -10.58
N ILE B 132 5.43 -7.40 -11.73
CA ILE B 132 6.44 -6.60 -12.43
C ILE B 132 5.86 -6.24 -13.78
N ALA B 133 6.12 -5.01 -14.24
CA ALA B 133 5.65 -4.54 -15.54
C ALA B 133 6.79 -3.74 -16.18
N PHE B 134 6.64 -3.40 -17.45
CA PHE B 134 7.70 -2.67 -18.12
C PHE B 134 7.45 -1.19 -18.37
N SER B 135 8.55 -0.47 -18.58
CA SER B 135 8.51 0.95 -18.86
C SER B 135 7.77 1.17 -20.16
N GLY B 136 6.98 2.23 -20.21
CA GLY B 136 6.24 2.57 -21.41
C GLY B 136 5.07 1.64 -21.71
N ALA B 137 4.83 0.70 -20.82
CA ALA B 137 3.74 -0.25 -21.02
C ALA B 137 2.38 0.39 -20.76
N TYR B 138 1.34 -0.21 -21.33
CA TYR B 138 -0.02 0.26 -21.12
C TYR B 138 -0.93 -0.95 -20.85
N HIS B 139 -1.63 -0.95 -19.72
CA HIS B 139 -2.49 -2.08 -19.38
C HIS B 139 -3.92 -1.78 -18.97
N GLY B 140 -4.35 -0.52 -19.03
CA GLY B 140 -5.71 -0.20 -18.65
C GLY B 140 -5.80 1.00 -17.72
N ARG B 141 -7.03 1.48 -17.49
CA ARG B 141 -7.24 2.65 -16.65
C ARG B 141 -7.90 2.43 -15.29
N THR B 142 -7.89 1.20 -14.77
CA THR B 142 -8.44 0.99 -13.44
C THR B 142 -7.27 1.31 -12.52
N HIS B 143 -7.53 1.50 -11.24
CA HIS B 143 -6.42 1.83 -10.34
C HIS B 143 -5.23 0.92 -10.54
N TYR B 144 -5.44 -0.38 -10.35
CA TYR B 144 -4.36 -1.33 -10.46
C TYR B 144 -3.73 -1.35 -11.84
N THR B 145 -4.53 -1.28 -12.90
CA THR B 145 -3.95 -1.31 -14.23
C THR B 145 -3.20 -0.02 -14.54
N LEU B 146 -3.55 1.06 -13.84
CA LEU B 146 -2.83 2.32 -14.04
C LEU B 146 -1.45 2.14 -13.41
N ALA B 147 -1.39 1.45 -12.28
CA ALA B 147 -0.10 1.19 -11.65
C ALA B 147 0.74 0.29 -12.57
N LEU B 148 0.11 -0.67 -13.26
CA LEU B 148 0.86 -1.53 -14.17
C LEU B 148 1.38 -0.73 -15.36
N THR B 149 0.55 0.19 -15.82
CA THR B 149 0.84 1.07 -16.95
C THR B 149 2.05 1.97 -16.66
N GLY B 150 3.03 1.95 -17.57
CA GLY B 150 4.24 2.74 -17.42
C GLY B 150 4.11 4.14 -17.98
N LYS B 151 3.16 4.90 -17.45
CA LYS B 151 2.91 6.28 -17.90
C LYS B 151 1.96 6.94 -16.92
N VAL B 152 2.49 7.84 -16.11
CA VAL B 152 1.69 8.54 -15.12
C VAL B 152 0.80 9.61 -15.74
N ASN B 153 1.35 10.39 -16.66
CA ASN B 153 0.59 11.47 -17.28
C ASN B 153 0.06 11.14 -18.67
N PRO B 154 -1.23 11.45 -18.92
CA PRO B 154 -2.19 12.06 -18.00
C PRO B 154 -3.10 11.04 -17.29
N TYR B 155 -2.94 9.77 -17.63
CA TYR B 155 -3.73 8.67 -17.07
C TYR B 155 -4.03 8.69 -15.57
N SER B 156 -3.28 9.45 -14.77
CA SER B 156 -3.53 9.50 -13.32
C SER B 156 -3.07 10.77 -12.61
N ALA B 157 -2.98 11.88 -13.35
CA ALA B 157 -2.57 13.16 -12.78
C ALA B 157 -3.58 13.71 -11.78
N GLY B 158 -3.08 14.40 -10.76
CA GLY B 158 -3.93 14.97 -9.74
C GLY B 158 -4.55 13.96 -8.79
N MET B 159 -4.56 12.71 -9.22
CA MET B 159 -5.14 11.60 -8.45
C MET B 159 -4.31 11.13 -7.26
N GLY B 160 -2.99 11.25 -7.39
CA GLY B 160 -2.11 10.79 -6.31
C GLY B 160 -1.50 9.48 -6.73
N LEU B 161 -0.84 8.81 -5.79
CA LEU B 161 -0.17 7.55 -6.10
C LEU B 161 -1.11 6.36 -6.23
N MET B 162 -0.88 5.59 -7.28
CA MET B 162 -1.67 4.39 -7.55
C MET B 162 -1.18 3.23 -6.66
N PRO B 163 -1.93 2.12 -6.60
CA PRO B 163 -1.58 0.95 -5.78
C PRO B 163 -0.13 0.51 -5.90
N GLY B 164 0.51 0.22 -4.78
CA GLY B 164 1.90 -0.20 -4.83
C GLY B 164 2.14 -1.67 -5.12
N HIS B 165 3.35 -2.12 -4.80
CA HIS B 165 3.72 -3.50 -5.01
C HIS B 165 3.59 -3.91 -6.47
N VAL B 166 4.05 -2.99 -7.31
CA VAL B 166 4.12 -3.13 -8.75
C VAL B 166 5.51 -2.56 -9.00
N TYR B 167 6.42 -3.37 -9.55
CA TYR B 167 7.77 -2.91 -9.79
C TYR B 167 8.03 -2.76 -11.29
N ARG B 168 8.90 -1.81 -11.62
CA ARG B 168 9.16 -1.47 -13.00
C ARG B 168 10.44 -2.04 -13.58
N ALA B 169 10.29 -2.69 -14.73
CA ALA B 169 11.44 -3.25 -15.41
C ALA B 169 11.56 -2.48 -16.69
N LEU B 170 12.72 -2.55 -17.34
CA LEU B 170 12.96 -1.84 -18.60
C LEU B 170 12.58 -2.67 -19.84
N TYR B 171 11.74 -2.13 -20.70
CA TYR B 171 11.36 -2.85 -21.91
C TYR B 171 12.56 -2.77 -22.84
N PRO B 172 12.93 -3.91 -23.46
CA PRO B 172 14.09 -3.87 -24.37
C PRO B 172 13.85 -3.00 -25.58
N CYS B 173 14.81 -2.14 -25.88
CA CYS B 173 14.69 -1.24 -27.03
C CYS B 173 16.01 -0.62 -27.42
N PRO B 174 16.85 -1.37 -28.17
CA PRO B 174 18.15 -0.89 -28.62
C PRO B 174 18.07 0.46 -29.33
N LEU B 175 17.03 0.65 -30.13
CA LEU B 175 16.82 1.90 -30.86
C LEU B 175 16.97 3.12 -29.95
N HIS B 176 16.85 2.90 -28.63
CA HIS B 176 16.97 3.97 -27.67
C HIS B 176 17.87 3.62 -26.48
N GLY B 177 18.88 2.79 -26.73
CA GLY B 177 19.82 2.44 -25.68
C GLY B 177 19.57 1.26 -24.75
N ILE B 178 18.33 0.82 -24.63
CA ILE B 178 18.04 -0.30 -23.74
C ILE B 178 18.27 -1.66 -24.40
N SER B 179 19.32 -2.36 -23.97
CA SER B 179 19.64 -3.66 -24.55
C SER B 179 18.82 -4.76 -23.90
N GLU B 180 18.91 -5.96 -24.47
CA GLU B 180 18.17 -7.08 -23.92
C GLU B 180 18.79 -7.45 -22.58
N ASP B 181 20.10 -7.30 -22.48
CA ASP B 181 20.80 -7.59 -21.23
C ASP B 181 20.34 -6.60 -20.17
N ASP B 182 20.19 -5.33 -20.55
CA ASP B 182 19.76 -4.32 -19.59
C ASP B 182 18.38 -4.64 -19.05
N ALA B 183 17.48 -5.03 -19.95
CA ALA B 183 16.13 -5.37 -19.55
C ALA B 183 16.17 -6.53 -18.56
N ILE B 184 16.89 -7.59 -18.90
CA ILE B 184 16.97 -8.73 -18.00
C ILE B 184 17.62 -8.27 -16.70
N ALA B 185 18.64 -7.43 -16.81
CA ALA B 185 19.31 -6.94 -15.61
C ALA B 185 18.32 -6.16 -14.71
N SER B 186 17.49 -5.33 -15.31
CA SER B 186 16.51 -4.55 -14.55
C SER B 186 15.58 -5.42 -13.70
N ILE B 187 15.32 -6.65 -14.15
CA ILE B 187 14.44 -7.56 -13.39
C ILE B 187 15.17 -8.16 -12.19
N HIS B 188 16.43 -8.52 -12.39
CA HIS B 188 17.22 -9.07 -11.29
C HIS B 188 17.37 -7.98 -10.24
N ARG B 189 17.61 -6.77 -10.71
CA ARG B 189 17.74 -5.61 -9.84
C ARG B 189 16.55 -5.55 -8.91
N ILE B 190 15.36 -5.68 -9.46
CA ILE B 190 14.15 -5.65 -8.65
C ILE B 190 14.19 -6.77 -7.63
N PHE B 191 14.63 -7.95 -8.08
CA PHE B 191 14.72 -9.12 -7.20
C PHE B 191 15.67 -8.84 -6.06
N LYS B 192 16.77 -8.18 -6.37
CA LYS B 192 17.77 -7.88 -5.34
C LYS B 192 17.47 -6.66 -4.47
N ASN B 193 16.81 -5.65 -5.04
CA ASN B 193 16.52 -4.44 -4.29
C ASN B 193 15.15 -4.23 -3.65
N ASP B 194 14.07 -4.58 -4.37
CA ASP B 194 12.74 -4.31 -3.84
C ASP B 194 11.75 -5.42 -3.59
N ALA B 195 11.82 -6.50 -4.36
CA ALA B 195 10.88 -7.58 -4.21
C ALA B 195 11.44 -8.90 -4.69
N ALA B 196 11.65 -9.81 -3.73
CA ALA B 196 12.20 -11.12 -4.02
C ALA B 196 11.31 -11.93 -4.94
N PRO B 197 11.90 -12.80 -5.77
CA PRO B 197 11.16 -13.65 -6.69
C PRO B 197 9.95 -14.33 -6.03
N GLU B 198 10.12 -14.80 -4.79
CA GLU B 198 9.04 -15.48 -4.07
C GLU B 198 7.88 -14.56 -3.65
N ASP B 199 7.99 -13.26 -3.90
CA ASP B 199 6.91 -12.34 -3.55
C ASP B 199 6.30 -11.77 -4.84
N ILE B 200 6.79 -12.29 -5.96
CA ILE B 200 6.32 -11.88 -7.27
C ILE B 200 5.45 -12.96 -7.92
N ALA B 201 4.18 -12.63 -8.11
CA ALA B 201 3.21 -13.53 -8.71
C ALA B 201 3.33 -13.59 -10.22
N ALA B 202 3.66 -12.46 -10.84
CA ALA B 202 3.75 -12.41 -12.30
C ALA B 202 4.58 -11.28 -12.91
N ILE B 203 4.93 -11.47 -14.17
CA ILE B 203 5.64 -10.46 -14.96
C ILE B 203 4.68 -10.23 -16.12
N VAL B 204 4.15 -9.01 -16.22
CA VAL B 204 3.18 -8.64 -17.27
C VAL B 204 3.94 -7.97 -18.39
N ILE B 205 3.65 -8.37 -19.63
CA ILE B 205 4.36 -7.79 -20.74
C ILE B 205 3.61 -7.89 -22.04
N GLU B 206 3.78 -6.84 -22.85
CA GLU B 206 3.20 -6.74 -24.16
C GLU B 206 4.23 -7.30 -25.14
N PRO B 207 3.88 -8.34 -25.91
CA PRO B 207 4.83 -8.90 -26.86
C PRO B 207 5.28 -7.77 -27.79
N VAL B 208 4.35 -6.87 -28.06
CA VAL B 208 4.57 -5.69 -28.90
C VAL B 208 3.81 -4.58 -28.21
N GLN B 209 4.53 -3.62 -27.62
CA GLN B 209 3.87 -2.52 -26.93
C GLN B 209 3.08 -1.70 -27.92
N GLY B 210 1.84 -1.39 -27.58
CA GLY B 210 0.97 -0.62 -28.44
C GLY B 210 1.13 0.86 -28.13
N SER B 211 0.55 1.27 -27.00
CA SER B 211 0.63 2.65 -26.55
C SER B 211 2.09 3.06 -26.37
N GLY B 212 2.93 2.08 -26.07
CA GLY B 212 4.34 2.35 -25.86
C GLY B 212 5.11 2.80 -27.10
N GLY B 213 4.54 2.59 -28.27
CA GLY B 213 5.22 3.00 -29.49
C GLY B 213 5.50 1.90 -30.50
N PHE B 214 4.80 0.76 -30.36
CA PHE B 214 4.98 -0.37 -31.27
C PHE B 214 6.38 -0.95 -31.33
N TYR B 215 6.99 -1.15 -30.16
CA TYR B 215 8.31 -1.75 -30.05
C TYR B 215 8.11 -3.25 -29.82
N ALA B 216 8.70 -4.07 -30.68
CA ALA B 216 8.54 -5.52 -30.54
C ALA B 216 9.62 -6.21 -29.73
N SER B 217 9.21 -7.21 -28.97
CA SER B 217 10.16 -7.97 -28.19
C SER B 217 10.70 -9.05 -29.11
N SER B 218 11.96 -9.41 -28.97
CA SER B 218 12.53 -10.44 -29.82
C SER B 218 12.31 -11.80 -29.16
N PRO B 219 12.33 -12.88 -29.98
CA PRO B 219 12.14 -14.25 -29.48
C PRO B 219 13.19 -14.58 -28.42
N ALA B 220 14.42 -14.18 -28.70
CA ALA B 220 15.52 -14.43 -27.78
C ALA B 220 15.23 -13.81 -26.43
N PHE B 221 14.82 -12.53 -26.43
CA PHE B 221 14.54 -11.87 -25.17
C PHE B 221 13.41 -12.54 -24.42
N MET B 222 12.34 -12.84 -25.15
CA MET B 222 11.15 -13.46 -24.57
C MET B 222 11.47 -14.83 -24.00
N GLN B 223 12.44 -15.50 -24.61
CA GLN B 223 12.85 -16.82 -24.15
C GLN B 223 13.59 -16.69 -22.84
N ARG B 224 14.44 -15.67 -22.70
CA ARG B 224 15.17 -15.49 -21.43
C ARG B 224 14.17 -15.13 -20.34
N LEU B 225 13.12 -14.41 -20.74
CA LEU B 225 12.10 -14.01 -19.80
C LEU B 225 11.34 -15.25 -19.35
N ARG B 226 11.02 -16.12 -20.32
CA ARG B 226 10.32 -17.36 -20.03
C ARG B 226 11.12 -18.19 -19.03
N ALA B 227 12.40 -18.39 -19.33
CA ALA B 227 13.27 -19.18 -18.47
C ALA B 227 13.34 -18.59 -17.08
N LEU B 228 13.44 -17.26 -17.02
CA LEU B 228 13.53 -16.59 -15.74
C LEU B 228 12.27 -16.82 -14.89
N CYS B 229 11.09 -16.75 -15.49
CA CYS B 229 9.88 -16.99 -14.70
C CYS B 229 9.84 -18.46 -14.26
N ASP B 230 10.22 -19.36 -15.17
CA ASP B 230 10.23 -20.80 -14.86
C ASP B 230 11.08 -21.08 -13.64
N GLU B 231 12.24 -20.44 -13.59
CA GLU B 231 13.17 -20.63 -12.48
C GLU B 231 12.60 -20.18 -11.14
N HIS B 232 11.69 -19.21 -11.15
CA HIS B 232 11.14 -18.71 -9.89
C HIS B 232 9.65 -18.94 -9.62
N GLY B 233 9.01 -19.73 -10.46
CA GLY B 233 7.60 -20.01 -10.26
C GLY B 233 6.72 -18.79 -10.48
N ILE B 234 7.23 -17.86 -11.30
CA ILE B 234 6.51 -16.63 -11.59
C ILE B 234 5.66 -16.81 -12.85
N MET B 235 4.40 -16.42 -12.79
CA MET B 235 3.54 -16.52 -13.96
C MET B 235 3.96 -15.46 -14.97
N LEU B 236 4.09 -15.87 -16.23
CA LEU B 236 4.42 -14.92 -17.29
C LEU B 236 3.10 -14.56 -17.95
N ILE B 237 2.67 -13.30 -17.80
CA ILE B 237 1.42 -12.85 -18.41
C ILE B 237 1.69 -12.05 -19.67
N ALA B 238 1.06 -12.45 -20.77
CA ALA B 238 1.22 -11.76 -22.04
C ALA B 238 -0.05 -10.96 -22.31
N ASP B 239 0.12 -9.65 -22.42
CA ASP B 239 -1.01 -8.76 -22.67
C ASP B 239 -1.13 -8.59 -24.17
N GLU B 240 -2.00 -9.39 -24.78
CA GLU B 240 -2.19 -9.33 -26.22
C GLU B 240 -3.51 -8.64 -26.56
N VAL B 241 -3.94 -7.76 -25.64
CA VAL B 241 -5.16 -7.01 -25.86
C VAL B 241 -5.08 -6.30 -27.22
N GLN B 242 -3.93 -5.68 -27.49
CA GLN B 242 -3.74 -4.99 -28.75
C GLN B 242 -2.96 -5.82 -29.78
N SER B 243 -1.86 -6.44 -29.35
CA SER B 243 -1.10 -7.26 -30.29
C SER B 243 -1.85 -8.54 -30.67
N GLY B 244 -2.86 -8.91 -29.90
CA GLY B 244 -3.59 -10.12 -30.22
C GLY B 244 -4.57 -9.98 -31.38
N ALA B 245 -5.27 -11.07 -31.66
CA ALA B 245 -6.26 -11.09 -32.74
C ALA B 245 -5.70 -10.88 -34.13
N GLY B 246 -4.58 -11.52 -34.44
CA GLY B 246 -4.01 -11.43 -35.77
C GLY B 246 -3.28 -10.20 -36.26
N ARG B 247 -3.15 -9.18 -35.42
CA ARG B 247 -2.47 -7.97 -35.87
C ARG B 247 -1.01 -8.16 -36.30
N THR B 248 -0.29 -9.07 -35.65
CA THR B 248 1.13 -9.27 -35.97
C THR B 248 1.49 -10.30 -37.03
N GLY B 249 0.51 -10.90 -37.70
CA GLY B 249 0.83 -11.89 -38.73
C GLY B 249 0.41 -13.30 -38.33
N THR B 250 0.28 -13.50 -37.01
CA THR B 250 -0.15 -14.77 -36.43
C THR B 250 -1.29 -14.34 -35.51
N LEU B 251 -2.15 -15.26 -35.08
CA LEU B 251 -3.26 -14.86 -34.22
C LEU B 251 -2.76 -14.15 -32.97
N PHE B 252 -1.76 -14.72 -32.31
CA PHE B 252 -1.15 -14.10 -31.13
C PHE B 252 0.33 -13.90 -31.35
N ALA B 253 0.82 -12.71 -31.01
CA ALA B 253 2.23 -12.39 -31.22
C ALA B 253 3.17 -13.39 -30.57
N MET B 254 2.79 -13.93 -29.41
CA MET B 254 3.65 -14.90 -28.74
C MET B 254 4.00 -16.09 -29.64
N GLU B 255 3.10 -16.45 -30.54
CA GLU B 255 3.37 -17.58 -31.44
C GLU B 255 4.71 -17.36 -32.17
N GLN B 256 5.00 -16.11 -32.49
CA GLN B 256 6.24 -15.77 -33.19
C GLN B 256 7.42 -15.61 -32.23
N MET B 257 7.19 -15.82 -30.94
CA MET B 257 8.26 -15.67 -29.96
C MET B 257 9.02 -16.95 -29.63
N GLY B 258 8.37 -18.09 -29.80
CA GLY B 258 9.05 -19.35 -29.51
C GLY B 258 8.75 -19.94 -28.15
N VAL B 259 7.93 -19.24 -27.36
CA VAL B 259 7.59 -19.74 -26.04
C VAL B 259 6.13 -19.41 -25.75
N ALA B 260 5.57 -20.09 -24.77
CA ALA B 260 4.19 -19.86 -24.39
C ALA B 260 4.15 -19.16 -23.04
N PRO B 261 3.14 -18.31 -22.83
CA PRO B 261 3.03 -17.62 -21.55
C PRO B 261 2.19 -18.52 -20.69
N ASP B 262 2.01 -18.15 -19.43
CA ASP B 262 1.18 -18.92 -18.53
C ASP B 262 -0.24 -18.39 -18.62
N LEU B 263 -0.36 -17.11 -19.00
CA LEU B 263 -1.64 -16.43 -19.13
C LEU B 263 -1.56 -15.43 -20.29
N THR B 264 -2.69 -15.22 -20.95
CA THR B 264 -2.78 -14.28 -22.05
C THR B 264 -4.09 -13.47 -21.95
N THR B 265 -4.00 -12.16 -22.13
CA THR B 265 -5.21 -11.34 -22.07
C THR B 265 -5.54 -10.92 -23.50
N PHE B 266 -6.81 -10.95 -23.85
CA PHE B 266 -7.22 -10.58 -25.18
C PHE B 266 -8.45 -9.71 -25.14
N ALA B 267 -8.64 -8.93 -26.19
CA ALA B 267 -9.78 -8.01 -26.28
C ALA B 267 -9.85 -7.40 -27.69
N LYS B 268 -10.22 -6.12 -27.75
CA LYS B 268 -10.32 -5.39 -29.01
C LYS B 268 -10.87 -6.15 -30.21
N SER B 269 -10.02 -6.42 -31.19
CA SER B 269 -10.42 -7.12 -32.42
C SER B 269 -10.89 -8.55 -32.29
N ILE B 270 -10.82 -9.11 -31.10
CA ILE B 270 -11.30 -10.47 -30.93
C ILE B 270 -12.79 -10.54 -31.29
N ALA B 271 -13.54 -9.48 -31.00
CA ALA B 271 -14.97 -9.46 -31.27
C ALA B 271 -15.35 -8.50 -32.40
N GLY B 272 -14.34 -7.98 -33.08
CA GLY B 272 -14.58 -7.08 -34.19
C GLY B 272 -15.56 -5.94 -33.99
N GLY B 273 -15.52 -5.29 -32.84
CA GLY B 273 -16.41 -4.16 -32.63
C GLY B 273 -17.52 -4.31 -31.61
N PHE B 274 -17.40 -5.31 -30.73
CA PHE B 274 -18.39 -5.53 -29.68
C PHE B 274 -17.65 -5.74 -28.36
N PRO B 275 -18.19 -5.25 -27.24
CA PRO B 275 -17.57 -5.37 -25.92
C PRO B 275 -17.28 -6.78 -25.41
N LEU B 276 -16.03 -7.19 -25.51
CA LEU B 276 -15.62 -8.50 -25.05
C LEU B 276 -14.13 -8.56 -24.79
N ALA B 277 -13.75 -9.24 -23.71
CA ALA B 277 -12.34 -9.41 -23.37
C ALA B 277 -12.21 -10.76 -22.65
N GLY B 278 -10.98 -11.16 -22.37
CA GLY B 278 -10.79 -12.42 -21.68
C GLY B 278 -9.38 -12.73 -21.27
N VAL B 279 -9.24 -13.87 -20.59
CA VAL B 279 -7.97 -14.37 -20.12
C VAL B 279 -7.94 -15.86 -20.40
N THR B 280 -6.87 -16.30 -21.06
CA THR B 280 -6.66 -17.70 -21.40
C THR B 280 -5.30 -18.12 -20.82
N GLY B 281 -5.29 -19.15 -19.99
CA GLY B 281 -4.05 -19.59 -19.41
C GLY B 281 -4.02 -21.02 -18.93
N ARG B 282 -2.84 -21.45 -18.49
CA ARG B 282 -2.61 -22.79 -17.97
C ARG B 282 -3.85 -23.12 -17.14
N ALA B 283 -4.46 -24.27 -17.43
CA ALA B 283 -5.67 -24.67 -16.74
C ALA B 283 -5.62 -24.69 -15.22
N GLU B 284 -4.55 -25.25 -14.66
CA GLU B 284 -4.41 -25.35 -13.21
C GLU B 284 -4.17 -23.99 -12.60
N VAL B 285 -3.57 -23.08 -13.37
CA VAL B 285 -3.36 -21.73 -12.88
C VAL B 285 -4.73 -21.06 -12.83
N MET B 286 -5.46 -21.15 -13.93
CA MET B 286 -6.79 -20.58 -14.03
C MET B 286 -7.71 -21.10 -12.94
N ASP B 287 -7.51 -22.34 -12.50
CA ASP B 287 -8.39 -22.91 -11.48
C ASP B 287 -7.99 -22.68 -10.04
N ALA B 288 -6.93 -21.89 -9.84
CA ALA B 288 -6.46 -21.58 -8.50
C ALA B 288 -7.48 -20.72 -7.77
N VAL B 289 -8.28 -19.97 -8.51
CA VAL B 289 -9.27 -19.12 -7.87
C VAL B 289 -10.45 -19.96 -7.44
N ALA B 290 -10.81 -19.85 -6.16
CA ALA B 290 -11.92 -20.60 -5.62
C ALA B 290 -13.17 -20.20 -6.40
N PRO B 291 -14.15 -21.11 -6.49
CA PRO B 291 -15.39 -20.79 -7.21
C PRO B 291 -16.12 -19.63 -6.57
N GLY B 292 -16.60 -18.70 -7.41
CA GLY B 292 -17.31 -17.54 -6.91
C GLY B 292 -16.38 -16.32 -6.88
N GLY B 293 -15.09 -16.57 -7.11
CA GLY B 293 -14.12 -15.50 -7.09
C GLY B 293 -13.91 -14.83 -8.42
N LEU B 294 -14.57 -15.32 -9.46
CA LEU B 294 -14.44 -14.72 -10.78
C LEU B 294 -15.82 -14.40 -11.31
N GLY B 295 -16.06 -13.11 -11.57
CA GLY B 295 -17.36 -12.69 -12.07
C GLY B 295 -17.36 -11.42 -12.88
N GLY B 296 -18.53 -10.80 -12.97
CA GLY B 296 -18.71 -9.59 -13.74
C GLY B 296 -20.02 -9.69 -14.48
N THR B 297 -20.94 -8.79 -14.13
CA THR B 297 -22.26 -8.76 -14.75
C THR B 297 -22.31 -9.01 -16.26
N TYR B 298 -21.67 -8.15 -17.04
CA TYR B 298 -21.68 -8.26 -18.50
C TYR B 298 -20.71 -9.29 -19.08
N ALA B 299 -19.81 -9.79 -18.25
CA ALA B 299 -18.81 -10.77 -18.65
C ALA B 299 -19.18 -11.74 -19.78
N GLY B 300 -18.36 -11.74 -20.83
CA GLY B 300 -18.60 -12.62 -21.96
C GLY B 300 -20.00 -12.51 -22.48
N ASN B 301 -20.40 -11.29 -22.80
CA ASN B 301 -21.71 -11.02 -23.32
C ASN B 301 -22.05 -11.89 -24.53
N PRO B 302 -23.28 -12.42 -24.59
CA PRO B 302 -23.80 -13.29 -25.66
C PRO B 302 -23.60 -12.80 -27.09
N ILE B 303 -24.04 -11.59 -27.38
CA ILE B 303 -23.90 -11.03 -28.71
C ILE B 303 -22.42 -10.97 -29.08
N ALA B 304 -21.60 -10.43 -28.18
CA ALA B 304 -20.17 -10.31 -28.43
C ALA B 304 -19.49 -11.66 -28.64
N CYS B 305 -19.92 -12.67 -27.89
CA CYS B 305 -19.35 -14.01 -28.02
C CYS B 305 -19.56 -14.53 -29.44
N VAL B 306 -20.81 -14.47 -29.91
CA VAL B 306 -21.08 -14.96 -31.26
C VAL B 306 -20.30 -14.14 -32.27
N ALA B 307 -20.09 -12.86 -31.97
CA ALA B 307 -19.34 -11.99 -32.86
C ALA B 307 -17.89 -12.49 -32.92
N ALA B 308 -17.32 -12.83 -31.77
CA ALA B 308 -15.94 -13.31 -31.75
C ALA B 308 -15.85 -14.63 -32.53
N LEU B 309 -16.77 -15.56 -32.26
CA LEU B 309 -16.75 -16.83 -32.96
C LEU B 309 -16.77 -16.62 -34.47
N GLU B 310 -17.57 -15.68 -34.94
CA GLU B 310 -17.64 -15.42 -36.36
C GLU B 310 -16.35 -14.76 -36.85
N VAL B 311 -15.80 -13.87 -36.05
CA VAL B 311 -14.57 -13.18 -36.40
C VAL B 311 -13.46 -14.21 -36.61
N LEU B 312 -13.34 -15.15 -35.69
CA LEU B 312 -12.32 -16.17 -35.81
C LEU B 312 -12.55 -16.98 -37.09
N LYS B 313 -13.80 -17.24 -37.42
CA LYS B 313 -14.08 -17.98 -38.64
C LYS B 313 -13.70 -17.13 -39.84
N VAL B 314 -14.02 -15.83 -39.77
CA VAL B 314 -13.70 -14.92 -40.86
C VAL B 314 -12.20 -14.88 -41.10
N PHE B 315 -11.40 -14.94 -40.04
CA PHE B 315 -9.95 -14.92 -40.20
C PHE B 315 -9.49 -16.09 -41.05
N GLU B 316 -10.12 -17.24 -40.85
CA GLU B 316 -9.76 -18.45 -41.58
C GLU B 316 -10.21 -18.41 -43.03
N GLN B 317 -11.51 -18.26 -43.26
CA GLN B 317 -12.02 -18.24 -44.62
C GLN B 317 -11.54 -17.08 -45.48
N GLU B 318 -11.10 -15.99 -44.86
CA GLU B 318 -10.62 -14.86 -45.66
C GLU B 318 -9.10 -14.68 -45.63
N ASN B 319 -8.39 -15.60 -44.98
CA ASN B 319 -6.94 -15.51 -44.90
C ASN B 319 -6.41 -14.19 -44.37
N LEU B 320 -7.00 -13.69 -43.30
CA LEU B 320 -6.56 -12.43 -42.72
C LEU B 320 -5.12 -12.41 -42.22
N LEU B 321 -4.67 -13.49 -41.58
CA LEU B 321 -3.30 -13.51 -41.08
C LEU B 321 -2.31 -13.28 -42.21
N GLN B 322 -2.57 -13.92 -43.34
CA GLN B 322 -1.70 -13.77 -44.51
C GLN B 322 -1.79 -12.37 -45.07
N LYS B 323 -3.01 -11.85 -45.19
CA LYS B 323 -3.21 -10.50 -45.68
C LYS B 323 -2.52 -9.53 -44.75
N ALA B 324 -2.63 -9.78 -43.45
CA ALA B 324 -2.01 -8.95 -42.44
C ALA B 324 -0.53 -8.76 -42.73
N ASN B 325 0.15 -9.82 -43.15
CA ASN B 325 1.56 -9.74 -43.46
C ASN B 325 1.81 -9.01 -44.76
N ASP B 326 0.94 -9.21 -45.75
CA ASP B 326 1.12 -8.52 -47.01
C ASP B 326 0.89 -7.03 -46.84
N LEU B 327 -0.14 -6.69 -46.09
CA LEU B 327 -0.48 -5.30 -45.80
C LEU B 327 0.69 -4.62 -45.11
N GLY B 328 1.29 -5.31 -44.14
CA GLY B 328 2.41 -4.74 -43.42
C GLY B 328 3.58 -4.43 -44.32
N GLN B 329 3.94 -5.38 -45.17
CA GLN B 329 5.05 -5.20 -46.09
C GLN B 329 4.82 -3.98 -46.99
N LYS B 330 3.67 -3.95 -47.63
CA LYS B 330 3.33 -2.84 -48.52
C LYS B 330 3.46 -1.51 -47.79
N LEU B 331 2.80 -1.40 -46.64
CA LEU B 331 2.87 -0.17 -45.86
C LEU B 331 4.31 0.18 -45.57
N LYS B 332 5.07 -0.79 -45.04
CA LYS B 332 6.46 -0.54 -44.71
C LYS B 332 7.30 -0.13 -45.92
N ASP B 333 6.99 -0.69 -47.09
CA ASP B 333 7.73 -0.33 -48.30
C ASP B 333 7.35 1.08 -48.72
N GLY B 334 6.06 1.37 -48.70
CA GLY B 334 5.58 2.68 -49.06
C GLY B 334 6.12 3.74 -48.11
N LEU B 335 6.12 3.43 -46.81
CA LEU B 335 6.62 4.37 -45.82
C LEU B 335 8.12 4.59 -45.96
N LEU B 336 8.87 3.51 -46.18
CA LEU B 336 10.31 3.64 -46.35
C LEU B 336 10.60 4.51 -47.57
N ALA B 337 9.62 4.62 -48.46
CA ALA B 337 9.76 5.43 -49.66
C ALA B 337 9.61 6.90 -49.30
N ILE B 338 8.51 7.24 -48.65
CA ILE B 338 8.27 8.61 -48.23
C ILE B 338 9.41 9.04 -47.30
N ALA B 339 10.12 8.07 -46.73
CA ALA B 339 11.21 8.35 -45.81
C ALA B 339 12.52 8.75 -46.48
N GLU B 340 12.51 8.81 -47.81
CA GLU B 340 13.71 9.18 -48.56
C GLU B 340 13.71 10.66 -48.95
N LYS B 341 12.58 11.32 -48.74
CA LYS B 341 12.44 12.74 -49.05
C LYS B 341 12.28 13.52 -47.75
N HIS B 342 12.13 12.79 -46.65
CA HIS B 342 11.95 13.41 -45.34
C HIS B 342 12.74 12.62 -44.30
N PRO B 343 13.84 13.22 -43.81
CA PRO B 343 14.68 12.56 -42.81
C PRO B 343 14.04 12.52 -41.42
N GLU B 344 12.87 13.15 -41.28
CA GLU B 344 12.18 13.17 -39.99
C GLU B 344 11.75 11.76 -39.59
N ILE B 345 11.44 10.95 -40.59
CA ILE B 345 11.05 9.57 -40.36
C ILE B 345 12.32 8.76 -40.07
N GLY B 346 12.68 8.68 -38.80
CA GLY B 346 13.88 7.97 -38.40
C GLY B 346 13.76 6.47 -38.28
N ASP B 347 12.54 5.96 -38.37
CA ASP B 347 12.35 4.51 -38.26
C ASP B 347 10.99 4.03 -38.76
N VAL B 348 11.01 2.91 -39.46
CA VAL B 348 9.81 2.29 -39.99
C VAL B 348 9.86 0.86 -39.45
N ARG B 349 8.94 0.52 -38.55
CA ARG B 349 8.94 -0.80 -37.94
C ARG B 349 7.57 -1.46 -37.84
N GLY B 350 7.58 -2.71 -37.38
CA GLY B 350 6.35 -3.45 -37.18
C GLY B 350 6.34 -4.90 -37.60
N LEU B 351 5.63 -5.72 -36.83
CA LEU B 351 5.45 -7.14 -37.12
C LEU B 351 4.08 -7.19 -37.79
N GLY B 352 3.97 -7.93 -38.89
CA GLY B 352 2.69 -8.02 -39.58
C GLY B 352 2.11 -6.65 -39.89
N ALA B 353 0.85 -6.45 -39.52
CA ALA B 353 0.17 -5.19 -39.77
C ALA B 353 0.26 -4.22 -38.60
N MET B 354 1.12 -4.52 -37.63
CA MET B 354 1.26 -3.60 -36.49
C MET B 354 2.45 -2.68 -36.83
N ILE B 355 2.15 -1.73 -37.71
CA ILE B 355 3.13 -0.79 -38.24
C ILE B 355 3.11 0.60 -37.63
N ALA B 356 4.29 1.14 -37.38
CA ALA B 356 4.43 2.47 -36.80
C ALA B 356 5.69 3.16 -37.29
N ILE B 357 5.65 4.49 -37.36
CA ILE B 357 6.82 5.26 -37.76
C ILE B 357 7.11 6.27 -36.66
N GLU B 358 8.39 6.39 -36.30
CA GLU B 358 8.80 7.32 -35.23
C GLU B 358 9.46 8.55 -35.85
N LEU B 359 8.93 9.72 -35.52
CA LEU B 359 9.46 10.96 -36.06
C LEU B 359 10.42 11.69 -35.13
N PHE B 360 11.63 11.91 -35.62
CA PHE B 360 12.65 12.62 -34.87
C PHE B 360 12.88 13.99 -35.53
N GLU B 361 13.50 14.90 -34.81
CA GLU B 361 13.79 16.22 -35.37
C GLU B 361 15.10 16.13 -36.14
N ASP B 362 15.08 16.59 -37.38
CA ASP B 362 16.27 16.54 -38.23
C ASP B 362 16.93 15.16 -38.13
N GLY B 363 16.10 14.12 -38.11
CA GLY B 363 16.62 12.77 -38.03
C GLY B 363 17.53 12.55 -36.84
N ASP B 364 17.37 13.35 -35.79
CA ASP B 364 18.19 13.22 -34.60
C ASP B 364 17.51 12.25 -33.63
N HIS B 365 18.06 11.05 -33.52
CA HIS B 365 17.52 10.01 -32.65
C HIS B 365 17.58 10.34 -31.16
N ASN B 366 17.39 11.62 -30.85
CA ASN B 366 17.36 12.13 -29.48
C ASN B 366 16.35 13.26 -29.39
N LYS B 367 15.97 13.77 -30.55
CA LYS B 367 15.00 14.85 -30.63
C LYS B 367 13.62 14.36 -31.06
N PRO B 368 12.83 13.83 -30.11
CA PRO B 368 11.50 13.35 -30.50
C PRO B 368 10.65 14.54 -30.95
N ASP B 369 10.20 14.53 -32.20
CA ASP B 369 9.40 15.62 -32.72
C ASP B 369 7.91 15.40 -32.55
N ALA B 370 7.40 15.66 -31.35
CA ALA B 370 5.98 15.49 -31.09
C ALA B 370 5.18 16.52 -31.89
N LYS B 371 5.79 17.67 -32.13
CA LYS B 371 5.13 18.76 -32.87
C LYS B 371 4.78 18.34 -34.30
N LEU B 372 5.73 17.73 -34.99
CA LEU B 372 5.52 17.28 -36.36
C LEU B 372 4.52 16.13 -36.36
N THR B 373 4.78 15.13 -35.53
CA THR B 373 3.92 13.96 -35.40
C THR B 373 2.48 14.41 -35.29
N ALA B 374 2.25 15.37 -34.39
CA ALA B 374 0.92 15.90 -34.16
C ALA B 374 0.41 16.67 -35.37
N GLU B 375 1.34 17.29 -36.10
CA GLU B 375 0.99 18.07 -37.29
C GLU B 375 0.57 17.19 -38.45
N ILE B 376 1.23 16.04 -38.58
CA ILE B 376 0.93 15.10 -39.65
C ILE B 376 -0.50 14.55 -39.51
N VAL B 377 -0.91 14.31 -38.27
CA VAL B 377 -2.25 13.78 -38.00
C VAL B 377 -3.31 14.78 -38.46
N ALA B 378 -3.10 16.05 -38.18
CA ALA B 378 -4.05 17.10 -38.55
C ALA B 378 -4.24 17.23 -40.06
N ARG B 379 -3.14 17.27 -40.80
CA ARG B 379 -3.18 17.38 -42.25
C ARG B 379 -3.86 16.15 -42.86
N ALA B 380 -3.56 14.98 -42.30
CA ALA B 380 -4.13 13.73 -42.78
C ALA B 380 -5.64 13.76 -42.64
N ARG B 381 -6.12 14.22 -41.49
CA ARG B 381 -7.54 14.28 -41.22
C ARG B 381 -8.23 15.25 -42.17
N ASP B 382 -7.51 16.29 -42.59
CA ASP B 382 -8.08 17.24 -43.53
C ASP B 382 -8.20 16.56 -44.90
N LYS B 383 -7.34 15.57 -45.12
CA LYS B 383 -7.34 14.81 -46.37
C LYS B 383 -8.23 13.56 -46.33
N GLY B 384 -9.11 13.48 -45.33
CA GLY B 384 -10.00 12.33 -45.20
C GLY B 384 -9.38 11.04 -44.67
N LEU B 385 -8.31 11.15 -43.89
CA LEU B 385 -7.66 9.97 -43.34
C LEU B 385 -7.52 10.04 -41.80
N ILE B 386 -8.01 9.03 -41.11
CA ILE B 386 -7.92 9.00 -39.65
C ILE B 386 -6.65 8.28 -39.17
N LEU B 387 -5.79 9.00 -38.45
CA LEU B 387 -4.55 8.43 -37.92
C LEU B 387 -4.49 8.54 -36.42
N LEU B 388 -3.53 7.83 -35.83
CA LEU B 388 -3.33 7.85 -34.38
C LEU B 388 -1.84 7.93 -34.09
N SER B 389 -1.50 8.54 -32.95
CA SER B 389 -0.12 8.66 -32.53
C SER B 389 0.02 7.92 -31.19
N CYS B 390 1.26 7.76 -30.72
CA CYS B 390 1.51 7.08 -29.46
C CYS B 390 3.00 7.16 -29.11
N GLY B 391 3.36 6.50 -28.02
CA GLY B 391 4.76 6.51 -27.62
C GLY B 391 4.95 7.37 -26.40
N PRO B 392 5.93 7.03 -25.54
CA PRO B 392 6.14 7.84 -24.35
C PRO B 392 6.47 9.30 -24.69
N TYR B 393 6.92 9.56 -25.93
CA TYR B 393 7.25 10.93 -26.33
C TYR B 393 6.33 11.45 -27.43
N TYR B 394 5.22 10.76 -27.63
CA TYR B 394 4.21 11.14 -28.60
C TYR B 394 4.76 11.49 -29.97
N ASN B 395 5.79 10.76 -30.38
CA ASN B 395 6.41 11.00 -31.67
C ASN B 395 6.29 9.75 -32.56
N VAL B 396 5.31 8.90 -32.28
CA VAL B 396 5.13 7.70 -33.08
C VAL B 396 3.76 7.62 -33.73
N LEU B 397 3.75 7.37 -35.04
CA LEU B 397 2.50 7.23 -35.78
C LEU B 397 2.25 5.75 -36.04
N ARG B 398 1.20 5.22 -35.43
CA ARG B 398 0.85 3.82 -35.59
C ARG B 398 -0.29 3.65 -36.57
N ILE B 399 -0.24 2.58 -37.36
CA ILE B 399 -1.30 2.29 -38.32
C ILE B 399 -1.99 1.02 -37.88
N LEU B 400 -3.28 1.15 -37.60
CA LEU B 400 -4.09 0.03 -37.14
C LEU B 400 -5.27 -0.14 -38.07
N VAL B 401 -5.04 0.12 -39.36
CA VAL B 401 -6.10 -0.02 -40.37
C VAL B 401 -6.53 -1.48 -40.51
N PRO B 402 -7.83 -1.73 -40.71
CA PRO B 402 -8.35 -3.11 -40.86
C PRO B 402 -7.55 -3.92 -41.88
N LEU B 403 -7.47 -5.23 -41.64
CA LEU B 403 -6.73 -6.13 -42.53
C LEU B 403 -7.59 -6.41 -43.75
N THR B 404 -8.86 -6.05 -43.67
CA THR B 404 -9.79 -6.26 -44.77
C THR B 404 -9.73 -5.13 -45.79
N ILE B 405 -8.75 -4.25 -45.64
CA ILE B 405 -8.58 -3.11 -46.55
C ILE B 405 -8.25 -3.53 -47.99
N GLU B 406 -8.85 -2.82 -48.95
CA GLU B 406 -8.63 -3.11 -50.37
C GLU B 406 -7.27 -2.54 -50.80
N ASP B 407 -6.71 -3.11 -51.86
CA ASP B 407 -5.40 -2.65 -52.36
C ASP B 407 -5.36 -1.19 -52.76
N ALA B 408 -6.42 -0.70 -53.40
CA ALA B 408 -6.44 0.70 -53.81
C ALA B 408 -6.51 1.62 -52.58
N GLN B 409 -7.14 1.13 -51.52
CA GLN B 409 -7.25 1.92 -50.30
C GLN B 409 -5.90 2.07 -49.61
N ILE B 410 -5.01 1.09 -49.85
CA ILE B 410 -3.67 1.11 -49.28
C ILE B 410 -2.84 2.18 -49.98
N ARG B 411 -3.05 2.36 -51.27
CA ARG B 411 -2.33 3.37 -52.04
C ARG B 411 -2.84 4.73 -51.57
N GLN B 412 -4.16 4.89 -51.66
CA GLN B 412 -4.83 6.12 -51.25
C GLN B 412 -4.30 6.59 -49.91
N GLY B 413 -4.12 5.66 -49.00
CA GLY B 413 -3.61 6.03 -47.69
C GLY B 413 -2.18 6.52 -47.73
N LEU B 414 -1.32 5.78 -48.42
CA LEU B 414 0.09 6.16 -48.51
C LEU B 414 0.27 7.47 -49.26
N GLU B 415 -0.50 7.67 -50.31
CA GLU B 415 -0.43 8.90 -51.10
C GLU B 415 -0.78 10.08 -50.19
N ILE B 416 -1.88 9.95 -49.44
CA ILE B 416 -2.31 11.00 -48.53
C ILE B 416 -1.24 11.28 -47.49
N ILE B 417 -0.71 10.21 -46.89
CA ILE B 417 0.32 10.37 -45.88
C ILE B 417 1.52 11.09 -46.49
N SER B 418 1.80 10.79 -47.75
CA SER B 418 2.93 11.43 -48.43
C SER B 418 2.62 12.91 -48.57
N GLN B 419 1.44 13.19 -49.11
CA GLN B 419 1.01 14.57 -49.30
C GLN B 419 1.08 15.36 -48.00
N CYS B 420 1.03 14.66 -46.87
CA CYS B 420 1.08 15.33 -45.57
C CYS B 420 2.48 15.71 -45.15
N PHE B 421 3.47 14.91 -45.54
CA PHE B 421 4.83 15.23 -45.16
C PHE B 421 5.44 16.29 -46.08
N ASP B 422 5.07 16.25 -47.35
CA ASP B 422 5.59 17.24 -48.29
C ASP B 422 5.11 18.62 -47.89
N GLU B 423 3.79 18.76 -47.74
CA GLU B 423 3.18 20.03 -47.36
C GLU B 423 3.69 20.57 -46.03
N ALA B 424 4.17 19.69 -45.18
CA ALA B 424 4.69 20.12 -43.88
C ALA B 424 6.18 20.43 -43.99
N LYS B 425 6.63 20.79 -45.19
CA LYS B 425 8.03 21.12 -45.41
C LYS B 425 8.30 22.62 -45.58
N GLN B 426 7.37 23.31 -46.24
CA GLN B 426 7.52 24.75 -46.49
C GLN B 426 6.45 25.58 -45.77
N ASN C 2 19.78 30.15 32.03
CA ASN C 2 19.57 29.73 33.45
C ASN C 2 18.15 30.03 33.94
N SER C 3 17.26 30.27 32.99
CA SER C 3 15.86 30.54 33.27
C SER C 3 15.06 29.65 32.33
N ASN C 4 13.96 29.08 32.81
CA ASN C 4 13.15 28.22 31.97
C ASN C 4 12.70 28.99 30.74
N LYS C 5 12.22 30.20 30.96
CA LYS C 5 11.73 31.06 29.88
C LYS C 5 12.76 31.26 28.78
N GLU C 6 13.96 31.64 29.19
CA GLU C 6 15.04 31.89 28.25
C GLU C 6 15.40 30.63 27.42
N LEU C 7 15.32 29.46 28.07
CA LEU C 7 15.63 28.20 27.39
C LEU C 7 14.53 27.84 26.42
N MET C 8 13.29 28.13 26.80
CA MET C 8 12.15 27.87 25.93
C MET C 8 12.25 28.71 24.66
N GLN C 9 12.80 29.90 24.78
CA GLN C 9 12.92 30.75 23.62
C GLN C 9 14.00 30.19 22.72
N ARG C 10 15.06 29.67 23.31
CA ARG C 10 16.14 29.11 22.49
C ARG C 10 15.61 27.89 21.78
N ARG C 11 14.75 27.14 22.48
CA ARG C 11 14.15 25.94 21.96
C ARG C 11 13.40 26.19 20.67
N SER C 12 12.58 27.24 20.66
CA SER C 12 11.77 27.59 19.48
C SER C 12 12.62 27.94 18.27
N GLN C 13 13.86 28.34 18.51
CA GLN C 13 14.74 28.69 17.41
C GLN C 13 15.60 27.53 16.91
N ALA C 14 15.73 26.50 17.74
CA ALA C 14 16.58 25.37 17.39
C ALA C 14 15.91 24.02 17.20
N ILE C 15 14.77 23.83 17.85
CA ILE C 15 14.06 22.57 17.81
C ILE C 15 12.70 22.72 17.15
N PRO C 16 12.28 21.73 16.36
CA PRO C 16 10.98 21.80 15.69
C PRO C 16 9.80 21.86 16.65
N ARG C 17 8.77 22.60 16.25
CA ARG C 17 7.56 22.74 17.05
C ARG C 17 6.87 21.39 17.14
N GLY C 18 7.21 20.49 16.22
CA GLY C 18 6.62 19.17 16.22
C GLY C 18 6.88 18.42 17.52
N VAL C 19 8.02 18.70 18.15
CA VAL C 19 8.36 18.09 19.42
C VAL C 19 7.58 18.88 20.48
N GLY C 20 6.45 18.33 20.89
CA GLY C 20 5.63 19.00 21.88
C GLY C 20 6.38 19.21 23.18
N GLN C 21 5.88 20.13 24.00
CA GLN C 21 6.50 20.43 25.28
C GLN C 21 5.41 20.48 26.35
N ILE C 22 5.18 19.36 27.04
CA ILE C 22 4.15 19.28 28.08
C ILE C 22 4.29 20.36 29.17
N HIS C 23 5.50 20.50 29.70
CA HIS C 23 5.79 21.50 30.72
C HIS C 23 6.95 22.36 30.24
N PRO C 24 6.77 23.69 30.22
CA PRO C 24 7.84 24.58 29.77
C PRO C 24 8.95 24.74 30.83
N ILE C 25 9.41 23.61 31.37
CA ILE C 25 10.44 23.59 32.40
C ILE C 25 11.66 22.77 31.97
N PHE C 26 12.85 23.22 32.36
CA PHE C 26 14.08 22.51 32.05
C PHE C 26 14.69 21.86 33.29
N ALA C 27 14.73 20.54 33.30
CA ALA C 27 15.28 19.79 34.42
C ALA C 27 16.80 19.81 34.43
N ASP C 28 17.37 20.11 35.58
CA ASP C 28 18.82 20.15 35.72
C ASP C 28 19.26 18.84 36.36
N ARG C 29 18.55 18.41 37.40
CA ARG C 29 18.88 17.18 38.11
C ARG C 29 17.66 16.59 38.78
N ALA C 30 17.76 15.30 39.13
CA ALA C 30 16.67 14.61 39.77
C ALA C 30 17.21 13.50 40.65
N GLU C 31 16.35 12.94 41.47
CA GLU C 31 16.74 11.87 42.37
C GLU C 31 15.48 11.18 42.84
N ASN C 32 15.30 9.93 42.43
CA ASN C 32 14.12 9.16 42.78
C ASN C 32 12.82 9.82 42.27
N CYS C 33 12.14 10.57 43.14
CA CYS C 33 10.90 11.25 42.73
C CYS C 33 11.00 12.75 42.73
N ARG C 34 12.17 13.28 43.07
CA ARG C 34 12.37 14.73 43.10
C ARG C 34 13.14 15.22 41.88
N VAL C 35 12.75 16.39 41.37
CA VAL C 35 13.41 16.98 40.22
C VAL C 35 13.56 18.49 40.41
N TRP C 36 14.76 18.99 40.14
CA TRP C 36 15.06 20.41 40.26
C TRP C 36 15.35 21.01 38.88
N ASP C 37 14.81 22.19 38.61
CA ASP C 37 15.06 22.81 37.31
C ASP C 37 16.30 23.70 37.34
N VAL C 38 16.61 24.27 36.18
CA VAL C 38 17.77 25.14 36.03
C VAL C 38 17.68 26.36 36.94
N GLU C 39 16.47 26.66 37.40
CA GLU C 39 16.25 27.80 38.27
C GLU C 39 16.36 27.40 39.73
N GLY C 40 16.09 26.13 40.03
CA GLY C 40 16.20 25.68 41.39
C GLY C 40 14.91 25.10 41.97
N ARG C 41 13.77 25.46 41.39
CA ARG C 41 12.52 24.93 41.92
C ARG C 41 12.52 23.40 41.93
N GLU C 42 11.93 22.83 42.97
CA GLU C 42 11.86 21.39 43.12
C GLU C 42 10.45 20.89 42.84
N TYR C 43 10.35 19.81 42.07
CA TYR C 43 9.04 19.26 41.75
C TYR C 43 8.97 17.81 42.18
N LEU C 44 7.74 17.29 42.23
CA LEU C 44 7.49 15.90 42.59
C LEU C 44 7.04 15.27 41.27
N ASP C 45 7.82 14.32 40.78
CA ASP C 45 7.53 13.67 39.50
C ASP C 45 6.53 12.52 39.53
N PHE C 46 5.34 12.77 39.01
CA PHE C 46 4.27 11.78 38.94
C PHE C 46 4.14 11.24 37.52
N ALA C 47 5.12 11.56 36.67
CA ALA C 47 5.12 11.12 35.28
C ALA C 47 6.21 10.10 35.00
N GLY C 48 7.28 10.15 35.79
CA GLY C 48 8.38 9.21 35.64
C GLY C 48 8.92 9.05 34.23
N GLY C 49 9.03 10.15 33.49
CA GLY C 49 9.53 10.09 32.13
C GLY C 49 8.63 9.22 31.28
N ILE C 50 7.36 9.16 31.68
CA ILE C 50 6.32 8.38 31.02
C ILE C 50 6.49 6.88 31.18
N ALA C 51 6.29 6.41 32.42
CA ALA C 51 6.39 5.00 32.77
C ALA C 51 7.78 4.40 32.53
N VAL C 52 8.80 5.25 32.54
CA VAL C 52 10.18 4.83 32.31
C VAL C 52 10.98 4.66 33.61
N LEU C 53 10.57 5.37 34.65
CA LEU C 53 11.28 5.33 35.92
C LEU C 53 10.58 4.64 37.09
N ASN C 54 10.07 3.44 36.86
CA ASN C 54 9.39 2.71 37.92
C ASN C 54 10.29 2.47 39.13
N THR C 55 11.60 2.58 38.93
CA THR C 55 12.57 2.42 40.02
C THR C 55 13.11 3.78 40.46
N GLY C 56 12.49 4.85 39.98
CA GLY C 56 12.92 6.19 40.33
C GLY C 56 14.13 6.69 39.55
N HIS C 57 14.31 8.01 39.55
CA HIS C 57 15.42 8.67 38.88
C HIS C 57 16.77 8.22 39.47
N LEU C 58 17.70 7.89 38.59
CA LEU C 58 19.03 7.48 39.03
C LEU C 58 19.04 6.65 40.31
N HIS C 59 18.37 5.50 40.29
CA HIS C 59 18.35 4.63 41.46
C HIS C 59 19.79 4.20 41.76
N PRO C 60 20.24 4.43 43.00
CA PRO C 60 21.59 4.10 43.47
C PRO C 60 22.20 2.76 43.02
N LYS C 61 21.47 1.66 43.17
CA LYS C 61 21.98 0.35 42.75
C LYS C 61 22.19 0.28 41.23
N VAL C 62 21.24 0.84 40.49
CA VAL C 62 21.33 0.86 39.04
C VAL C 62 22.50 1.73 38.58
N VAL C 63 22.64 2.90 39.20
CA VAL C 63 23.73 3.82 38.84
C VAL C 63 25.10 3.17 39.03
N ALA C 64 25.27 2.42 40.12
CA ALA C 64 26.56 1.77 40.38
C ALA C 64 26.87 0.75 39.26
N ALA C 65 25.86 -0.01 38.86
CA ALA C 65 26.01 -1.00 37.79
C ALA C 65 26.47 -0.30 36.52
N VAL C 66 25.78 0.78 36.18
CA VAL C 66 26.13 1.55 34.98
C VAL C 66 27.57 2.03 35.06
N GLU C 67 27.92 2.61 36.21
CA GLU C 67 29.27 3.12 36.39
C GLU C 67 30.31 2.00 36.18
N ALA C 68 30.01 0.82 36.70
CA ALA C 68 30.91 -0.32 36.55
C ALA C 68 31.12 -0.66 35.07
N GLN C 69 30.02 -0.79 34.34
CA GLN C 69 30.09 -1.12 32.92
C GLN C 69 30.78 -0.02 32.14
N LEU C 70 30.54 1.21 32.56
CA LEU C 70 31.13 2.36 31.91
C LEU C 70 32.66 2.32 31.87
N LYS C 71 33.27 1.54 32.77
CA LYS C 71 34.73 1.44 32.81
C LYS C 71 35.25 0.37 31.84
N LYS C 72 34.36 -0.53 31.42
CA LYS C 72 34.70 -1.62 30.50
C LYS C 72 34.50 -1.32 29.02
N LEU C 73 33.26 -1.02 28.66
CA LEU C 73 32.88 -0.69 27.28
C LEU C 73 31.43 -0.23 27.22
N SER C 74 31.10 0.56 26.20
CA SER C 74 29.74 1.07 26.04
C SER C 74 29.09 0.61 24.74
N HIS C 75 29.89 0.20 23.75
CA HIS C 75 29.34 -0.25 22.48
C HIS C 75 30.29 -1.00 21.56
N THR C 76 29.76 -2.04 20.91
CA THR C 76 30.51 -2.85 19.95
C THR C 76 29.59 -3.24 18.80
N CYS C 77 28.29 -3.18 19.08
CA CYS C 77 27.24 -3.62 18.17
C CYS C 77 27.25 -5.16 18.30
N PHE C 78 26.31 -5.67 19.09
CA PHE C 78 26.20 -7.10 19.36
C PHE C 78 26.42 -8.03 18.18
N GLN C 79 25.72 -7.78 17.08
CA GLN C 79 25.83 -8.63 15.91
C GLN C 79 27.25 -8.69 15.34
N VAL C 80 28.14 -7.83 15.81
CA VAL C 80 29.51 -7.85 15.34
C VAL C 80 30.39 -8.52 16.39
N LEU C 81 30.33 -8.00 17.60
CA LEU C 81 31.10 -8.53 18.73
C LEU C 81 30.08 -8.60 19.87
N ALA C 82 29.76 -9.80 20.33
CA ALA C 82 28.78 -9.94 21.40
C ALA C 82 29.36 -9.59 22.77
N TYR C 83 28.47 -9.55 23.76
CA TYR C 83 28.85 -9.24 25.13
C TYR C 83 27.81 -9.88 26.03
N GLU C 84 28.28 -10.30 27.19
CA GLU C 84 27.47 -11.01 28.17
C GLU C 84 26.22 -10.34 28.72
N PRO C 85 26.28 -9.04 29.01
CA PRO C 85 25.08 -8.41 29.56
C PRO C 85 23.85 -8.58 28.67
N TYR C 86 24.06 -8.57 27.36
CA TYR C 86 22.95 -8.73 26.40
C TYR C 86 22.42 -10.17 26.52
N LEU C 87 23.33 -11.12 26.43
CA LEU C 87 23.01 -12.54 26.52
C LEU C 87 22.28 -12.85 27.82
N GLU C 88 22.82 -12.34 28.92
CA GLU C 88 22.23 -12.59 30.23
C GLU C 88 20.79 -12.11 30.38
N LEU C 89 20.55 -10.86 29.98
CA LEU C 89 19.22 -10.28 30.06
C LEU C 89 18.22 -11.10 29.25
N CYS C 90 18.63 -11.54 28.05
CA CYS C 90 17.71 -12.32 27.23
C CYS C 90 17.32 -13.58 27.96
N GLU C 91 18.29 -14.21 28.61
CA GLU C 91 17.99 -15.43 29.36
C GLU C 91 16.99 -15.13 30.46
N ILE C 92 17.21 -14.07 31.22
CA ILE C 92 16.26 -13.76 32.26
C ILE C 92 14.86 -13.45 31.70
N MET C 93 14.80 -12.60 30.66
CA MET C 93 13.50 -12.26 30.09
C MET C 93 12.77 -13.49 29.57
N ASN C 94 13.54 -14.44 29.01
CA ASN C 94 12.97 -15.68 28.49
C ASN C 94 12.19 -16.38 29.60
N GLN C 95 12.69 -16.29 30.83
CA GLN C 95 12.02 -16.90 31.98
C GLN C 95 10.95 -16.00 32.58
N LYS C 96 11.24 -14.70 32.64
CA LYS C 96 10.33 -13.73 33.23
C LYS C 96 9.04 -13.43 32.45
N VAL C 97 9.10 -13.48 31.12
CA VAL C 97 7.92 -13.20 30.30
C VAL C 97 6.93 -14.35 30.35
N PRO C 98 5.65 -14.07 30.61
CA PRO C 98 4.62 -15.12 30.67
C PRO C 98 4.63 -16.06 29.48
N GLY C 99 4.33 -17.32 29.75
CA GLY C 99 4.31 -18.32 28.71
C GLY C 99 5.06 -19.55 29.20
N ASP C 100 4.33 -20.60 29.51
CA ASP C 100 4.94 -21.83 30.00
C ASP C 100 5.46 -22.67 28.82
N PHE C 101 6.54 -22.19 28.20
CA PHE C 101 7.14 -22.87 27.07
C PHE C 101 8.44 -22.16 26.69
N ALA C 102 9.31 -22.83 25.95
CA ALA C 102 10.59 -22.25 25.54
C ALA C 102 10.42 -20.92 24.82
N LYS C 103 11.29 -19.96 25.14
CA LYS C 103 11.24 -18.65 24.51
C LYS C 103 12.63 -18.14 24.16
N LYS C 104 12.70 -17.17 23.26
CA LYS C 104 13.94 -16.55 22.86
C LYS C 104 13.72 -15.05 22.82
N THR C 105 14.76 -14.29 23.11
CA THR C 105 14.63 -12.86 23.14
C THR C 105 15.61 -12.13 22.26
N LEU C 106 15.11 -11.02 21.71
CA LEU C 106 15.85 -10.12 20.84
C LEU C 106 15.87 -8.76 21.55
N LEU C 107 17.01 -8.10 21.56
CA LEU C 107 17.10 -6.79 22.18
C LEU C 107 17.31 -5.71 21.13
N VAL C 108 16.44 -4.70 21.15
CA VAL C 108 16.56 -3.60 20.20
C VAL C 108 16.85 -2.37 21.07
N THR C 109 16.47 -1.18 20.62
CA THR C 109 16.71 0.02 21.41
C THR C 109 15.48 0.77 21.89
N THR C 110 14.45 0.86 21.03
CA THR C 110 13.22 1.59 21.40
C THR C 110 11.92 0.79 21.28
N GLY C 111 10.91 1.24 22.01
CA GLY C 111 9.62 0.58 21.98
C GLY C 111 9.08 0.52 20.57
N SER C 112 9.39 1.53 19.77
CA SER C 112 8.95 1.52 18.38
C SER C 112 9.62 0.36 17.65
N GLU C 113 10.94 0.23 17.85
CA GLU C 113 11.69 -0.82 17.21
C GLU C 113 11.15 -2.18 17.65
N ALA C 114 10.83 -2.26 18.94
CA ALA C 114 10.29 -3.48 19.53
C ALA C 114 9.05 -3.93 18.77
N VAL C 115 8.02 -3.09 18.75
CA VAL C 115 6.81 -3.45 18.02
C VAL C 115 7.12 -3.78 16.56
N GLU C 116 7.98 -2.98 15.92
CA GLU C 116 8.37 -3.20 14.53
C GLU C 116 8.90 -4.63 14.30
N ASN C 117 9.80 -5.07 15.18
CA ASN C 117 10.39 -6.38 15.07
C ASN C 117 9.41 -7.50 15.42
N ALA C 118 8.58 -7.27 16.41
CA ALA C 118 7.61 -8.29 16.78
C ALA C 118 6.68 -8.56 15.61
N VAL C 119 6.43 -7.55 14.78
CA VAL C 119 5.55 -7.73 13.64
C VAL C 119 6.31 -8.44 12.53
N LYS C 120 7.57 -8.04 12.32
CA LYS C 120 8.39 -8.68 11.32
C LYS C 120 8.45 -10.17 11.66
N ILE C 121 8.74 -10.45 12.93
CA ILE C 121 8.83 -11.82 13.42
C ILE C 121 7.53 -12.59 13.15
N ALA C 122 6.41 -12.03 13.59
CA ALA C 122 5.12 -12.68 13.38
C ALA C 122 4.88 -12.98 11.90
N ARG C 123 5.24 -12.03 11.03
CA ARG C 123 5.03 -12.19 9.58
C ARG C 123 5.85 -13.35 9.01
N ALA C 124 7.13 -13.39 9.36
CA ALA C 124 8.00 -14.44 8.87
C ALA C 124 7.50 -15.82 9.35
N ALA C 125 7.04 -15.87 10.60
CA ALA C 125 6.57 -17.11 11.19
C ALA C 125 5.29 -17.66 10.58
N THR C 126 4.39 -16.78 10.17
CA THR C 126 3.12 -17.22 9.62
C THR C 126 3.08 -17.08 8.11
N LYS C 127 4.00 -16.32 7.55
CA LYS C 127 4.03 -16.10 6.11
C LYS C 127 2.81 -15.26 5.71
N ARG C 128 2.48 -14.26 6.53
CA ARG C 128 1.36 -13.37 6.25
C ARG C 128 1.79 -11.91 6.36
N SER C 129 1.03 -11.02 5.73
CA SER C 129 1.37 -9.60 5.76
C SER C 129 0.49 -8.66 6.60
N GLY C 130 -0.75 -9.03 6.88
CA GLY C 130 -1.62 -8.14 7.63
C GLY C 130 -1.52 -8.13 9.14
N THR C 131 -1.97 -7.03 9.74
CA THR C 131 -1.99 -6.94 11.19
C THR C 131 -3.24 -6.21 11.64
N ILE C 132 -3.69 -6.55 12.84
CA ILE C 132 -4.86 -5.95 13.44
C ILE C 132 -4.46 -5.27 14.75
N ALA C 133 -4.84 -4.00 14.89
CA ALA C 133 -4.55 -3.23 16.10
C ALA C 133 -5.88 -2.66 16.59
N PHE C 134 -5.91 -2.12 17.81
CA PHE C 134 -7.17 -1.59 18.35
C PHE C 134 -7.31 -0.09 18.40
N SER C 135 -8.55 0.36 18.41
CA SER C 135 -8.84 1.79 18.48
C SER C 135 -8.19 2.35 19.75
N GLY C 136 -7.65 3.55 19.67
CA GLY C 136 -7.04 4.15 20.83
C GLY C 136 -5.66 3.62 21.16
N ALA C 137 -5.17 2.65 20.39
CA ALA C 137 -3.86 2.10 20.66
C ALA C 137 -2.72 3.04 20.28
N TYR C 138 -1.56 2.81 20.89
CA TYR C 138 -0.36 3.58 20.61
C TYR C 138 0.77 2.54 20.56
N HIS C 139 1.56 2.57 19.50
CA HIS C 139 2.62 1.57 19.37
C HIS C 139 3.92 2.12 18.86
N GLY C 140 3.99 3.43 18.62
CA GLY C 140 5.23 4.02 18.12
C GLY C 140 5.07 5.07 17.04
N ARG C 141 6.13 5.83 16.82
CA ARG C 141 6.11 6.91 15.84
C ARG C 141 6.81 6.59 14.53
N THR C 142 6.96 5.31 14.19
CA THR C 142 7.57 4.96 12.91
C THR C 142 6.39 4.86 11.95
N HIS C 143 6.66 4.90 10.65
CA HIS C 143 5.58 4.82 9.69
C HIS C 143 4.63 3.68 10.05
N TYR C 144 5.19 2.47 10.17
CA TYR C 144 4.36 1.29 10.46
C TYR C 144 3.69 1.31 11.82
N THR C 145 4.42 1.71 12.86
CA THR C 145 3.82 1.74 14.20
C THR C 145 2.85 2.91 14.32
N LEU C 146 2.90 3.84 13.36
CA LEU C 146 1.96 4.97 13.35
C LEU C 146 0.66 4.43 12.74
N ALA C 147 0.78 3.50 11.79
CA ALA C 147 -0.38 2.88 11.17
C ALA C 147 -1.06 2.04 12.25
N LEU C 148 -0.25 1.34 13.05
CA LEU C 148 -0.76 0.50 14.15
C LEU C 148 -1.43 1.33 15.22
N THR C 149 -0.88 2.50 15.49
CA THR C 149 -1.44 3.41 16.49
C THR C 149 -2.82 3.91 16.04
N GLY C 150 -3.78 3.85 16.96
CA GLY C 150 -5.14 4.28 16.66
C GLY C 150 -5.39 5.75 16.99
N LYS C 151 -4.65 6.62 16.33
CA LYS C 151 -4.77 8.05 16.52
C LYS C 151 -3.95 8.74 15.45
N VAL C 152 -4.62 9.46 14.56
CA VAL C 152 -3.95 10.16 13.47
C VAL C 152 -3.35 11.49 13.92
N ASN C 153 -4.11 12.25 14.69
CA ASN C 153 -3.67 13.56 15.16
C ASN C 153 -3.05 13.50 16.56
N PRO C 154 -1.87 14.12 16.74
CA PRO C 154 -1.09 14.85 15.73
C PRO C 154 -0.01 13.98 15.08
N TYR C 155 0.08 12.74 15.55
CA TYR C 155 1.07 11.78 15.08
C TYR C 155 1.23 11.59 13.56
N SER C 156 0.16 11.84 12.78
CA SER C 156 0.22 11.66 11.32
C SER C 156 -0.26 12.84 10.49
N ALA C 157 -0.75 13.88 11.16
CA ALA C 157 -1.28 15.05 10.50
C ALA C 157 -0.39 15.62 9.39
N GLY C 158 -0.99 15.92 8.25
CA GLY C 158 -0.25 16.49 7.13
C GLY C 158 0.71 15.56 6.42
N MET C 159 0.96 14.39 7.00
CA MET C 159 1.87 13.42 6.41
C MET C 159 1.27 12.57 5.31
N GLY C 160 -0.05 12.46 5.31
CA GLY C 160 -0.71 11.63 4.32
C GLY C 160 -1.04 10.30 4.99
N LEU C 161 -1.42 9.31 4.19
CA LEU C 161 -1.77 8.02 4.78
C LEU C 161 -0.56 7.12 5.07
N MET C 162 -0.59 6.53 6.25
CA MET C 162 0.47 5.63 6.68
C MET C 162 0.25 4.26 5.99
N PRO C 163 1.29 3.41 5.98
CA PRO C 163 1.22 2.07 5.37
C PRO C 163 -0.08 1.33 5.68
N GLY C 164 -0.68 0.76 4.64
CA GLY C 164 -1.93 0.04 4.83
C GLY C 164 -1.74 -1.38 5.31
N HIS C 165 -2.81 -2.15 5.22
CA HIS C 165 -2.76 -3.54 5.62
C HIS C 165 -2.61 -3.68 7.13
N VAL C 166 -3.23 -2.72 7.80
CA VAL C 166 -3.31 -2.63 9.24
C VAL C 166 -4.79 -2.36 9.43
N TYR C 167 -5.51 -3.31 10.02
CA TYR C 167 -6.93 -3.13 10.20
C TYR C 167 -7.25 -2.85 11.66
N ARG C 168 -8.28 -2.04 11.85
CA ARG C 168 -8.67 -1.59 13.17
C ARG C 168 -9.80 -2.35 13.85
N ALA C 169 -9.55 -2.79 15.08
CA ALA C 169 -10.54 -3.49 15.84
C ALA C 169 -10.94 -2.57 16.99
N LEU C 170 -12.06 -2.86 17.64
CA LEU C 170 -12.51 -2.03 18.75
C LEU C 170 -11.99 -2.55 20.10
N TYR C 171 -11.34 -1.69 20.87
CA TYR C 171 -10.82 -2.12 22.17
C TYR C 171 -11.99 -2.11 23.16
N PRO C 172 -12.22 -3.22 23.85
CA PRO C 172 -13.31 -3.31 24.82
C PRO C 172 -13.27 -2.18 25.85
N CYS C 173 -14.42 -1.55 26.09
CA CYS C 173 -14.47 -0.45 27.04
C CYS C 173 -15.90 -0.04 27.35
N PRO C 174 -16.54 -0.72 28.30
CA PRO C 174 -17.92 -0.47 28.72
C PRO C 174 -18.20 0.99 29.06
N LEU C 175 -17.26 1.62 29.77
CA LEU C 175 -17.37 3.01 30.16
C LEU C 175 -17.73 3.91 28.98
N HIS C 176 -17.67 3.38 27.77
CA HIS C 176 -17.98 4.17 26.59
C HIS C 176 -18.88 3.43 25.60
N GLY C 177 -19.44 2.31 26.03
CA GLY C 177 -20.36 1.57 25.17
C GLY C 177 -19.82 0.43 24.33
N ILE C 178 -18.55 0.07 24.48
CA ILE C 178 -17.99 -1.02 23.71
C ILE C 178 -17.84 -2.25 24.58
N SER C 179 -18.78 -3.20 24.46
CA SER C 179 -18.71 -4.43 25.24
C SER C 179 -17.67 -5.38 24.66
N GLU C 180 -17.23 -6.34 25.46
CA GLU C 180 -16.25 -7.31 25.01
C GLU C 180 -16.76 -8.00 23.77
N ASP C 181 -18.03 -8.39 23.78
CA ASP C 181 -18.65 -9.04 22.64
C ASP C 181 -18.44 -8.19 21.39
N ASP C 182 -18.67 -6.89 21.54
CA ASP C 182 -18.51 -5.95 20.44
C ASP C 182 -17.08 -6.05 19.90
N ALA C 183 -16.12 -6.03 20.82
CA ALA C 183 -14.71 -6.09 20.48
C ALA C 183 -14.37 -7.33 19.67
N ILE C 184 -14.84 -8.49 20.11
CA ILE C 184 -14.55 -9.72 19.40
C ILE C 184 -15.27 -9.71 18.06
N ALA C 185 -16.46 -9.12 18.05
CA ALA C 185 -17.24 -9.04 16.82
C ALA C 185 -16.50 -8.14 15.82
N SER C 186 -15.95 -7.04 16.33
CA SER C 186 -15.23 -6.10 15.48
C SER C 186 -14.06 -6.80 14.79
N ILE C 187 -13.56 -7.88 15.39
CA ILE C 187 -12.46 -8.60 14.77
C ILE C 187 -13.01 -9.50 13.67
N HIS C 188 -14.17 -10.09 13.90
CA HIS C 188 -14.77 -10.96 12.89
C HIS C 188 -15.14 -10.13 11.66
N ARG C 189 -15.50 -8.88 11.90
CA ARG C 189 -15.88 -7.93 10.84
C ARG C 189 -14.73 -7.74 9.85
N ILE C 190 -13.52 -7.66 10.39
CA ILE C 190 -12.33 -7.50 9.57
C ILE C 190 -12.14 -8.74 8.70
N PHE C 191 -12.26 -9.90 9.32
CA PHE C 191 -12.12 -11.20 8.63
C PHE C 191 -13.09 -11.30 7.46
N LYS C 192 -14.31 -10.81 7.65
CA LYS C 192 -15.34 -10.88 6.62
C LYS C 192 -15.20 -9.79 5.56
N ASN C 193 -15.08 -8.55 6.02
CA ASN C 193 -15.01 -7.40 5.14
C ASN C 193 -13.71 -7.00 4.47
N ASP C 194 -12.57 -7.15 5.15
CA ASP C 194 -11.30 -6.68 4.58
C ASP C 194 -10.07 -7.57 4.49
N ALA C 195 -9.86 -8.43 5.47
CA ALA C 195 -8.69 -9.31 5.46
C ALA C 195 -9.00 -10.61 6.16
N ALA C 196 -8.98 -11.69 5.38
CA ALA C 196 -9.23 -13.02 5.90
C ALA C 196 -8.17 -13.40 6.92
N PRO C 197 -8.50 -14.34 7.82
CA PRO C 197 -7.56 -14.80 8.84
C PRO C 197 -6.24 -15.24 8.22
N GLU C 198 -6.30 -15.93 7.09
CA GLU C 198 -5.10 -16.41 6.42
C GLU C 198 -4.14 -15.31 5.98
N ASP C 199 -4.58 -14.06 6.04
CA ASP C 199 -3.72 -12.96 5.65
C ASP C 199 -3.32 -12.13 6.87
N ILE C 200 -3.77 -12.52 8.06
CA ILE C 200 -3.41 -11.79 9.26
C ILE C 200 -2.27 -12.46 10.04
N ALA C 201 -1.11 -11.81 10.04
CA ALA C 201 0.06 -12.33 10.74
C ALA C 201 -0.12 -12.28 12.24
N ALA C 202 -0.67 -11.17 12.74
CA ALA C 202 -0.85 -11.01 14.17
C ALA C 202 -1.88 -9.97 14.54
N ILE C 203 -2.28 -10.00 15.81
CA ILE C 203 -3.21 -9.05 16.40
C ILE C 203 -2.39 -8.45 17.53
N VAL C 204 -2.18 -7.14 17.48
CA VAL C 204 -1.38 -6.45 18.49
C VAL C 204 -2.29 -5.75 19.47
N ILE C 205 -1.97 -5.86 20.75
CA ILE C 205 -2.79 -5.25 21.76
C ILE C 205 -2.02 -4.90 23.03
N GLU C 206 -2.47 -3.85 23.70
CA GLU C 206 -1.87 -3.42 24.96
C GLU C 206 -2.77 -4.00 26.05
N PRO C 207 -2.27 -4.94 26.87
CA PRO C 207 -3.09 -5.53 27.93
C PRO C 207 -3.78 -4.36 28.64
N VAL C 208 -3.04 -3.27 28.81
CA VAL C 208 -3.55 -2.05 29.39
C VAL C 208 -3.02 -0.91 28.50
N GLN C 209 -3.93 -0.19 27.85
CA GLN C 209 -3.55 0.91 26.96
C GLN C 209 -2.93 2.10 27.71
N GLY C 210 -1.88 2.67 27.15
CA GLY C 210 -1.21 3.80 27.79
C GLY C 210 -1.85 5.14 27.43
N SER C 211 -1.45 5.70 26.29
CA SER C 211 -2.00 6.98 25.85
C SER C 211 -3.50 6.80 25.64
N GLY C 212 -3.89 5.58 25.31
CA GLY C 212 -5.29 5.27 25.08
C GLY C 212 -6.23 5.58 26.24
N GLY C 213 -5.66 5.94 27.40
CA GLY C 213 -6.50 6.27 28.55
C GLY C 213 -6.48 5.29 29.71
N PHE C 214 -5.46 4.44 29.77
CA PHE C 214 -5.34 3.46 30.84
C PHE C 214 -6.55 2.56 30.97
N TYR C 215 -7.04 2.06 29.84
CA TYR C 215 -8.17 1.13 29.84
C TYR C 215 -7.55 -0.26 29.77
N ALA C 216 -8.04 -1.18 30.60
CA ALA C 216 -7.48 -2.53 30.63
C ALA C 216 -8.39 -3.62 30.11
N SER C 217 -7.77 -4.63 29.51
CA SER C 217 -8.48 -5.78 28.98
C SER C 217 -8.78 -6.73 30.14
N SER C 218 -9.95 -7.36 30.13
CA SER C 218 -10.30 -8.30 31.18
C SER C 218 -9.74 -9.66 30.78
N PRO C 219 -9.43 -10.53 31.77
CA PRO C 219 -8.90 -11.85 31.45
C PRO C 219 -9.82 -12.61 30.50
N ALA C 220 -11.13 -12.46 30.69
CA ALA C 220 -12.10 -13.14 29.84
C ALA C 220 -11.89 -12.77 28.37
N PHE C 221 -11.79 -11.46 28.10
CA PHE C 221 -11.58 -10.95 26.75
C PHE C 221 -10.26 -11.48 26.20
N MET C 222 -9.18 -11.22 26.93
CA MET C 222 -7.86 -11.65 26.53
C MET C 222 -7.88 -13.13 26.17
N GLN C 223 -8.68 -13.89 26.90
CA GLN C 223 -8.80 -15.32 26.66
C GLN C 223 -9.51 -15.63 25.35
N ARG C 224 -10.57 -14.91 25.04
CA ARG C 224 -11.25 -15.14 23.77
C ARG C 224 -10.29 -14.72 22.66
N LEU C 225 -9.58 -13.62 22.89
CA LEU C 225 -8.63 -13.13 21.90
C LEU C 225 -7.59 -14.21 21.61
N ARG C 226 -7.13 -14.87 22.67
CA ARG C 226 -6.15 -15.94 22.58
C ARG C 226 -6.72 -17.14 21.81
N ALA C 227 -7.94 -17.52 22.16
CA ALA C 227 -8.60 -18.64 21.51
C ALA C 227 -8.84 -18.35 20.03
N LEU C 228 -9.15 -17.08 19.73
CA LEU C 228 -9.40 -16.67 18.36
C LEU C 228 -8.12 -16.75 17.53
N CYS C 229 -7.00 -16.34 18.11
CA CYS C 229 -5.71 -16.40 17.39
C CYS C 229 -5.32 -17.86 17.20
N ASP C 230 -5.47 -18.65 18.26
CA ASP C 230 -5.12 -20.06 18.22
C ASP C 230 -5.88 -20.76 17.12
N GLU C 231 -7.16 -20.43 16.99
CA GLU C 231 -7.98 -21.02 15.97
C GLU C 231 -7.48 -20.70 14.56
N HIS C 232 -6.98 -19.49 14.35
CA HIS C 232 -6.51 -19.09 13.03
C HIS C 232 -5.00 -19.01 12.79
N GLY C 233 -4.20 -19.40 13.78
CA GLY C 233 -2.77 -19.38 13.59
C GLY C 233 -2.21 -17.97 13.56
N ILE C 234 -2.92 -17.08 14.22
CA ILE C 234 -2.52 -15.68 14.30
C ILE C 234 -1.66 -15.45 15.55
N MET C 235 -0.51 -14.82 15.37
CA MET C 235 0.38 -14.54 16.49
C MET C 235 -0.25 -13.44 17.33
N LEU C 236 -0.41 -13.68 18.63
CA LEU C 236 -0.96 -12.67 19.51
C LEU C 236 0.20 -11.89 20.11
N ILE C 237 0.26 -10.59 19.82
CA ILE C 237 1.33 -9.77 20.33
C ILE C 237 0.89 -8.87 21.49
N ALA C 238 1.59 -9.01 22.61
CA ALA C 238 1.31 -8.20 23.78
C ALA C 238 2.34 -7.07 23.81
N ASP C 239 1.89 -5.86 23.52
CA ASP C 239 2.78 -4.72 23.55
C ASP C 239 2.78 -4.26 25.00
N GLU C 240 3.86 -4.58 25.71
CA GLU C 240 3.95 -4.21 27.12
C GLU C 240 5.02 -3.18 27.35
N VAL C 241 5.31 -2.40 26.31
CA VAL C 241 6.29 -1.34 26.41
C VAL C 241 6.00 -0.46 27.62
N GLN C 242 4.73 -0.19 27.86
CA GLN C 242 4.37 0.67 28.97
C GLN C 242 3.70 -0.04 30.13
N SER C 243 3.01 -1.14 29.86
CA SER C 243 2.33 -1.87 30.92
C SER C 243 3.29 -2.83 31.63
N GLY C 244 4.46 -3.04 31.04
CA GLY C 244 5.44 -3.94 31.63
C GLY C 244 6.27 -3.32 32.72
N ALA C 245 7.34 -4.01 33.11
CA ALA C 245 8.24 -3.55 34.15
C ALA C 245 7.52 -3.38 35.48
N GLY C 246 6.58 -4.28 35.75
CA GLY C 246 5.83 -4.26 37.00
C GLY C 246 4.90 -3.09 37.27
N ARG C 247 4.53 -2.34 36.24
CA ARG C 247 3.68 -1.20 36.48
C ARG C 247 2.30 -1.59 37.03
N THR C 248 1.82 -2.78 36.69
CA THR C 248 0.49 -3.21 37.14
C THR C 248 0.44 -4.17 38.33
N GLY C 249 1.57 -4.45 38.96
CA GLY C 249 1.53 -5.37 40.08
C GLY C 249 2.38 -6.56 39.73
N THR C 250 2.19 -7.10 38.54
CA THR C 250 3.01 -8.22 38.10
C THR C 250 4.04 -7.59 37.17
N LEU C 251 5.09 -8.34 36.85
CA LEU C 251 6.12 -7.82 35.96
C LEU C 251 5.47 -7.48 34.62
N PHE C 252 4.56 -8.35 34.20
CA PHE C 252 3.84 -8.14 32.96
C PHE C 252 2.35 -8.29 33.20
N ALA C 253 1.59 -7.37 32.60
CA ALA C 253 0.13 -7.39 32.75
C ALA C 253 -0.47 -8.69 32.27
N MET C 254 0.16 -9.32 31.28
CA MET C 254 -0.38 -10.57 30.78
C MET C 254 -0.45 -11.65 31.86
N GLU C 255 0.46 -11.62 32.83
CA GLU C 255 0.47 -12.63 33.89
C GLU C 255 -0.91 -12.70 34.55
N GLN C 256 -1.54 -11.54 34.72
CA GLN C 256 -2.85 -11.46 35.35
C GLN C 256 -4.01 -11.72 34.41
N MET C 257 -3.73 -12.02 33.14
CA MET C 257 -4.79 -12.25 32.18
C MET C 257 -5.18 -13.72 32.10
N GLY C 258 -4.26 -14.61 32.47
CA GLY C 258 -4.55 -16.03 32.43
C GLY C 258 -4.21 -16.73 31.13
N VAL C 259 -3.45 -16.08 30.26
CA VAL C 259 -3.06 -16.67 28.98
C VAL C 259 -1.79 -15.98 28.55
N ALA C 260 -0.98 -16.68 27.77
CA ALA C 260 0.29 -16.13 27.31
C ALA C 260 0.24 -15.69 25.88
N PRO C 261 0.99 -14.63 25.55
CA PRO C 261 1.03 -14.12 24.19
C PRO C 261 2.12 -14.87 23.45
N ASP C 262 2.10 -14.81 22.12
CA ASP C 262 3.12 -15.48 21.35
C ASP C 262 4.35 -14.59 21.29
N LEU C 263 4.13 -13.29 21.37
CA LEU C 263 5.22 -12.32 21.35
C LEU C 263 4.88 -11.20 22.31
N THR C 264 5.90 -10.72 23.02
CA THR C 264 5.77 -9.65 24.00
C THR C 264 6.84 -8.60 23.74
N THR C 265 6.49 -7.33 23.81
CA THR C 265 7.50 -6.29 23.62
C THR C 265 7.67 -5.55 24.93
N PHE C 266 8.86 -5.02 25.17
CA PHE C 266 9.11 -4.31 26.41
C PHE C 266 10.16 -3.22 26.19
N ALA C 267 10.10 -2.19 27.03
CA ALA C 267 11.03 -1.07 27.00
C ALA C 267 10.79 -0.24 28.25
N LYS C 268 10.94 1.08 28.12
CA LYS C 268 10.76 2.01 29.21
C LYS C 268 11.43 1.63 30.55
N SER C 269 10.61 1.30 31.55
CA SER C 269 11.15 0.96 32.87
C SER C 269 12.08 -0.23 32.91
N ILE C 270 12.05 -1.08 31.89
CA ILE C 270 12.94 -2.24 31.87
C ILE C 270 14.37 -1.87 32.26
N ALA C 271 14.88 -0.73 31.78
CA ALA C 271 16.25 -0.29 32.11
C ALA C 271 16.24 0.97 32.94
N GLY C 272 15.11 1.22 33.60
CA GLY C 272 14.93 2.38 34.46
C GLY C 272 15.61 3.70 34.11
N GLY C 273 15.51 4.14 32.87
CA GLY C 273 16.11 5.41 32.51
C GLY C 273 17.27 5.37 31.52
N PHE C 274 17.47 4.24 30.84
CA PHE C 274 18.54 4.11 29.83
C PHE C 274 17.96 3.45 28.56
N PRO C 275 18.39 3.92 27.38
CA PRO C 275 17.92 3.42 26.08
C PRO C 275 17.97 1.91 25.79
N LEU C 276 16.85 1.22 26.02
CA LEU C 276 16.78 -0.20 25.76
C LEU C 276 15.37 -0.71 25.56
N ALA C 277 15.22 -1.72 24.70
CA ALA C 277 13.92 -2.34 24.43
C ALA C 277 14.15 -3.74 23.86
N GLY C 278 13.09 -4.54 23.78
CA GLY C 278 13.22 -5.87 23.25
C GLY C 278 11.92 -6.64 23.03
N VAL C 279 12.06 -7.82 22.44
CA VAL C 279 10.96 -8.71 22.11
C VAL C 279 11.26 -10.12 22.59
N THR C 280 10.33 -10.68 23.36
CA THR C 280 10.46 -12.03 23.87
C THR C 280 9.27 -12.82 23.33
N GLY C 281 9.54 -13.97 22.72
CA GLY C 281 8.45 -14.76 22.18
C GLY C 281 8.74 -16.23 22.06
N ARG C 282 7.69 -16.99 21.70
CA ARG C 282 7.77 -18.42 21.52
C ARG C 282 9.01 -18.71 20.65
N ALA C 283 9.90 -19.53 21.18
CA ALA C 283 11.14 -19.85 20.48
C ALA C 283 10.96 -20.20 19.00
N GLU C 284 9.99 -21.06 18.68
CA GLU C 284 9.75 -21.47 17.30
C GLU C 284 9.45 -20.26 16.42
N VAL C 285 8.62 -19.37 16.93
CA VAL C 285 8.23 -18.16 16.23
C VAL C 285 9.41 -17.20 16.04
N MET C 286 10.13 -16.95 17.12
CA MET C 286 11.29 -16.06 17.08
C MET C 286 12.32 -16.51 16.06
N ASP C 287 12.47 -17.81 15.88
CA ASP C 287 13.46 -18.32 14.94
C ASP C 287 13.01 -18.34 13.48
N ALA C 288 11.74 -18.02 13.25
CA ALA C 288 11.23 -17.98 11.88
C ALA C 288 12.05 -17.01 11.02
N VAL C 289 12.56 -15.94 11.60
CA VAL C 289 13.33 -14.99 10.81
C VAL C 289 14.72 -15.56 10.51
N ALA C 290 15.11 -15.51 9.23
CA ALA C 290 16.40 -16.03 8.80
C ALA C 290 17.56 -15.27 9.40
N PRO C 291 18.73 -15.91 9.52
CA PRO C 291 19.91 -15.25 10.10
C PRO C 291 20.31 -13.97 9.36
N GLY C 292 20.55 -12.91 10.14
CA GLY C 292 20.94 -11.65 9.55
C GLY C 292 19.76 -10.74 9.22
N GLY C 293 18.55 -11.23 9.50
CA GLY C 293 17.37 -10.44 9.23
C GLY C 293 16.98 -9.56 10.40
N LEU C 294 17.61 -9.78 11.55
CA LEU C 294 17.30 -8.97 12.71
C LEU C 294 18.54 -8.22 13.15
N GLY C 295 18.34 -7.02 13.69
CA GLY C 295 19.47 -6.23 14.16
C GLY C 295 19.46 -4.73 13.93
N GLY C 296 20.05 -4.01 14.88
CA GLY C 296 20.16 -2.57 14.80
C GLY C 296 21.50 -2.20 15.43
N THR C 297 22.08 -1.08 15.01
CA THR C 297 23.38 -0.65 15.52
C THR C 297 23.57 -0.56 17.03
N TYR C 298 22.66 0.10 17.73
CA TYR C 298 22.76 0.29 19.19
C TYR C 298 22.03 -0.78 19.99
N ALA C 299 21.38 -1.70 19.28
CA ALA C 299 20.60 -2.76 19.88
C ALA C 299 21.20 -3.39 21.13
N GLY C 300 20.40 -3.45 22.18
CA GLY C 300 20.84 -4.02 23.44
C GLY C 300 22.13 -3.42 23.97
N ASN C 301 22.21 -2.10 23.93
CA ASN C 301 23.38 -1.38 24.42
C ASN C 301 23.93 -1.91 25.75
N PRO C 302 25.25 -2.17 25.83
CA PRO C 302 25.96 -2.69 27.01
C PRO C 302 25.56 -2.02 28.33
N ILE C 303 25.67 -0.70 28.40
CA ILE C 303 25.31 0.02 29.62
C ILE C 303 23.83 -0.14 29.93
N ALA C 304 22.98 -0.01 28.92
CA ALA C 304 21.55 -0.13 29.14
C ALA C 304 21.23 -1.52 29.69
N CYS C 305 21.90 -2.54 29.15
CA CYS C 305 21.68 -3.91 29.59
C CYS C 305 21.96 -4.13 31.08
N VAL C 306 23.15 -3.75 31.57
CA VAL C 306 23.42 -3.98 32.99
C VAL C 306 22.45 -3.18 33.85
N ALA C 307 21.99 -2.04 33.35
CA ALA C 307 21.04 -1.24 34.09
C ALA C 307 19.74 -2.06 34.23
N ALA C 308 19.33 -2.71 33.14
CA ALA C 308 18.12 -3.52 33.18
C ALA C 308 18.31 -4.72 34.12
N LEU C 309 19.48 -5.35 34.05
CA LEU C 309 19.74 -6.48 34.94
C LEU C 309 19.63 -6.00 36.38
N GLU C 310 20.24 -4.85 36.66
CA GLU C 310 20.22 -4.30 38.00
C GLU C 310 18.80 -3.91 38.41
N VAL C 311 18.00 -3.44 37.46
CA VAL C 311 16.62 -3.06 37.76
C VAL C 311 15.80 -4.29 38.16
N LEU C 312 16.05 -5.42 37.51
CA LEU C 312 15.32 -6.63 37.86
C LEU C 312 15.70 -7.10 39.27
N LYS C 313 16.97 -6.97 39.63
CA LYS C 313 17.40 -7.36 40.96
C LYS C 313 16.65 -6.49 41.96
N VAL C 314 16.70 -5.18 41.73
CA VAL C 314 16.02 -4.21 42.59
C VAL C 314 14.55 -4.58 42.82
N PHE C 315 13.86 -4.97 41.76
CA PHE C 315 12.45 -5.33 41.87
C PHE C 315 12.23 -6.48 42.83
N GLU C 316 13.12 -7.46 42.76
CA GLU C 316 13.05 -8.65 43.60
C GLU C 316 13.49 -8.36 45.02
N GLN C 317 14.50 -7.52 45.18
CA GLN C 317 15.03 -7.19 46.50
C GLN C 317 14.21 -6.18 47.27
N GLU C 318 13.67 -5.17 46.59
CA GLU C 318 12.88 -4.15 47.28
C GLU C 318 11.37 -4.36 47.19
N ASN C 319 10.98 -5.56 46.79
CA ASN C 319 9.56 -5.89 46.71
C ASN C 319 8.73 -4.90 45.90
N LEU C 320 9.35 -4.22 44.93
CA LEU C 320 8.63 -3.23 44.12
C LEU C 320 7.30 -3.71 43.51
N LEU C 321 7.16 -5.00 43.22
CA LEU C 321 5.90 -5.49 42.67
C LEU C 321 4.82 -5.31 43.73
N GLN C 322 5.23 -5.44 44.99
CA GLN C 322 4.30 -5.31 46.10
C GLN C 322 3.96 -3.83 46.35
N LYS C 323 4.99 -3.00 46.46
CA LYS C 323 4.79 -1.57 46.68
C LYS C 323 3.86 -0.99 45.63
N ALA C 324 3.95 -1.52 44.40
CA ALA C 324 3.11 -1.05 43.30
C ALA C 324 1.63 -1.21 43.64
N ASN C 325 1.24 -2.41 44.06
CA ASN C 325 -0.14 -2.68 44.41
C ASN C 325 -0.66 -1.79 45.53
N ASP C 326 0.20 -1.50 46.51
CA ASP C 326 -0.21 -0.63 47.60
C ASP C 326 -0.34 0.79 47.05
N LEU C 327 0.76 1.30 46.51
CA LEU C 327 0.78 2.64 45.93
C LEU C 327 -0.47 2.86 45.09
N GLY C 328 -0.82 1.85 44.32
CA GLY C 328 -2.01 1.95 43.48
C GLY C 328 -3.27 2.08 44.31
N GLN C 329 -3.37 1.26 45.36
CA GLN C 329 -4.54 1.30 46.21
C GLN C 329 -4.65 2.66 46.92
N LYS C 330 -3.53 3.14 47.44
CA LYS C 330 -3.51 4.44 48.12
C LYS C 330 -4.00 5.53 47.17
N LEU C 331 -3.43 5.57 45.96
CA LEU C 331 -3.82 6.57 44.97
C LEU C 331 -5.31 6.52 44.70
N LYS C 332 -5.82 5.33 44.37
CA LYS C 332 -7.24 5.17 44.10
C LYS C 332 -8.06 5.80 45.23
N ASP C 333 -7.80 5.35 46.45
CA ASP C 333 -8.51 5.85 47.61
C ASP C 333 -8.42 7.38 47.72
N GLY C 334 -7.19 7.90 47.73
CA GLY C 334 -7.02 9.34 47.82
C GLY C 334 -7.80 10.10 46.76
N LEU C 335 -7.84 9.54 45.54
CA LEU C 335 -8.55 10.14 44.43
C LEU C 335 -10.05 9.96 44.61
N LEU C 336 -10.46 8.74 44.96
CA LEU C 336 -11.88 8.48 45.18
C LEU C 336 -12.41 9.48 46.21
N ALA C 337 -11.54 9.89 47.11
CA ALA C 337 -11.91 10.85 48.15
C ALA C 337 -12.24 12.20 47.53
N ILE C 338 -11.30 12.75 46.77
CA ILE C 338 -11.49 14.03 46.11
C ILE C 338 -12.67 13.96 45.14
N ALA C 339 -13.06 12.74 44.77
CA ALA C 339 -14.17 12.52 43.85
C ALA C 339 -15.52 12.73 44.53
N GLU C 340 -15.53 12.73 45.86
CA GLU C 340 -16.76 12.95 46.61
C GLU C 340 -17.18 14.38 46.38
N LYS C 341 -16.24 15.29 46.62
CA LYS C 341 -16.46 16.72 46.46
C LYS C 341 -16.44 17.20 45.00
N HIS C 342 -16.15 16.29 44.08
CA HIS C 342 -16.06 16.66 42.67
C HIS C 342 -16.65 15.61 41.73
N PRO C 343 -17.81 15.92 41.13
CA PRO C 343 -18.50 15.01 40.20
C PRO C 343 -17.79 14.99 38.84
N GLU C 344 -16.88 15.94 38.64
CA GLU C 344 -16.11 16.04 37.41
C GLU C 344 -15.32 14.76 37.20
N ILE C 345 -14.90 14.15 38.30
CA ILE C 345 -14.16 12.91 38.26
C ILE C 345 -15.18 11.78 38.06
N GLY C 346 -15.46 11.47 36.80
CA GLY C 346 -16.44 10.44 36.48
C GLY C 346 -16.01 9.01 36.78
N ASP C 347 -14.71 8.75 36.74
CA ASP C 347 -14.21 7.41 37.01
C ASP C 347 -12.76 7.37 37.48
N VAL C 348 -12.49 6.47 38.42
CA VAL C 348 -11.15 6.28 38.98
C VAL C 348 -10.83 4.80 38.82
N ARG C 349 -9.94 4.49 37.89
CA ARG C 349 -9.55 3.11 37.60
C ARG C 349 -8.05 2.92 37.68
N GLY C 350 -7.61 1.70 37.43
CA GLY C 350 -6.20 1.40 37.46
C GLY C 350 -5.88 -0.02 37.87
N LEU C 351 -4.84 -0.57 37.26
CA LEU C 351 -4.41 -1.92 37.57
C LEU C 351 -3.04 -1.72 38.21
N GLY C 352 -2.84 -2.25 39.40
CA GLY C 352 -1.55 -2.07 40.06
C GLY C 352 -1.29 -0.59 40.27
N ALA C 353 -0.11 -0.11 39.87
CA ALA C 353 0.24 1.30 40.02
C ALA C 353 -0.01 2.09 38.73
N MET C 354 -0.72 1.48 37.80
CA MET C 354 -1.06 2.12 36.53
C MET C 354 -2.47 2.68 36.72
N ILE C 355 -2.55 3.75 37.51
CA ILE C 355 -3.82 4.39 37.88
C ILE C 355 -4.15 5.65 37.09
N ALA C 356 -5.44 5.88 36.89
CA ALA C 356 -5.89 7.05 36.17
C ALA C 356 -7.30 7.52 36.54
N ILE C 357 -7.62 8.75 36.17
CA ILE C 357 -8.94 9.32 36.40
C ILE C 357 -9.36 10.02 35.12
N GLU C 358 -10.63 9.93 34.79
CA GLU C 358 -11.15 10.55 33.59
C GLU C 358 -12.15 11.65 33.97
N LEU C 359 -11.81 12.89 33.61
CA LEU C 359 -12.66 14.04 33.90
C LEU C 359 -13.80 14.18 32.89
N PHE C 360 -14.98 14.51 33.41
CA PHE C 360 -16.17 14.67 32.59
C PHE C 360 -16.87 16.00 32.87
N GLU C 361 -17.54 16.52 31.84
CA GLU C 361 -18.27 17.76 31.95
C GLU C 361 -19.58 17.53 32.71
N ASP C 362 -19.64 18.06 33.93
CA ASP C 362 -20.81 17.92 34.78
C ASP C 362 -21.15 16.45 35.03
N GLY C 363 -20.13 15.67 35.37
CA GLY C 363 -20.35 14.26 35.63
C GLY C 363 -21.07 13.54 34.50
N ASP C 364 -21.17 14.21 33.35
CA ASP C 364 -21.83 13.63 32.18
C ASP C 364 -20.83 12.82 31.36
N HIS C 365 -20.96 11.49 31.44
CA HIS C 365 -20.07 10.57 30.73
C HIS C 365 -20.16 10.70 29.21
N ASN C 366 -20.89 11.72 28.74
CA ASN C 366 -21.05 11.96 27.31
C ASN C 366 -20.27 13.19 26.86
N LYS C 367 -19.92 14.05 27.81
CA LYS C 367 -19.17 15.27 27.51
C LYS C 367 -17.78 15.28 28.16
N PRO C 368 -16.76 14.76 27.46
CA PRO C 368 -15.38 14.70 27.96
C PRO C 368 -14.83 16.11 28.24
N ASP C 369 -14.55 16.40 29.52
CA ASP C 369 -14.03 17.70 29.90
C ASP C 369 -12.52 17.81 29.70
N ALA C 370 -12.10 18.07 28.47
CA ALA C 370 -10.67 18.17 28.16
C ALA C 370 -10.03 19.43 28.75
N LYS C 371 -10.77 20.53 28.74
CA LYS C 371 -10.25 21.79 29.26
C LYS C 371 -9.95 21.72 30.76
N LEU C 372 -10.76 20.95 31.49
CA LEU C 372 -10.56 20.80 32.93
C LEU C 372 -9.29 20.01 33.18
N THR C 373 -9.08 18.97 32.37
CA THR C 373 -7.90 18.12 32.48
C THR C 373 -6.65 19.00 32.38
N ALA C 374 -6.56 19.73 31.26
CA ALA C 374 -5.42 20.62 31.03
C ALA C 374 -5.30 21.64 32.14
N GLU C 375 -6.42 22.03 32.72
CA GLU C 375 -6.43 23.01 33.79
C GLU C 375 -5.66 22.46 35.00
N ILE C 376 -6.08 21.29 35.46
CA ILE C 376 -5.44 20.65 36.60
C ILE C 376 -3.95 20.45 36.38
N VAL C 377 -3.58 19.96 35.21
CA VAL C 377 -2.17 19.72 34.88
C VAL C 377 -1.37 21.00 35.16
N ALA C 378 -1.81 22.11 34.57
CA ALA C 378 -1.14 23.39 34.74
C ALA C 378 -1.10 23.83 36.20
N ARG C 379 -2.19 23.56 36.93
CA ARG C 379 -2.28 23.93 38.34
C ARG C 379 -1.36 23.12 39.23
N ALA C 380 -1.22 21.83 38.94
CA ALA C 380 -0.35 20.97 39.73
C ALA C 380 1.09 21.41 39.60
N ARG C 381 1.47 21.84 38.40
CA ARG C 381 2.83 22.30 38.12
C ARG C 381 3.15 23.58 38.90
N ASP C 382 2.12 24.38 39.16
CA ASP C 382 2.29 25.61 39.92
C ASP C 382 2.60 25.24 41.36
N LYS C 383 2.01 24.13 41.80
CA LYS C 383 2.20 23.64 43.15
C LYS C 383 3.28 22.55 43.22
N GLY C 384 4.18 22.56 42.23
CA GLY C 384 5.27 21.61 42.18
C GLY C 384 5.00 20.16 41.76
N LEU C 385 3.85 19.86 41.16
CA LEU C 385 3.53 18.50 40.74
C LEU C 385 3.45 18.29 39.22
N ILE C 386 4.30 17.39 38.71
CA ILE C 386 4.34 17.06 37.29
C ILE C 386 3.36 15.93 36.95
N LEU C 387 2.26 16.26 36.27
CA LEU C 387 1.25 15.28 35.89
C LEU C 387 1.22 15.11 34.37
N LEU C 388 0.46 14.13 33.91
CA LEU C 388 0.33 13.85 32.48
C LEU C 388 -1.11 13.50 32.10
N SER C 389 -1.54 13.94 30.93
CA SER C 389 -2.88 13.63 30.47
C SER C 389 -2.79 12.64 29.31
N CYS C 390 -3.93 12.10 28.90
CA CYS C 390 -3.98 11.15 27.81
C CYS C 390 -5.42 10.77 27.50
N GLY C 391 -5.61 9.80 26.62
CA GLY C 391 -6.94 9.38 26.24
C GLY C 391 -7.27 9.92 24.87
N PRO C 392 -8.16 9.27 24.11
CA PRO C 392 -8.50 9.80 22.78
C PRO C 392 -9.08 11.21 22.78
N TYR C 393 -9.62 11.63 23.93
CA TYR C 393 -10.22 12.95 24.05
C TYR C 393 -9.47 13.86 25.01
N TYR C 394 -8.20 13.54 25.24
CA TYR C 394 -7.31 14.31 26.10
C TYR C 394 -7.97 14.76 27.41
N ASN C 395 -8.82 13.91 27.98
CA ASN C 395 -9.52 14.24 29.22
C ASN C 395 -9.17 13.26 30.33
N VAL C 396 -8.07 12.55 30.19
CA VAL C 396 -7.67 11.57 31.20
C VAL C 396 -6.35 11.91 31.86
N LEU C 397 -6.31 11.77 33.18
CA LEU C 397 -5.11 12.03 33.94
C LEU C 397 -4.54 10.67 34.36
N ARG C 398 -3.32 10.40 33.93
CA ARG C 398 -2.67 9.13 34.24
C ARG C 398 -1.44 9.34 35.12
N ILE C 399 -1.39 8.61 36.23
CA ILE C 399 -0.26 8.70 37.15
C ILE C 399 0.75 7.60 36.90
N LEU C 400 1.99 8.01 36.63
CA LEU C 400 3.09 7.09 36.37
C LEU C 400 4.23 7.43 37.32
N VAL C 401 3.87 7.69 38.57
CA VAL C 401 4.85 8.02 39.60
C VAL C 401 5.71 6.81 39.90
N PRO C 402 7.03 7.02 40.11
CA PRO C 402 7.93 5.91 40.42
C PRO C 402 7.39 5.06 41.56
N LEU C 403 7.63 3.75 41.50
CA LEU C 403 7.18 2.82 42.54
C LEU C 403 7.99 3.02 43.82
N THR C 404 9.14 3.67 43.68
CA THR C 404 10.04 3.92 44.80
C THR C 404 9.74 5.23 45.50
N ILE C 405 8.47 5.61 45.50
CA ILE C 405 8.05 6.86 46.14
C ILE C 405 7.73 6.67 47.62
N GLU C 406 8.20 7.59 48.44
CA GLU C 406 7.97 7.55 49.89
C GLU C 406 6.51 7.86 50.27
N ASP C 407 6.05 7.27 51.36
CA ASP C 407 4.68 7.45 51.85
C ASP C 407 4.25 8.91 51.97
N ALA C 408 5.17 9.77 52.38
CA ALA C 408 4.87 11.19 52.55
C ALA C 408 4.56 11.85 51.21
N GLN C 409 5.42 11.60 50.22
CA GLN C 409 5.23 12.17 48.89
C GLN C 409 3.90 11.76 48.28
N ILE C 410 3.33 10.65 48.77
CA ILE C 410 2.04 10.20 48.24
C ILE C 410 0.92 11.09 48.78
N ARG C 411 1.01 11.45 50.05
CA ARG C 411 0.01 12.34 50.67
C ARG C 411 0.24 13.69 50.00
N GLN C 412 1.50 14.13 50.03
CA GLN C 412 1.91 15.39 49.43
C GLN C 412 1.37 15.48 48.02
N GLY C 413 1.28 14.34 47.34
CA GLY C 413 0.77 14.33 45.99
C GLY C 413 -0.73 14.49 45.93
N LEU C 414 -1.43 13.67 46.70
CA LEU C 414 -2.89 13.72 46.73
C LEU C 414 -3.36 15.09 47.20
N GLU C 415 -2.61 15.69 48.13
CA GLU C 415 -2.95 17.00 48.66
C GLU C 415 -2.92 18.03 47.52
N ILE C 416 -1.82 18.06 46.79
CA ILE C 416 -1.66 18.99 45.68
C ILE C 416 -2.79 18.85 44.67
N ILE C 417 -3.09 17.62 44.27
CA ILE C 417 -4.16 17.39 43.32
C ILE C 417 -5.49 17.82 43.93
N SER C 418 -5.63 17.60 45.24
CA SER C 418 -6.84 17.98 45.95
C SER C 418 -7.04 19.49 45.79
N GLN C 419 -6.01 20.25 46.14
CA GLN C 419 -6.03 21.71 46.04
C GLN C 419 -6.45 22.14 44.63
N CYS C 420 -5.78 21.58 43.63
CA CYS C 420 -6.05 21.90 42.23
C CYS C 420 -7.54 21.81 41.89
N PHE C 421 -8.15 20.69 42.26
CA PHE C 421 -9.57 20.51 41.98
C PHE C 421 -10.46 21.49 42.74
N ASP C 422 -10.15 21.69 44.02
CA ASP C 422 -10.93 22.62 44.84
C ASP C 422 -10.76 24.06 44.36
N GLU C 423 -9.54 24.40 43.93
CA GLU C 423 -9.25 25.74 43.46
C GLU C 423 -9.77 26.03 42.05
N ALA C 424 -9.89 24.99 41.23
CA ALA C 424 -10.40 25.16 39.87
C ALA C 424 -11.91 25.30 39.92
N LYS C 425 -12.44 25.10 41.12
CA LYS C 425 -13.87 25.19 41.36
C LYS C 425 -14.11 26.25 42.43
N GLN C 426 -13.88 27.52 42.07
CA GLN C 426 -14.07 28.64 42.99
C GLN C 426 -14.48 29.91 42.24
N ASN D 2 35.69 -16.92 31.65
CA ASN D 2 34.63 -17.57 30.83
C ASN D 2 35.19 -18.09 29.49
N SER D 3 34.29 -18.42 28.56
CA SER D 3 34.66 -18.94 27.26
C SER D 3 33.77 -18.37 26.13
N ASN D 4 34.40 -17.97 25.02
CA ASN D 4 33.63 -17.45 23.89
C ASN D 4 32.65 -18.50 23.41
N LYS D 5 33.15 -19.72 23.19
CA LYS D 5 32.30 -20.79 22.71
C LYS D 5 31.18 -21.11 23.71
N GLU D 6 31.48 -21.05 25.00
CA GLU D 6 30.43 -21.33 25.97
C GLU D 6 29.35 -20.28 25.90
N LEU D 7 29.74 -19.02 25.69
CA LEU D 7 28.78 -17.92 25.58
C LEU D 7 28.01 -18.01 24.26
N MET D 8 28.67 -18.49 23.20
CA MET D 8 27.98 -18.67 21.92
C MET D 8 26.88 -19.72 22.02
N GLN D 9 27.14 -20.79 22.78
CA GLN D 9 26.14 -21.85 22.95
C GLN D 9 24.89 -21.34 23.67
N ARG D 10 25.08 -20.46 24.65
CA ARG D 10 23.95 -19.91 25.38
C ARG D 10 23.22 -18.96 24.45
N ARG D 11 24.00 -18.22 23.66
CA ARG D 11 23.46 -17.27 22.69
C ARG D 11 22.48 -17.99 21.78
N SER D 12 22.87 -19.16 21.30
CA SER D 12 22.00 -19.92 20.40
C SER D 12 20.74 -20.44 21.10
N GLN D 13 20.77 -20.51 22.41
CA GLN D 13 19.63 -21.02 23.16
C GLN D 13 18.65 -19.95 23.58
N ALA D 14 19.15 -18.74 23.82
CA ALA D 14 18.30 -17.66 24.30
C ALA D 14 17.92 -16.58 23.29
N ILE D 15 18.73 -16.44 22.24
CA ILE D 15 18.54 -15.43 21.20
C ILE D 15 18.25 -16.03 19.82
N PRO D 16 17.24 -15.50 19.13
CA PRO D 16 16.89 -16.01 17.79
C PRO D 16 18.04 -15.98 16.78
N ARG D 17 18.03 -16.92 15.85
CA ARG D 17 19.08 -16.96 14.84
C ARG D 17 19.00 -15.78 13.87
N GLY D 18 17.85 -15.10 13.89
CA GLY D 18 17.70 -13.93 13.04
C GLY D 18 18.83 -12.94 13.29
N VAL D 19 19.24 -12.80 14.55
CA VAL D 19 20.33 -11.90 14.91
C VAL D 19 21.67 -12.53 14.50
N GLY D 20 22.20 -12.09 13.36
CA GLY D 20 23.45 -12.62 12.88
C GLY D 20 24.60 -12.35 13.83
N GLN D 21 25.75 -12.95 13.54
CA GLN D 21 26.93 -12.79 14.38
C GLN D 21 28.19 -12.87 13.53
N ILE D 22 28.76 -11.72 13.21
CA ILE D 22 29.97 -11.65 12.40
C ILE D 22 31.15 -12.40 13.04
N HIS D 23 31.48 -12.06 14.28
CA HIS D 23 32.59 -12.67 15.00
C HIS D 23 32.01 -13.37 16.21
N PRO D 24 32.32 -14.67 16.38
CA PRO D 24 31.81 -15.44 17.51
C PRO D 24 32.63 -15.18 18.77
N ILE D 25 32.82 -13.91 19.09
CA ILE D 25 33.59 -13.51 20.24
C ILE D 25 32.81 -12.57 21.15
N PHE D 26 32.90 -12.79 22.44
CA PHE D 26 32.23 -11.91 23.38
C PHE D 26 33.25 -10.95 23.97
N ALA D 27 33.01 -9.66 23.77
CA ALA D 27 33.90 -8.63 24.28
C ALA D 27 33.68 -8.45 25.78
N ASP D 28 34.73 -8.02 26.48
CA ASP D 28 34.67 -7.78 27.91
C ASP D 28 35.00 -6.31 28.22
N ARG D 29 36.11 -5.85 27.66
CA ARG D 29 36.59 -4.48 27.83
C ARG D 29 37.09 -3.99 26.50
N ALA D 30 37.20 -2.68 26.37
CA ALA D 30 37.71 -2.08 25.16
C ALA D 30 38.27 -0.73 25.55
N GLU D 31 39.13 -0.20 24.69
CA GLU D 31 39.74 1.07 24.96
C GLU D 31 40.34 1.59 23.67
N ASN D 32 39.77 2.68 23.18
CA ASN D 32 40.22 3.28 21.95
C ASN D 32 40.11 2.27 20.82
N CYS D 33 41.22 1.65 20.43
CA CYS D 33 41.21 0.68 19.35
C CYS D 33 41.39 -0.78 19.77
N ARG D 34 41.58 -1.01 21.06
CA ARG D 34 41.79 -2.35 21.54
C ARG D 34 40.55 -2.95 22.17
N VAL D 35 40.38 -4.26 21.97
CA VAL D 35 39.26 -4.96 22.57
C VAL D 35 39.76 -6.27 23.17
N TRP D 36 39.24 -6.62 24.33
CA TRP D 36 39.61 -7.85 25.02
C TRP D 36 38.36 -8.70 25.22
N ASP D 37 38.44 -9.96 24.81
CA ASP D 37 37.29 -10.87 24.97
C ASP D 37 37.23 -11.46 26.37
N VAL D 38 36.19 -12.23 26.63
CA VAL D 38 36.05 -12.87 27.94
C VAL D 38 37.21 -13.84 28.23
N GLU D 39 37.98 -14.19 27.20
CA GLU D 39 39.09 -15.11 27.40
C GLU D 39 40.39 -14.36 27.62
N GLY D 40 40.30 -13.05 27.63
CA GLY D 40 41.48 -12.22 27.86
C GLY D 40 42.27 -11.88 26.62
N ARG D 41 41.84 -12.38 25.48
CA ARG D 41 42.58 -12.09 24.25
C ARG D 41 42.34 -10.67 23.76
N GLU D 42 43.39 -10.06 23.23
CA GLU D 42 43.33 -8.69 22.74
C GLU D 42 43.18 -8.60 21.23
N TYR D 43 42.41 -7.60 20.76
CA TYR D 43 42.21 -7.39 19.32
C TYR D 43 42.32 -5.93 18.93
N LEU D 44 42.68 -5.70 17.67
CA LEU D 44 42.79 -4.35 17.13
C LEU D 44 41.48 -4.14 16.35
N ASP D 45 40.58 -3.33 16.91
CA ASP D 45 39.27 -3.07 16.31
C ASP D 45 39.22 -2.21 15.05
N PHE D 46 38.98 -2.83 13.90
CA PHE D 46 38.88 -2.06 12.66
C PHE D 46 37.44 -1.91 12.19
N ALA D 47 36.49 -2.42 12.97
CA ALA D 47 35.07 -2.32 12.64
C ALA D 47 34.44 -1.11 13.35
N GLY D 48 35.07 -0.69 14.45
CA GLY D 48 34.60 0.45 15.21
C GLY D 48 33.13 0.43 15.62
N GLY D 49 32.58 -0.77 15.83
CA GLY D 49 31.20 -0.90 16.23
C GLY D 49 30.29 -0.57 15.08
N ILE D 50 30.89 -0.54 13.90
CA ILE D 50 30.25 -0.20 12.63
C ILE D 50 30.19 1.31 12.49
N ALA D 51 31.35 1.96 12.58
CA ALA D 51 31.45 3.41 12.44
C ALA D 51 30.80 4.20 13.58
N VAL D 52 30.66 3.60 14.76
CA VAL D 52 30.05 4.29 15.89
C VAL D 52 31.10 4.86 16.81
N LEU D 53 32.34 4.42 16.65
CA LEU D 53 33.43 4.87 17.52
C LEU D 53 34.55 5.63 16.81
N ASN D 54 34.21 6.69 16.09
CA ASN D 54 35.24 7.45 15.39
C ASN D 54 36.20 8.09 16.39
N THR D 55 35.76 8.17 17.65
CA THR D 55 36.60 8.73 18.71
C THR D 55 37.21 7.61 19.56
N GLY D 56 37.03 6.37 19.12
CA GLY D 56 37.57 5.24 19.85
C GLY D 56 36.73 4.77 21.03
N HIS D 57 37.02 3.57 21.53
CA HIS D 57 36.28 3.03 22.65
C HIS D 57 36.47 3.82 23.95
N LEU D 58 35.37 4.27 24.52
CA LEU D 58 35.40 5.02 25.78
C LEU D 58 36.48 6.10 25.83
N HIS D 59 36.36 7.11 24.96
CA HIS D 59 37.30 8.21 24.96
C HIS D 59 37.13 8.85 26.34
N PRO D 60 38.25 9.12 27.02
CA PRO D 60 38.24 9.73 28.36
C PRO D 60 37.42 11.02 28.55
N LYS D 61 37.58 12.00 27.66
CA LYS D 61 36.81 13.24 27.77
C LYS D 61 35.31 12.93 27.70
N VAL D 62 34.97 12.02 26.79
CA VAL D 62 33.59 11.61 26.61
C VAL D 62 33.05 10.93 27.88
N VAL D 63 33.85 10.03 28.47
CA VAL D 63 33.43 9.31 29.68
C VAL D 63 33.26 10.29 30.84
N ALA D 64 34.21 11.21 30.98
CA ALA D 64 34.15 12.23 32.02
C ALA D 64 32.82 12.97 31.96
N ALA D 65 32.46 13.46 30.77
CA ALA D 65 31.19 14.17 30.60
C ALA D 65 30.03 13.28 31.03
N VAL D 66 30.05 12.04 30.54
CA VAL D 66 29.02 11.05 30.85
C VAL D 66 28.87 10.81 32.35
N GLU D 67 30.00 10.70 33.04
CA GLU D 67 29.96 10.46 34.49
C GLU D 67 29.34 11.64 35.22
N ALA D 68 29.66 12.85 34.77
CA ALA D 68 29.12 14.06 35.36
C ALA D 68 27.60 14.12 35.21
N GLN D 69 27.13 13.88 33.98
CA GLN D 69 25.70 13.92 33.72
C GLN D 69 24.99 12.84 34.51
N LEU D 70 25.67 11.71 34.69
CA LEU D 70 25.09 10.58 35.40
C LEU D 70 24.79 10.91 36.87
N LYS D 71 25.43 11.95 37.40
CA LYS D 71 25.18 12.37 38.78
C LYS D 71 23.97 13.27 38.84
N LYS D 72 23.61 13.84 37.69
CA LYS D 72 22.48 14.75 37.59
C LYS D 72 21.16 14.05 37.24
N LEU D 73 21.07 13.47 36.05
CA LEU D 73 19.85 12.77 35.63
C LEU D 73 20.13 11.96 34.36
N SER D 74 19.37 10.88 34.15
CA SER D 74 19.57 10.06 32.96
C SER D 74 18.38 10.16 32.01
N HIS D 75 17.19 10.39 32.54
CA HIS D 75 16.01 10.47 31.68
C HIS D 75 14.81 11.22 32.26
N THR D 76 14.09 11.92 31.39
CA THR D 76 12.89 12.66 31.78
C THR D 76 11.91 12.64 30.61
N CYS D 77 12.45 12.44 29.41
CA CYS D 77 11.68 12.47 28.17
C CYS D 77 11.49 13.95 27.84
N PHE D 78 12.33 14.47 26.96
CA PHE D 78 12.30 15.88 26.56
C PHE D 78 10.90 16.49 26.43
N GLN D 79 9.98 15.75 25.80
CA GLN D 79 8.60 16.23 25.57
C GLN D 79 7.81 16.55 26.81
N VAL D 80 8.31 16.12 27.97
CA VAL D 80 7.63 16.37 29.24
C VAL D 80 8.42 17.47 29.94
N LEU D 81 9.69 17.17 30.25
CA LEU D 81 10.60 18.11 30.88
C LEU D 81 11.88 18.17 30.05
N ALA D 82 12.18 19.35 29.53
CA ALA D 82 13.38 19.54 28.71
C ALA D 82 14.64 19.59 29.56
N TYR D 83 15.78 19.62 28.88
CA TYR D 83 17.08 19.68 29.54
C TYR D 83 18.10 20.26 28.56
N GLU D 84 18.99 21.10 29.06
CA GLU D 84 19.99 21.80 28.27
C GLU D 84 20.85 21.04 27.27
N PRO D 85 21.29 19.83 27.63
CA PRO D 85 22.13 19.06 26.71
C PRO D 85 21.46 18.85 25.35
N TYR D 86 20.19 18.50 25.36
CA TYR D 86 19.43 18.29 24.13
C TYR D 86 19.41 19.61 23.34
N LEU D 87 18.94 20.68 23.98
CA LEU D 87 18.89 21.98 23.35
C LEU D 87 20.23 22.39 22.77
N GLU D 88 21.27 22.27 23.58
CA GLU D 88 22.60 22.64 23.14
C GLU D 88 23.17 21.87 21.94
N LEU D 89 22.85 20.59 21.85
CA LEU D 89 23.33 19.75 20.74
C LEU D 89 22.62 20.18 19.46
N CYS D 90 21.30 20.41 19.54
CA CYS D 90 20.53 20.83 18.38
C CYS D 90 21.10 22.11 17.80
N GLU D 91 21.30 23.11 18.67
CA GLU D 91 21.86 24.39 18.24
C GLU D 91 23.17 24.19 17.50
N ILE D 92 24.01 23.30 18.00
CA ILE D 92 25.29 23.05 17.35
C ILE D 92 25.16 22.33 16.01
N MET D 93 24.23 21.38 15.91
CA MET D 93 24.04 20.65 14.66
C MET D 93 23.49 21.61 13.60
N ASN D 94 22.55 22.46 14.01
CA ASN D 94 21.95 23.44 13.10
C ASN D 94 23.01 24.25 12.39
N GLN D 95 24.10 24.56 13.09
CA GLN D 95 25.17 25.33 12.47
C GLN D 95 26.27 24.49 11.83
N LYS D 96 26.45 23.25 12.27
CA LYS D 96 27.51 22.44 11.66
C LYS D 96 27.05 21.66 10.44
N VAL D 97 25.78 21.28 10.42
CA VAL D 97 25.28 20.55 9.28
C VAL D 97 25.25 21.51 8.10
N PRO D 98 25.84 21.11 6.97
CA PRO D 98 25.86 21.98 5.80
C PRO D 98 24.49 22.54 5.40
N GLY D 99 24.48 23.79 4.95
CA GLY D 99 23.25 24.44 4.55
C GLY D 99 23.33 25.91 4.93
N ASP D 100 23.44 26.77 3.92
CA ASP D 100 23.53 28.21 4.13
C ASP D 100 22.13 28.83 4.32
N PHE D 101 21.49 28.49 5.45
CA PHE D 101 20.14 28.96 5.79
C PHE D 101 19.75 28.42 7.17
N ALA D 102 18.69 28.97 7.77
CA ALA D 102 18.26 28.52 9.09
C ALA D 102 17.86 27.05 9.10
N LYS D 103 18.27 26.33 10.15
CA LYS D 103 17.94 24.92 10.28
C LYS D 103 17.42 24.63 11.67
N LYS D 104 16.84 23.44 11.83
CA LYS D 104 16.35 23.01 13.12
C LYS D 104 16.70 21.53 13.27
N THR D 105 16.86 21.07 14.52
CA THR D 105 17.23 19.69 14.74
C THR D 105 16.33 18.93 15.69
N LEU D 106 15.99 17.73 15.28
CA LEU D 106 15.17 16.84 16.08
C LEU D 106 16.13 15.73 16.53
N LEU D 107 16.03 15.32 17.79
CA LEU D 107 16.89 14.26 18.29
C LEU D 107 16.01 13.06 18.57
N VAL D 108 16.44 11.91 18.08
CA VAL D 108 15.72 10.66 18.31
C VAL D 108 16.70 9.68 18.95
N THR D 109 16.72 8.42 18.53
CA THR D 109 17.65 7.52 19.17
C THR D 109 18.44 6.62 18.23
N THR D 110 17.77 6.08 17.21
CA THR D 110 18.47 5.19 16.30
C THR D 110 18.48 5.73 14.89
N GLY D 111 19.50 5.32 14.14
CA GLY D 111 19.59 5.75 12.77
C GLY D 111 18.32 5.44 12.01
N SER D 112 17.67 4.34 12.38
N SER D 112 17.64 4.37 12.37
CA SER D 112 16.42 3.97 11.72
CA SER D 112 16.43 4.01 11.66
C SER D 112 15.37 5.04 11.95
C SER D 112 15.33 5.03 11.96
N GLU D 113 15.21 5.44 13.21
CA GLU D 113 14.25 6.44 13.59
C GLU D 113 14.60 7.77 12.91
N ALA D 114 15.89 8.04 12.76
CA ALA D 114 16.29 9.28 12.12
C ALA D 114 15.74 9.34 10.71
N VAL D 115 15.96 8.28 9.94
CA VAL D 115 15.43 8.25 8.59
C VAL D 115 13.90 8.28 8.60
N GLU D 116 13.29 7.51 9.51
CA GLU D 116 11.83 7.48 9.59
C GLU D 116 11.27 8.90 9.70
N ASN D 117 11.86 9.69 10.58
CA ASN D 117 11.43 11.06 10.81
C ASN D 117 11.78 12.00 9.66
N ALA D 118 12.96 11.86 9.11
CA ALA D 118 13.32 12.69 7.98
C ALA D 118 12.22 12.59 6.91
N VAL D 119 11.78 11.37 6.57
CA VAL D 119 10.74 11.20 5.55
C VAL D 119 9.41 11.76 6.03
N LYS D 120 9.08 11.52 7.30
CA LYS D 120 7.83 12.03 7.84
C LYS D 120 7.79 13.55 7.70
N ILE D 121 8.90 14.18 8.07
CA ILE D 121 8.99 15.62 7.98
C ILE D 121 8.88 16.09 6.51
N ALA D 122 9.54 15.38 5.60
CA ALA D 122 9.49 15.74 4.18
C ALA D 122 8.09 15.60 3.64
N ARG D 123 7.34 14.64 4.15
CA ARG D 123 5.99 14.44 3.67
C ARG D 123 5.05 15.52 4.17
N ALA D 124 5.19 15.89 5.44
CA ALA D 124 4.33 16.92 6.02
C ALA D 124 4.65 18.25 5.35
N ALA D 125 5.91 18.47 5.00
CA ALA D 125 6.34 19.70 4.36
C ALA D 125 5.81 19.88 2.95
N THR D 126 6.11 18.92 2.07
CA THR D 126 5.71 18.96 0.67
C THR D 126 4.30 18.50 0.44
N LYS D 127 3.74 17.84 1.44
CA LYS D 127 2.40 17.27 1.34
C LYS D 127 2.26 16.21 0.25
N ARG D 128 3.25 15.32 0.18
CA ARG D 128 3.28 14.23 -0.78
C ARG D 128 3.59 12.95 -0.03
N SER D 129 3.27 11.80 -0.63
CA SER D 129 3.51 10.54 0.05
C SER D 129 4.69 9.67 -0.39
N GLY D 130 5.05 9.71 -1.67
CA GLY D 130 6.12 8.88 -2.17
C GLY D 130 7.54 9.35 -1.95
N THR D 131 8.47 8.40 -1.97
CA THR D 131 9.88 8.70 -1.79
C THR D 131 10.64 7.86 -2.82
N ILE D 132 11.85 8.31 -3.16
CA ILE D 132 12.73 7.64 -4.11
C ILE D 132 14.06 7.30 -3.41
N ALA D 133 14.54 6.06 -3.56
CA ALA D 133 15.80 5.65 -2.93
C ALA D 133 16.65 4.94 -3.98
N PHE D 134 17.94 4.77 -3.69
CA PHE D 134 18.86 4.16 -4.63
C PHE D 134 19.22 2.70 -4.44
N SER D 135 19.66 2.08 -5.52
CA SER D 135 20.07 0.68 -5.51
C SER D 135 21.25 0.48 -4.56
N GLY D 136 21.23 -0.62 -3.82
CA GLY D 136 22.30 -0.91 -2.89
C GLY D 136 22.34 0.00 -1.68
N ALA D 137 21.26 0.72 -1.43
CA ALA D 137 21.21 1.62 -0.29
C ALA D 137 20.81 0.87 0.97
N TYR D 138 21.10 1.49 2.11
CA TYR D 138 20.72 0.90 3.39
C TYR D 138 20.25 2.04 4.27
N HIS D 139 19.05 1.92 4.81
CA HIS D 139 18.51 2.99 5.63
C HIS D 139 17.89 2.59 6.94
N GLY D 140 17.99 1.31 7.32
CA GLY D 140 17.42 0.90 8.58
C GLY D 140 16.62 -0.38 8.52
N ARG D 141 16.10 -0.81 9.67
CA ARG D 141 15.34 -2.05 9.70
C ARG D 141 13.90 -1.99 10.14
N THR D 142 13.26 -0.83 10.03
CA THR D 142 11.85 -0.73 10.37
C THR D 142 11.17 -1.06 9.05
N HIS D 143 9.88 -1.36 9.06
CA HIS D 143 9.21 -1.67 7.80
C HIS D 143 9.53 -0.65 6.73
N TYR D 144 9.28 0.61 7.03
CA TYR D 144 9.52 1.63 6.03
C TYR D 144 10.98 1.76 5.64
N THR D 145 11.90 1.75 6.60
CA THR D 145 13.29 1.86 6.19
C THR D 145 13.80 0.62 5.47
N LEU D 146 13.11 -0.51 5.62
CA LEU D 146 13.51 -1.72 4.90
C LEU D 146 13.11 -1.50 3.44
N ALA D 147 11.99 -0.82 3.21
CA ALA D 147 11.54 -0.52 1.85
C ALA D 147 12.52 0.46 1.18
N LEU D 148 13.10 1.37 1.97
CA LEU D 148 14.07 2.35 1.41
C LEU D 148 15.38 1.65 1.09
N THR D 149 15.75 0.72 1.97
CA THR D 149 16.96 -0.07 1.82
C THR D 149 16.92 -0.90 0.54
N GLY D 150 17.96 -0.75 -0.29
CA GLY D 150 18.03 -1.46 -1.54
C GLY D 150 18.67 -2.84 -1.42
N LYS D 151 18.02 -3.71 -0.66
CA LYS D 151 18.48 -5.08 -0.44
C LYS D 151 17.38 -5.82 0.32
N VAL D 152 16.84 -6.87 -0.28
CA VAL D 152 15.76 -7.61 0.36
C VAL D 152 16.25 -8.74 1.27
N ASN D 153 17.34 -9.40 0.89
CA ASN D 153 17.87 -10.53 1.64
C ASN D 153 19.08 -10.17 2.49
N PRO D 154 19.04 -10.53 3.79
CA PRO D 154 17.95 -11.24 4.47
C PRO D 154 16.99 -10.31 5.20
N TYR D 155 17.34 -9.01 5.21
CA TYR D 155 16.54 -7.99 5.90
C TYR D 155 15.01 -8.14 5.79
N SER D 156 14.49 -8.69 4.69
CA SER D 156 13.02 -8.82 4.53
C SER D 156 12.54 -10.26 4.30
N ALA D 157 13.49 -11.16 4.08
CA ALA D 157 13.19 -12.57 3.81
C ALA D 157 12.04 -13.19 4.57
N GLY D 158 11.10 -13.76 3.83
CA GLY D 158 9.97 -14.44 4.43
C GLY D 158 8.92 -13.56 5.08
N MET D 159 9.18 -12.26 5.12
CA MET D 159 8.24 -11.33 5.74
C MET D 159 7.15 -10.85 4.80
N GLY D 160 7.41 -10.95 3.49
CA GLY D 160 6.43 -10.50 2.53
C GLY D 160 6.88 -9.15 2.03
N LEU D 161 6.05 -8.49 1.23
CA LEU D 161 6.40 -7.20 0.67
C LEU D 161 6.37 -6.06 1.68
N MET D 162 7.45 -5.28 1.70
CA MET D 162 7.55 -4.12 2.58
C MET D 162 6.67 -3.00 2.05
N PRO D 163 6.44 -1.92 2.84
CA PRO D 163 5.60 -0.80 2.42
C PRO D 163 5.80 -0.33 0.96
N GLY D 164 4.73 0.16 0.36
CA GLY D 164 4.81 0.61 -1.01
C GLY D 164 5.11 2.09 -1.15
N HIS D 165 5.07 2.56 -2.40
CA HIS D 165 5.32 3.96 -2.73
C HIS D 165 6.74 4.46 -2.45
N VAL D 166 7.69 3.55 -2.62
CA VAL D 166 9.11 3.81 -2.51
C VAL D 166 9.54 3.39 -3.90
N TYR D 167 10.25 4.26 -4.62
CA TYR D 167 10.68 3.92 -5.97
C TYR D 167 12.20 3.88 -6.09
N ARG D 168 12.69 2.87 -6.81
CA ARG D 168 14.12 2.62 -6.97
C ARG D 168 14.84 3.31 -8.11
N ALA D 169 15.93 4.00 -7.77
CA ALA D 169 16.77 4.68 -8.76
C ALA D 169 18.16 4.04 -8.71
N LEU D 170 18.94 4.22 -9.75
CA LEU D 170 20.27 3.60 -9.80
C LEU D 170 21.34 4.50 -9.20
N TYR D 171 22.04 4.02 -8.19
CA TYR D 171 23.11 4.81 -7.60
C TYR D 171 24.27 4.88 -8.60
N PRO D 172 24.87 6.07 -8.79
CA PRO D 172 25.99 6.20 -9.73
C PRO D 172 27.19 5.35 -9.29
N CYS D 173 27.76 4.60 -10.22
CA CYS D 173 28.90 3.73 -9.93
C CYS D 173 29.56 3.22 -11.20
N PRO D 174 30.46 4.03 -11.81
CA PRO D 174 31.16 3.65 -13.05
C PRO D 174 31.87 2.31 -12.95
N LEU D 175 32.38 1.99 -11.75
CA LEU D 175 33.07 0.72 -11.54
C LEU D 175 32.23 -0.48 -11.98
N HIS D 176 30.93 -0.27 -12.20
CA HIS D 176 30.08 -1.36 -12.60
C HIS D 176 29.09 -1.04 -13.73
N GLY D 177 29.44 -0.06 -14.56
CA GLY D 177 28.59 0.29 -15.69
C GLY D 177 27.39 1.19 -15.48
N ILE D 178 27.34 1.91 -14.37
CA ILE D 178 26.23 2.82 -14.09
C ILE D 178 26.74 4.26 -14.12
N SER D 179 26.48 4.98 -15.20
CA SER D 179 26.94 6.35 -15.32
C SER D 179 26.02 7.35 -14.63
N GLU D 180 26.59 8.47 -14.20
CA GLU D 180 25.80 9.50 -13.53
C GLU D 180 24.60 9.84 -14.42
N ASP D 181 24.77 9.75 -15.73
CA ASP D 181 23.66 10.01 -16.64
C ASP D 181 22.61 8.91 -16.44
N ASP D 182 23.08 7.69 -16.20
CA ASP D 182 22.18 6.57 -15.99
C ASP D 182 21.39 6.74 -14.71
N ALA D 183 22.07 7.18 -13.66
CA ALA D 183 21.44 7.41 -12.37
C ALA D 183 20.38 8.49 -12.49
N ILE D 184 20.74 9.62 -13.10
CA ILE D 184 19.79 10.71 -13.24
C ILE D 184 18.63 10.28 -14.13
N ALA D 185 18.93 9.53 -15.18
CA ALA D 185 17.90 9.05 -16.09
C ALA D 185 16.93 8.16 -15.32
N SER D 186 17.46 7.27 -14.49
CA SER D 186 16.60 6.39 -13.72
C SER D 186 15.57 7.17 -12.90
N ILE D 187 15.94 8.36 -12.43
CA ILE D 187 15.01 9.18 -11.64
C ILE D 187 13.85 9.70 -12.51
N HIS D 188 14.21 10.22 -13.68
CA HIS D 188 13.20 10.72 -14.62
C HIS D 188 12.29 9.56 -15.05
N ARG D 189 12.86 8.38 -15.16
CA ARG D 189 12.11 7.20 -15.55
C ARG D 189 10.96 7.02 -14.55
N ILE D 190 11.28 7.17 -13.26
CA ILE D 190 10.28 7.05 -12.20
C ILE D 190 9.18 8.10 -12.40
N PHE D 191 9.60 9.33 -12.68
CA PHE D 191 8.68 10.46 -12.89
C PHE D 191 7.74 10.17 -14.05
N LYS D 192 8.28 9.57 -15.11
CA LYS D 192 7.51 9.24 -16.31
C LYS D 192 6.64 8.00 -16.15
N ASN D 193 7.24 6.95 -15.62
CA ASN D 193 6.57 5.68 -15.46
C ASN D 193 5.71 5.37 -14.25
N ASP D 194 6.17 5.75 -13.05
CA ASP D 194 5.44 5.36 -11.85
C ASP D 194 4.94 6.38 -10.86
N ALA D 195 5.63 7.51 -10.75
CA ALA D 195 5.27 8.53 -9.79
C ALA D 195 5.73 9.91 -10.23
N ALA D 196 4.77 10.77 -10.54
CA ALA D 196 5.10 12.12 -10.96
C ALA D 196 5.76 12.89 -9.81
N PRO D 197 6.59 13.88 -10.14
CA PRO D 197 7.31 14.71 -9.14
C PRO D 197 6.37 15.23 -8.05
N GLU D 198 5.18 15.70 -8.43
CA GLU D 198 4.24 16.23 -7.48
C GLU D 198 3.81 15.24 -6.39
N ASP D 199 4.17 13.97 -6.56
CA ASP D 199 3.82 12.92 -5.58
C ASP D 199 5.08 12.41 -4.86
N ILE D 200 6.23 12.99 -5.18
CA ILE D 200 7.48 12.60 -4.55
C ILE D 200 7.92 13.65 -3.51
N ALA D 201 7.76 13.27 -2.25
CA ALA D 201 8.10 14.12 -1.12
C ALA D 201 9.60 14.25 -0.93
N ALA D 202 10.34 13.17 -1.18
CA ALA D 202 11.79 13.20 -0.99
C ALA D 202 12.59 12.14 -1.75
N ILE D 203 13.88 12.41 -1.88
CA ILE D 203 14.82 11.51 -2.52
C ILE D 203 15.86 11.33 -1.42
N VAL D 204 16.03 10.09 -0.99
CA VAL D 204 16.92 9.71 0.09
C VAL D 204 18.18 9.15 -0.50
N ILE D 205 19.33 9.62 -0.06
CA ILE D 205 20.58 9.13 -0.59
C ILE D 205 21.70 9.24 0.42
N GLU D 206 22.62 8.27 0.33
CA GLU D 206 23.81 8.21 1.16
C GLU D 206 24.89 8.87 0.32
N PRO D 207 25.47 9.96 0.83
CA PRO D 207 26.53 10.64 0.07
C PRO D 207 27.62 9.62 -0.29
N VAL D 208 27.77 8.63 0.61
CA VAL D 208 28.72 7.54 0.45
C VAL D 208 27.99 6.36 1.07
N GLN D 209 27.69 5.34 0.27
CA GLN D 209 26.99 4.16 0.77
C GLN D 209 27.88 3.31 1.68
N GLY D 210 27.34 2.89 2.81
CA GLY D 210 28.08 2.06 3.74
C GLY D 210 27.84 0.60 3.39
N SER D 211 26.73 0.05 3.86
CA SER D 211 26.37 -1.32 3.58
C SER D 211 26.47 -1.60 2.07
N GLY D 212 26.26 -0.57 1.27
CA GLY D 212 26.32 -0.71 -0.18
C GLY D 212 27.69 -1.02 -0.75
N GLY D 213 28.73 -0.93 0.07
CA GLY D 213 30.07 -1.23 -0.43
C GLY D 213 30.97 -0.02 -0.57
N PHE D 214 30.77 0.95 0.31
CA PHE D 214 31.55 2.19 0.32
C PHE D 214 31.75 2.88 -1.03
N TYR D 215 30.64 3.05 -1.78
CA TYR D 215 30.67 3.74 -3.07
C TYR D 215 30.22 5.19 -2.86
N ALA D 216 31.01 6.13 -3.35
CA ALA D 216 30.71 7.55 -3.16
C ALA D 216 30.12 8.29 -4.34
N SER D 217 29.32 9.29 -4.03
CA SER D 217 28.71 10.13 -5.05
C SER D 217 29.72 11.23 -5.39
N SER D 218 29.73 11.69 -6.64
CA SER D 218 30.65 12.75 -7.04
C SER D 218 29.95 14.09 -6.83
N PRO D 219 30.72 15.18 -6.66
CA PRO D 219 30.12 16.49 -6.44
C PRO D 219 29.19 16.84 -7.60
N ALA D 220 29.64 16.52 -8.81
CA ALA D 220 28.88 16.77 -10.01
C ALA D 220 27.51 16.10 -9.97
N PHE D 221 27.48 14.82 -9.62
CA PHE D 221 26.20 14.11 -9.56
C PHE D 221 25.25 14.68 -8.49
N MET D 222 25.80 15.01 -7.32
CA MET D 222 25.00 15.55 -6.23
C MET D 222 24.44 16.91 -6.63
N GLN D 223 25.20 17.65 -7.42
CA GLN D 223 24.78 18.95 -7.89
C GLN D 223 23.58 18.80 -8.82
N ARG D 224 23.66 17.82 -9.74
CA ARG D 224 22.55 17.57 -10.66
C ARG D 224 21.33 17.11 -9.87
N LEU D 225 21.57 16.28 -8.85
CA LEU D 225 20.49 15.78 -8.04
C LEU D 225 19.85 16.94 -7.29
N ARG D 226 20.69 17.86 -6.86
CA ARG D 226 20.22 19.05 -6.13
C ARG D 226 19.34 19.90 -7.05
N ALA D 227 19.78 20.07 -8.30
CA ALA D 227 19.05 20.87 -9.28
C ALA D 227 17.69 20.25 -9.58
N LEU D 228 17.71 18.96 -9.82
CA LEU D 228 16.49 18.22 -10.10
C LEU D 228 15.51 18.39 -8.94
N CYS D 229 15.97 18.13 -7.72
CA CYS D 229 15.09 18.27 -6.56
C CYS D 229 14.52 19.69 -6.48
N ASP D 230 15.41 20.67 -6.64
CA ASP D 230 15.00 22.07 -6.57
C ASP D 230 13.87 22.35 -7.55
N GLU D 231 14.05 21.88 -8.78
CA GLU D 231 13.07 22.11 -9.83
C GLU D 231 11.71 21.52 -9.55
N HIS D 232 11.63 20.46 -8.74
CA HIS D 232 10.34 19.83 -8.47
C HIS D 232 9.82 19.97 -7.06
N GLY D 233 10.56 20.71 -6.24
CA GLY D 233 10.14 20.93 -4.86
C GLY D 233 10.23 19.66 -4.03
N ILE D 234 11.21 18.83 -4.37
CA ILE D 234 11.41 17.57 -3.68
C ILE D 234 12.54 17.74 -2.65
N MET D 235 12.29 17.30 -1.42
CA MET D 235 13.31 17.42 -0.39
C MET D 235 14.45 16.44 -0.67
N LEU D 236 15.68 16.92 -0.54
CA LEU D 236 16.85 16.05 -0.73
C LEU D 236 17.25 15.64 0.67
N ILE D 237 17.21 14.35 0.95
CA ILE D 237 17.60 13.84 2.26
C ILE D 237 18.93 13.13 2.15
N ALA D 238 19.89 13.58 2.94
CA ALA D 238 21.22 12.97 2.97
C ALA D 238 21.26 12.07 4.19
N ASP D 239 21.33 10.76 4.00
CA ASP D 239 21.40 9.85 5.14
C ASP D 239 22.87 9.79 5.47
N GLU D 240 23.27 10.51 6.51
CA GLU D 240 24.67 10.55 6.89
C GLU D 240 24.93 9.81 8.18
N VAL D 241 24.04 8.87 8.48
CA VAL D 241 24.15 8.05 9.67
C VAL D 241 25.51 7.36 9.75
N GLN D 242 26.00 6.86 8.61
CA GLN D 242 27.29 6.21 8.61
C GLN D 242 28.40 7.13 8.12
N SER D 243 28.13 7.86 7.03
CA SER D 243 29.13 8.79 6.48
C SER D 243 29.36 10.00 7.36
N GLY D 244 28.41 10.31 8.22
CA GLY D 244 28.53 11.46 9.09
C GLY D 244 29.58 11.37 10.18
N ALA D 245 29.49 12.29 11.14
CA ALA D 245 30.41 12.34 12.26
C ALA D 245 31.88 12.26 11.84
N GLY D 246 32.23 12.99 10.78
CA GLY D 246 33.59 13.05 10.32
C GLY D 246 34.27 11.89 9.60
N ARG D 247 33.56 10.80 9.34
CA ARG D 247 34.23 9.67 8.69
C ARG D 247 34.92 9.98 7.34
N THR D 248 34.43 10.99 6.62
CA THR D 248 34.99 11.30 5.30
C THR D 248 36.04 12.40 5.17
N GLY D 249 36.42 13.01 6.28
CA GLY D 249 37.39 14.08 6.19
C GLY D 249 36.78 15.39 6.61
N THR D 250 35.48 15.53 6.40
CA THR D 250 34.72 16.72 6.80
C THR D 250 33.69 16.21 7.79
N LEU D 251 33.03 17.09 8.54
CA LEU D 251 32.08 16.58 9.50
C LEU D 251 31.01 15.78 8.78
N PHE D 252 30.47 16.30 7.68
CA PHE D 252 29.47 15.59 6.89
C PHE D 252 30.00 15.49 5.46
N ALA D 253 29.70 14.38 4.79
CA ALA D 253 30.21 14.18 3.43
C ALA D 253 29.67 15.20 2.45
N MET D 254 28.43 15.64 2.65
CA MET D 254 27.81 16.65 1.78
C MET D 254 28.69 17.88 1.59
N GLU D 255 29.39 18.27 2.63
CA GLU D 255 30.28 19.43 2.56
C GLU D 255 31.21 19.31 1.36
N GLN D 256 31.68 18.09 1.09
CA GLN D 256 32.58 17.86 -0.03
C GLN D 256 31.86 17.74 -1.35
N MET D 257 30.54 17.96 -1.35
CA MET D 257 29.75 17.85 -2.57
C MET D 257 29.46 19.23 -3.17
N GLY D 258 29.76 20.28 -2.42
CA GLY D 258 29.50 21.63 -2.90
C GLY D 258 28.02 21.93 -3.08
N VAL D 259 27.19 21.33 -2.25
CA VAL D 259 25.74 21.54 -2.34
C VAL D 259 25.14 21.09 -1.01
N ALA D 260 24.01 21.68 -0.62
CA ALA D 260 23.38 21.34 0.66
C ALA D 260 22.07 20.57 0.62
N PRO D 261 21.92 19.56 1.48
CA PRO D 261 20.66 18.80 1.48
C PRO D 261 19.57 19.61 2.17
N ASP D 262 18.34 19.12 2.10
CA ASP D 262 17.23 19.78 2.75
C ASP D 262 17.09 19.19 4.15
N LEU D 263 17.49 17.93 4.29
CA LEU D 263 17.42 17.20 5.55
C LEU D 263 18.60 16.25 5.64
N THR D 264 19.17 16.12 6.82
CA THR D 264 20.30 15.25 7.05
C THR D 264 20.02 14.40 8.29
N THR D 265 20.32 13.11 8.21
CA THR D 265 20.15 12.22 9.35
C THR D 265 21.52 11.87 9.87
N PHE D 266 21.65 11.74 11.19
CA PHE D 266 22.94 11.39 11.76
C PHE D 266 22.72 10.52 12.99
N ALA D 267 23.74 9.73 13.31
CA ALA D 267 23.70 8.81 14.43
C ALA D 267 25.10 8.24 14.59
N LYS D 268 25.18 6.98 15.02
CA LYS D 268 26.45 6.28 15.20
C LYS D 268 27.56 7.08 15.90
N SER D 269 28.60 7.44 15.16
CA SER D 269 29.72 8.19 15.74
C SER D 269 29.39 9.53 16.37
N ILE D 270 28.22 10.07 16.07
CA ILE D 270 27.84 11.35 16.64
C ILE D 270 27.98 11.34 18.16
N ALA D 271 27.71 10.21 18.80
CA ALA D 271 27.81 10.12 20.27
C ALA D 271 28.97 9.23 20.75
N GLY D 272 29.87 8.89 19.84
CA GLY D 272 31.02 8.06 20.16
C GLY D 272 30.79 6.87 21.07
N GLY D 273 29.71 6.12 20.87
CA GLY D 273 29.47 4.96 21.71
C GLY D 273 28.19 4.93 22.51
N PHE D 274 27.33 5.93 22.38
CA PHE D 274 26.07 5.94 23.11
C PHE D 274 24.92 6.11 22.12
N PRO D 275 23.72 5.61 22.48
CA PRO D 275 22.51 5.68 21.65
C PRO D 275 21.91 7.07 21.42
N LEU D 276 22.19 7.62 20.25
CA LEU D 276 21.69 8.94 19.89
C LEU D 276 21.61 9.03 18.39
N ALA D 277 20.60 9.71 17.90
CA ALA D 277 20.43 9.90 16.46
C ALA D 277 19.67 11.21 16.31
N GLY D 278 19.60 11.72 15.08
CA GLY D 278 18.88 12.95 14.88
C GLY D 278 18.72 13.37 13.44
N VAL D 279 17.86 14.38 13.25
CA VAL D 279 17.58 14.95 11.94
C VAL D 279 17.81 16.45 12.05
N THR D 280 18.54 17.00 11.08
CA THR D 280 18.84 18.42 11.01
C THR D 280 18.47 18.89 9.60
N GLY D 281 17.58 19.87 9.52
CA GLY D 281 17.20 20.35 8.20
C GLY D 281 16.59 21.73 8.13
N ARG D 282 16.46 22.22 6.89
CA ARG D 282 15.87 23.53 6.60
C ARG D 282 14.76 23.77 7.61
N ALA D 283 14.91 24.84 8.38
CA ALA D 283 13.96 25.19 9.44
C ALA D 283 12.46 25.08 9.17
N GLU D 284 12.00 25.71 8.09
CA GLU D 284 10.57 25.68 7.76
C GLU D 284 10.09 24.27 7.39
N VAL D 285 10.99 23.46 6.85
CA VAL D 285 10.62 22.09 6.50
C VAL D 285 10.44 21.33 7.83
N MET D 286 11.41 21.45 8.72
CA MET D 286 11.34 20.79 10.02
C MET D 286 10.06 21.17 10.77
N ASP D 287 9.63 22.41 10.62
CA ASP D 287 8.44 22.83 11.36
C ASP D 287 7.13 22.48 10.71
N ALA D 288 7.16 21.85 9.54
CA ALA D 288 5.93 21.47 8.86
C ALA D 288 5.04 20.57 9.70
N VAL D 289 5.65 19.83 10.61
CA VAL D 289 4.88 18.91 11.45
C VAL D 289 4.26 19.65 12.63
N ALA D 290 2.98 19.38 12.87
CA ALA D 290 2.24 20.01 13.95
C ALA D 290 2.80 19.61 15.28
N PRO D 291 2.68 20.48 16.29
CA PRO D 291 3.20 20.14 17.62
C PRO D 291 2.61 18.83 18.12
N GLY D 292 3.44 18.03 18.78
CA GLY D 292 3.01 16.74 19.28
C GLY D 292 3.21 15.69 18.22
N GLY D 293 3.48 16.16 17.01
CA GLY D 293 3.69 15.25 15.90
C GLY D 293 4.95 14.43 15.96
N LEU D 294 6.02 15.01 16.49
CA LEU D 294 7.31 14.33 16.60
C LEU D 294 7.60 13.91 18.03
N GLY D 295 8.32 12.82 18.21
CA GLY D 295 8.63 12.36 19.54
C GLY D 295 9.30 11.00 19.70
N GLY D 296 9.28 10.52 20.94
CA GLY D 296 9.89 9.24 21.27
C GLY D 296 10.34 9.28 22.71
N THR D 297 10.12 8.19 23.44
CA THR D 297 10.48 8.11 24.86
C THR D 297 11.94 8.43 25.16
N TYR D 298 12.85 7.66 24.58
CA TYR D 298 14.27 7.84 24.85
C TYR D 298 14.91 9.01 24.07
N ALA D 299 14.27 9.42 22.99
CA ALA D 299 14.75 10.50 22.13
C ALA D 299 15.66 11.52 22.80
N GLY D 300 16.83 11.75 22.22
CA GLY D 300 17.76 12.71 22.78
C GLY D 300 18.14 12.51 24.24
N ASN D 301 18.37 11.26 24.62
CA ASN D 301 18.74 10.89 25.97
C ASN D 301 19.90 11.74 26.53
N PRO D 302 19.75 12.25 27.76
CA PRO D 302 20.70 13.09 28.48
C PRO D 302 22.19 12.71 28.43
N ILE D 303 22.54 11.48 28.84
CA ILE D 303 23.92 11.04 28.80
C ILE D 303 24.45 11.07 27.37
N ALA D 304 23.69 10.52 26.43
CA ALA D 304 24.12 10.50 25.04
C ALA D 304 24.32 11.93 24.48
N CYS D 305 23.51 12.87 24.97
CA CYS D 305 23.64 14.24 24.50
C CYS D 305 25.00 14.82 24.90
N VAL D 306 25.37 14.71 26.17
CA VAL D 306 26.67 15.25 26.60
C VAL D 306 27.83 14.55 25.89
N ALA D 307 27.68 13.25 25.62
CA ALA D 307 28.74 12.51 24.92
C ALA D 307 28.91 13.11 23.52
N ALA D 308 27.78 13.39 22.89
CA ALA D 308 27.77 13.99 21.56
C ALA D 308 28.51 15.34 21.64
N LEU D 309 28.11 16.18 22.58
CA LEU D 309 28.75 17.47 22.76
C LEU D 309 30.26 17.30 22.90
N GLU D 310 30.66 16.33 23.74
CA GLU D 310 32.08 16.07 23.97
C GLU D 310 32.75 15.54 22.70
N VAL D 311 32.06 14.67 21.97
CA VAL D 311 32.61 14.12 20.74
C VAL D 311 32.95 15.30 19.81
N LEU D 312 32.03 16.26 19.71
CA LEU D 312 32.24 17.43 18.86
C LEU D 312 33.44 18.27 19.35
N LYS D 313 33.58 18.40 20.67
CA LYS D 313 34.71 19.15 21.22
C LYS D 313 36.00 18.41 20.89
N VAL D 314 36.04 17.12 21.18
CA VAL D 314 37.21 16.29 20.92
C VAL D 314 37.63 16.35 19.46
N PHE D 315 36.67 16.41 18.55
CA PHE D 315 37.01 16.48 17.13
C PHE D 315 37.86 17.71 16.81
N GLU D 316 37.59 18.81 17.50
CA GLU D 316 38.35 20.03 17.31
C GLU D 316 39.66 20.01 18.09
N GLN D 317 39.55 19.76 19.39
CA GLN D 317 40.74 19.72 20.23
C GLN D 317 41.77 18.73 19.73
N GLU D 318 41.31 17.61 19.17
CA GLU D 318 42.24 16.57 18.69
C GLU D 318 42.48 16.45 17.18
N ASN D 319 41.91 17.37 16.42
CA ASN D 319 42.07 17.40 14.95
C ASN D 319 41.72 16.13 14.19
N LEU D 320 40.66 15.46 14.60
CA LEU D 320 40.28 14.23 13.95
C LEU D 320 40.00 14.35 12.45
N LEU D 321 39.29 15.39 12.04
CA LEU D 321 38.99 15.55 10.63
C LEU D 321 40.25 15.43 9.79
N GLN D 322 41.33 16.08 10.22
CA GLN D 322 42.58 16.01 9.49
C GLN D 322 43.17 14.60 9.56
N LYS D 323 43.14 14.02 10.74
CA LYS D 323 43.66 12.67 10.92
C LYS D 323 42.86 11.68 10.09
N ALA D 324 41.56 11.91 9.97
CA ALA D 324 40.72 11.03 9.18
C ALA D 324 41.28 10.94 7.75
N ASN D 325 41.73 12.07 7.21
CA ASN D 325 42.29 12.07 5.86
C ASN D 325 43.65 11.35 5.84
N ASP D 326 44.50 11.69 6.81
CA ASP D 326 45.82 11.06 6.90
C ASP D 326 45.68 9.55 6.96
N LEU D 327 44.89 9.07 7.93
CA LEU D 327 44.62 7.66 8.13
C LEU D 327 44.19 6.96 6.85
N GLY D 328 43.27 7.58 6.13
CA GLY D 328 42.80 6.99 4.89
C GLY D 328 43.93 6.85 3.90
N GLN D 329 44.79 7.87 3.83
CA GLN D 329 45.91 7.85 2.90
C GLN D 329 46.88 6.74 3.28
N LYS D 330 47.11 6.55 4.57
CA LYS D 330 48.01 5.51 5.02
C LYS D 330 47.42 4.14 4.67
N LEU D 331 46.18 3.88 5.06
CA LEU D 331 45.54 2.61 4.77
C LEU D 331 45.47 2.36 3.27
N LYS D 332 45.17 3.42 2.52
CA LYS D 332 45.06 3.30 1.07
C LYS D 332 46.41 2.97 0.41
N ASP D 333 47.48 3.57 0.90
CA ASP D 333 48.80 3.29 0.34
C ASP D 333 49.22 1.89 0.78
N GLY D 334 48.97 1.61 2.06
CA GLY D 334 49.31 0.30 2.60
C GLY D 334 48.60 -0.80 1.84
N LEU D 335 47.30 -0.63 1.65
CA LEU D 335 46.51 -1.60 0.92
C LEU D 335 46.92 -1.76 -0.53
N LEU D 336 47.39 -0.68 -1.16
CA LEU D 336 47.82 -0.73 -2.56
C LEU D 336 49.14 -1.48 -2.71
N ALA D 337 49.93 -1.51 -1.63
CA ALA D 337 51.20 -2.22 -1.64
C ALA D 337 50.85 -3.70 -1.66
N ILE D 338 49.77 -4.03 -0.94
CA ILE D 338 49.31 -5.40 -0.86
C ILE D 338 48.72 -5.82 -2.21
N ALA D 339 48.00 -4.90 -2.85
CA ALA D 339 47.37 -5.16 -4.13
C ALA D 339 48.35 -5.47 -5.26
N GLU D 340 49.63 -5.15 -5.05
CA GLU D 340 50.66 -5.40 -6.06
C GLU D 340 51.19 -6.83 -5.99
N LYS D 341 50.65 -7.61 -5.06
CA LYS D 341 51.07 -9.00 -4.90
C LYS D 341 49.85 -9.87 -4.66
N HIS D 342 48.68 -9.31 -4.94
CA HIS D 342 47.41 -10.00 -4.76
C HIS D 342 46.37 -9.39 -5.69
N PRO D 343 46.34 -9.84 -6.95
CA PRO D 343 45.38 -9.35 -7.94
C PRO D 343 43.94 -9.44 -7.48
N GLU D 344 43.66 -10.36 -6.56
CA GLU D 344 42.31 -10.54 -6.05
C GLU D 344 41.73 -9.24 -5.50
N ILE D 345 42.60 -8.31 -5.13
CA ILE D 345 42.16 -7.03 -4.62
C ILE D 345 42.00 -6.12 -5.83
N GLY D 346 40.79 -6.07 -6.36
CA GLY D 346 40.54 -5.27 -7.55
C GLY D 346 40.27 -3.79 -7.40
N ASP D 347 40.18 -3.29 -6.17
CA ASP D 347 39.92 -1.87 -6.01
C ASP D 347 40.09 -1.36 -4.58
N VAL D 348 40.78 -0.23 -4.45
CA VAL D 348 41.00 0.38 -3.16
C VAL D 348 40.41 1.78 -3.29
N ARG D 349 39.32 2.03 -2.56
CA ARG D 349 38.67 3.33 -2.64
C ARG D 349 38.30 3.86 -1.27
N GLY D 350 37.86 5.12 -1.24
CA GLY D 350 37.44 5.70 0.01
C GLY D 350 37.62 7.19 0.20
N LEU D 351 36.67 7.83 0.87
CA LEU D 351 36.74 9.24 1.17
C LEU D 351 37.17 9.38 2.63
N GLY D 352 38.18 10.21 2.88
CA GLY D 352 38.64 10.36 4.24
C GLY D 352 39.08 9.03 4.82
N ALA D 353 38.44 8.58 5.91
CA ALA D 353 38.80 7.31 6.53
C ALA D 353 37.72 6.25 6.28
N MET D 354 36.86 6.51 5.31
CA MET D 354 35.81 5.57 4.93
C MET D 354 36.45 4.85 3.74
N ILE D 355 37.33 3.90 4.08
CA ILE D 355 38.09 3.13 3.12
C ILE D 355 37.58 1.70 2.94
N ALA D 356 37.76 1.16 1.73
CA ALA D 356 37.31 -0.19 1.46
C ALA D 356 38.00 -0.79 0.25
N ILE D 357 38.01 -2.12 0.18
CA ILE D 357 38.60 -2.82 -0.96
C ILE D 357 37.64 -3.90 -1.43
N GLU D 358 37.58 -4.10 -2.75
CA GLU D 358 36.70 -5.11 -3.33
C GLU D 358 37.48 -6.30 -3.90
N LEU D 359 37.17 -7.49 -3.41
CA LEU D 359 37.85 -8.70 -3.84
C LEU D 359 37.15 -9.39 -5.01
N PHE D 360 37.88 -9.51 -6.11
CA PHE D 360 37.40 -10.14 -7.32
C PHE D 360 38.22 -11.40 -7.61
N GLU D 361 37.58 -12.41 -8.20
CA GLU D 361 38.29 -13.64 -8.53
C GLU D 361 39.16 -13.42 -9.75
N ASP D 362 40.46 -13.63 -9.56
CA ASP D 362 41.44 -13.46 -10.65
C ASP D 362 41.27 -12.12 -11.35
N GLY D 363 41.36 -11.04 -10.58
CA GLY D 363 41.23 -9.71 -11.14
C GLY D 363 39.85 -9.32 -11.64
N ASP D 364 39.28 -10.13 -12.53
CA ASP D 364 37.97 -9.87 -13.12
C ASP D 364 36.96 -9.09 -12.27
N HIS D 365 36.59 -7.90 -12.74
CA HIS D 365 35.63 -7.04 -12.05
C HIS D 365 34.20 -7.57 -12.18
N ASN D 366 34.06 -8.83 -12.61
CA ASN D 366 32.74 -9.41 -12.77
C ASN D 366 32.56 -10.70 -11.98
N LYS D 367 33.59 -11.06 -11.20
CA LYS D 367 33.54 -12.27 -10.39
C LYS D 367 33.76 -11.96 -8.91
N PRO D 368 32.71 -11.47 -8.23
CA PRO D 368 32.83 -11.14 -6.80
C PRO D 368 33.30 -12.35 -6.00
N ASP D 369 34.39 -12.18 -5.26
CA ASP D 369 34.90 -13.27 -4.44
C ASP D 369 34.40 -13.14 -3.00
N ALA D 370 33.15 -13.55 -2.77
CA ALA D 370 32.56 -13.49 -1.44
C ALA D 370 33.17 -14.56 -0.55
N LYS D 371 33.85 -15.53 -1.15
CA LYS D 371 34.49 -16.59 -0.37
C LYS D 371 35.87 -16.20 0.12
N LEU D 372 36.67 -15.55 -0.71
CA LEU D 372 37.99 -15.13 -0.27
C LEU D 372 37.81 -14.04 0.79
N THR D 373 36.86 -13.15 0.53
CA THR D 373 36.54 -12.06 1.44
C THR D 373 36.36 -12.62 2.84
N ALA D 374 35.38 -13.51 3.00
CA ALA D 374 35.08 -14.13 4.29
C ALA D 374 36.28 -14.85 4.89
N GLU D 375 37.13 -15.40 4.03
CA GLU D 375 38.31 -16.11 4.50
C GLU D 375 39.26 -15.07 5.11
N ILE D 376 39.39 -13.94 4.42
CA ILE D 376 40.26 -12.87 4.91
C ILE D 376 39.79 -12.40 6.29
N VAL D 377 38.49 -12.22 6.44
CA VAL D 377 37.95 -11.81 7.72
C VAL D 377 38.31 -12.86 8.75
N ALA D 378 37.90 -14.10 8.49
CA ALA D 378 38.18 -15.22 9.38
C ALA D 378 39.65 -15.31 9.78
N ARG D 379 40.53 -15.24 8.79
CA ARG D 379 41.95 -15.34 9.08
C ARG D 379 42.39 -14.15 9.92
N ALA D 380 41.90 -12.96 9.56
CA ALA D 380 42.24 -11.73 10.26
C ALA D 380 41.89 -11.80 11.73
N ARG D 381 40.75 -12.40 12.05
CA ARG D 381 40.35 -12.50 13.44
C ARG D 381 41.28 -13.38 14.27
N ASP D 382 41.66 -14.52 13.72
CA ASP D 382 42.55 -15.44 14.43
C ASP D 382 43.91 -14.80 14.66
N LYS D 383 44.13 -13.63 14.08
CA LYS D 383 45.38 -12.92 14.25
C LYS D 383 45.20 -11.70 15.15
N GLY D 384 43.99 -11.54 15.68
CA GLY D 384 43.69 -10.43 16.56
C GLY D 384 43.19 -9.14 15.90
N LEU D 385 42.71 -9.24 14.66
CA LEU D 385 42.21 -8.08 13.93
C LEU D 385 40.74 -8.25 13.60
N ILE D 386 39.93 -7.29 14.06
CA ILE D 386 38.50 -7.34 13.82
C ILE D 386 38.11 -6.57 12.56
N LEU D 387 37.66 -7.30 11.53
CA LEU D 387 37.27 -6.69 10.27
C LEU D 387 35.79 -6.86 9.96
N LEU D 388 35.32 -6.10 8.97
CA LEU D 388 33.92 -6.13 8.52
C LEU D 388 33.83 -6.12 7.00
N SER D 389 32.80 -6.77 6.47
CA SER D 389 32.60 -6.79 5.02
C SER D 389 31.23 -6.17 4.72
N CYS D 390 30.94 -5.96 3.43
CA CYS D 390 29.67 -5.37 3.04
C CYS D 390 29.49 -5.44 1.52
N GLY D 391 28.61 -4.58 0.99
CA GLY D 391 28.37 -4.57 -0.44
C GLY D 391 27.34 -5.62 -0.84
N PRO D 392 26.52 -5.34 -1.86
CA PRO D 392 25.49 -6.28 -2.32
C PRO D 392 25.96 -7.70 -2.66
N TYR D 393 27.26 -7.89 -2.88
CA TYR D 393 27.78 -9.23 -3.19
C TYR D 393 28.81 -9.74 -2.20
N TYR D 394 28.70 -9.25 -0.97
CA TYR D 394 29.54 -9.63 0.16
C TYR D 394 31.01 -9.90 -0.12
N ASN D 395 31.61 -9.10 -0.99
CA ASN D 395 33.02 -9.28 -1.34
C ASN D 395 33.75 -7.97 -1.09
N VAL D 396 33.23 -7.16 -0.18
CA VAL D 396 33.85 -5.88 0.13
C VAL D 396 34.29 -5.80 1.58
N LEU D 397 35.53 -5.38 1.77
CA LEU D 397 36.06 -5.22 3.12
C LEU D 397 36.07 -3.72 3.42
N ARG D 398 35.32 -3.31 4.43
CA ARG D 398 35.30 -1.90 4.79
C ARG D 398 36.06 -1.70 6.10
N ILE D 399 36.87 -0.66 6.17
CA ILE D 399 37.64 -0.37 7.38
C ILE D 399 37.04 0.80 8.15
N LEU D 400 36.58 0.53 9.36
CA LEU D 400 35.95 1.54 10.20
C LEU D 400 36.69 1.74 11.52
N VAL D 401 38.02 1.69 11.47
CA VAL D 401 38.82 1.86 12.67
C VAL D 401 38.68 3.29 13.24
N PRO D 402 38.65 3.42 14.58
CA PRO D 402 38.53 4.72 15.25
C PRO D 402 39.57 5.67 14.71
N LEU D 403 39.19 6.93 14.51
CA LEU D 403 40.09 7.94 13.98
C LEU D 403 41.26 8.22 14.93
N THR D 404 41.05 7.89 16.19
CA THR D 404 42.04 8.11 17.24
C THR D 404 43.17 7.07 17.27
N ILE D 405 43.27 6.27 16.21
CA ILE D 405 44.28 5.22 16.13
C ILE D 405 45.74 5.72 15.94
N GLU D 406 46.69 5.07 16.62
CA GLU D 406 48.11 5.40 16.52
C GLU D 406 48.73 4.80 15.26
N ASP D 407 49.88 5.35 14.84
CA ASP D 407 50.59 4.89 13.65
C ASP D 407 51.06 3.47 13.79
N ALA D 408 51.42 3.07 15.00
CA ALA D 408 51.89 1.71 15.20
C ALA D 408 50.73 0.74 14.90
N GLN D 409 49.56 1.04 15.45
CA GLN D 409 48.39 0.20 15.22
C GLN D 409 47.97 0.23 13.76
N ILE D 410 48.30 1.30 13.06
CA ILE D 410 47.97 1.40 11.66
C ILE D 410 48.86 0.45 10.87
N ARG D 411 50.17 0.49 11.15
CA ARG D 411 51.11 -0.40 10.50
C ARG D 411 50.77 -1.83 10.92
N GLN D 412 50.49 -2.01 12.20
CA GLN D 412 50.12 -3.31 12.74
C GLN D 412 48.98 -3.93 11.94
N GLY D 413 47.83 -3.26 11.91
CA GLY D 413 46.69 -3.75 11.17
C GLY D 413 47.00 -4.06 9.73
N LEU D 414 47.68 -3.14 9.04
CA LEU D 414 48.02 -3.37 7.65
C LEU D 414 48.81 -4.67 7.50
N GLU D 415 49.80 -4.86 8.37
CA GLU D 415 50.63 -6.06 8.33
C GLU D 415 49.79 -7.32 8.44
N ILE D 416 48.90 -7.34 9.44
CA ILE D 416 48.03 -8.47 9.66
C ILE D 416 47.17 -8.75 8.43
N ILE D 417 46.73 -7.69 7.77
CA ILE D 417 45.92 -7.87 6.58
C ILE D 417 46.79 -8.38 5.44
N SER D 418 48.07 -8.01 5.47
CA SER D 418 49.00 -8.43 4.43
C SER D 418 49.23 -9.93 4.47
N GLN D 419 49.40 -10.46 5.68
CA GLN D 419 49.63 -11.88 5.87
C GLN D 419 48.40 -12.66 5.49
N CYS D 420 47.25 -12.24 6.00
CA CYS D 420 46.00 -12.92 5.72
C CYS D 420 45.90 -13.31 4.25
N PHE D 421 46.36 -12.42 3.36
CA PHE D 421 46.32 -12.71 1.94
C PHE D 421 47.39 -13.70 1.53
N ASP D 422 48.62 -13.49 1.99
CA ASP D 422 49.70 -14.41 1.64
C ASP D 422 49.32 -15.82 2.11
N GLU D 423 48.96 -15.94 3.38
CA GLU D 423 48.57 -17.21 3.96
C GLU D 423 47.29 -17.80 3.34
N ALA D 424 46.60 -17.01 2.51
CA ALA D 424 45.37 -17.48 1.89
C ALA D 424 45.53 -17.89 0.44
N LYS D 425 46.70 -17.63 -0.14
CA LYS D 425 46.94 -18.00 -1.52
C LYS D 425 47.66 -19.35 -1.57
N GLN D 426 48.37 -19.65 -0.48
CA GLN D 426 49.13 -20.88 -0.35
C GLN D 426 48.21 -22.10 -0.33
#